data_2FJB
#
_entry.id   2FJB
#
_cell.length_a   72.600
_cell.length_b   113.500
_cell.length_c   193.900
_cell.angle_alpha   90.00
_cell.angle_beta   90.00
_cell.angle_gamma   90.00
#
_symmetry.space_group_name_H-M   'P 21 21 21'
#
loop_
_entity.id
_entity.type
_entity.pdbx_description
1 polymer 'adenylylsulfate reductase, subunit A'
2 polymer 'adenylylsulfate reductase, subunit B'
3 non-polymer '(S)-10-((2S,3S,4R)-5-((S)-((S)-(((2R,3S,4R,5R)-5-(6-AMINO-9H-PURIN-9-YL)-3,4-DIHYDROXY-TETRAHYDROFURAN-2-YL)METHOXY)(HYDROXY)PHOSPHORYLOXY)(HYDROXY)PHOSPHORYLOXY)-2,3,4-TRIHYDROXYPENTYL)-7,8-DIMETHYL-2,4-DIOXO-2,3,4,4A-TETRAHYDROBENZO[G]PTERIDINE-5(10H)-SULFONIC ACID'
4 non-polymer 'ADENOSINE MONOPHOSPHATE'
5 non-polymer 'SODIUM ION'
6 non-polymer 'IRON/SULFUR CLUSTER'
7 water water
#
loop_
_entity_poly.entity_id
_entity_poly.type
_entity_poly.pdbx_seq_one_letter_code
_entity_poly.pdbx_strand_id
1 'polypeptide(L)'
;MVYYPKKYELYKADEVPTEVVETDILIIGGGFSGCGAAYEAAYWAKLGGLKVTLVEKAAVERSGAVAQGLSAINTYIDLT
GRSERQNTLEDYVRYVTLDMMGLAREDLVADYARHVDGTVHLFEKWGLPIWKTPDGKYVREGQWQIMIHGESYKPIIAEA
AKMAVGEENIYERVFIFELLKDKNDPNAVAGAVGFSVREPKFYVFKAKAVILATGGATLLFRPRSTGEAAGRTWYAIFDT
GSGYYMGLKAGAMLTQFEHRFIPFRFKDGYGPVGAWFLFFKCKAKNAYGEEYIKTRAAELEKYKPYGAAQPIPTPLRNHQ
VMLEIMDGNQPIYMHTEEALAELAGGDKKKLKHIYEEAFEDFLDMTVSQALLWACQNIDPQEQPSEAAPAEPYIMGSHSG
EAGFWVCGPEDLMPEEYAKLFPLKYNRMTTVKGLFAIGDCAGANPHKFSSGSFTEGRIAAKAAVRFILEQKPNPEIDDAV
VEELKKKAYAPMERFMQYKDLSTADDVNPEYILPWQGLVRLQKIMDEYAAGIATIYKTNEKMLQRALELLAFLKEDLEKL
AARDLHELMRAWELVHRVWTAEAHVRHMLFRKETRWPGYYYRTDYPELNDEEWKCFVCSKYDAEKDEWTFEKVPYVQVIE
WSF
;
A,C
2 'polypeptide(L)'
;MPSFVNPEKCDGCKALERTACEYICPNDLMTLDKEKMKAYNREPDMCWECYSCVKMCPQGAIDVRGYVDYSPLGGACVPM
RGTSDIMWTVKYRNGKVLRFKFAIRTTPWGSIQPFEGFPEPTEEALKSELLAGEPEIIGTSEFPQVKKKA
;
B,D
#
loop_
_chem_comp.id
_chem_comp.type
_chem_comp.name
_chem_comp.formula
AMP non-polymer 'ADENOSINE MONOPHOSPHATE' 'C10 H14 N5 O7 P'
NA non-polymer 'SODIUM ION' 'Na 1'
SF4 non-polymer 'IRON/SULFUR CLUSTER' 'Fe4 S4'
SFD non-polymer '(S)-10-((2S,3S,4R)-5-((S)-((S)-(((2R,3S,4R,5R)-5-(6-AMINO-9H-PURIN-9-YL)-3,4-DIHYDROXY-TETRAHYDROFURAN-2-YL)METHOXY)(HYDROXY)PHOSPHORYLOXY)(HYDROXY)PHOSPHORYLOXY)-2,3,4-TRIHYDROXYPENTYL)-7,8-DIMETHYL-2,4-DIOXO-2,3,4,4A-TETRAHYDROBENZO[G]PTERIDINE-5(10H)-SULFONIC ACID' 'C27 H35 N9 O18 P2 S'
#
# COMPACT_ATOMS: atom_id res chain seq x y z
N VAL A 2 6.42 -1.76 -9.52
CA VAL A 2 6.43 -1.03 -10.82
C VAL A 2 7.72 -1.37 -11.57
N TYR A 3 7.60 -1.56 -12.88
CA TYR A 3 8.75 -1.89 -13.70
C TYR A 3 8.81 -1.00 -14.94
N TYR A 4 9.98 -0.41 -15.16
CA TYR A 4 10.19 0.46 -16.31
C TYR A 4 11.44 0.00 -17.07
N PRO A 5 11.26 -0.90 -18.05
CA PRO A 5 12.39 -1.41 -18.82
C PRO A 5 13.12 -0.30 -19.57
N LYS A 6 14.44 -0.40 -19.60
CA LYS A 6 15.30 0.56 -20.27
C LYS A 6 15.07 0.49 -21.78
N LYS A 7 14.89 -0.72 -22.28
CA LYS A 7 14.66 -0.94 -23.71
C LYS A 7 13.82 -2.20 -23.92
N TYR A 8 13.24 -2.32 -25.10
CA TYR A 8 12.40 -3.47 -25.43
C TYR A 8 13.23 -4.69 -25.81
N GLU A 9 12.67 -5.86 -25.53
CA GLU A 9 13.29 -7.14 -25.84
C GLU A 9 12.07 -7.97 -26.22
N LEU A 10 11.61 -7.80 -27.45
CA LEU A 10 10.42 -8.50 -27.92
C LEU A 10 10.65 -9.61 -28.92
N TYR A 11 9.86 -10.67 -28.79
CA TYR A 11 9.93 -11.81 -29.69
C TYR A 11 8.54 -12.37 -29.91
N LYS A 12 8.30 -12.89 -31.11
CA LYS A 12 7.03 -13.51 -31.43
C LYS A 12 7.30 -15.00 -31.28
N ALA A 13 6.32 -15.74 -30.77
CA ALA A 13 6.48 -17.18 -30.56
C ALA A 13 7.13 -17.92 -31.73
N ASP A 14 6.66 -17.65 -32.94
CA ASP A 14 7.19 -18.31 -34.13
C ASP A 14 8.63 -17.96 -34.48
N GLU A 15 9.17 -16.92 -33.87
CA GLU A 15 10.54 -16.51 -34.16
C GLU A 15 11.50 -17.12 -33.13
N VAL A 16 10.94 -17.70 -32.08
CA VAL A 16 11.73 -18.29 -31.01
C VAL A 16 12.08 -19.76 -31.22
N PRO A 17 13.38 -20.10 -31.17
CA PRO A 17 13.80 -21.48 -31.36
C PRO A 17 13.42 -22.33 -30.15
N THR A 18 13.10 -23.59 -30.40
CA THR A 18 12.74 -24.52 -29.34
C THR A 18 13.89 -25.46 -29.08
N GLU A 19 14.19 -25.69 -27.80
CA GLU A 19 15.25 -26.61 -27.43
C GLU A 19 14.57 -27.74 -26.68
N VAL A 20 14.71 -28.97 -27.18
CA VAL A 20 14.10 -30.12 -26.54
C VAL A 20 15.13 -30.84 -25.69
N VAL A 21 14.78 -31.08 -24.43
CA VAL A 21 15.66 -31.75 -23.50
C VAL A 21 14.98 -33.02 -23.00
N GLU A 22 15.59 -34.16 -23.29
CA GLU A 22 15.04 -35.43 -22.85
C GLU A 22 15.79 -35.91 -21.62
N THR A 23 15.04 -36.23 -20.57
CA THR A 23 15.62 -36.69 -19.32
C THR A 23 14.70 -37.72 -18.67
N ASP A 24 15.13 -38.30 -17.56
CA ASP A 24 14.31 -39.28 -16.86
C ASP A 24 13.64 -38.62 -15.67
N ILE A 25 14.42 -37.91 -14.87
CA ILE A 25 13.90 -37.20 -13.71
C ILE A 25 14.16 -35.71 -13.88
N LEU A 26 13.10 -34.92 -13.89
CA LEU A 26 13.21 -33.48 -14.02
C LEU A 26 12.84 -32.83 -12.69
N ILE A 27 13.76 -32.06 -12.14
CA ILE A 27 13.52 -31.37 -10.87
C ILE A 27 13.33 -29.89 -11.20
N ILE A 28 12.16 -29.36 -10.88
CA ILE A 28 11.85 -27.95 -11.15
C ILE A 28 12.05 -27.10 -9.89
N GLY A 29 13.14 -26.34 -9.89
CA GLY A 29 13.46 -25.50 -8.75
C GLY A 29 14.74 -26.00 -8.09
N GLY A 30 15.77 -25.15 -8.09
CA GLY A 30 17.03 -25.53 -7.50
C GLY A 30 17.29 -24.90 -6.14
N GLY A 31 16.28 -24.90 -5.28
CA GLY A 31 16.42 -24.36 -3.95
C GLY A 31 16.87 -25.46 -3.00
N PHE A 32 16.47 -25.38 -1.73
CA PHE A 32 16.89 -26.43 -0.80
C PHE A 32 16.28 -27.80 -1.05
N SER A 33 14.99 -27.87 -1.34
CA SER A 33 14.37 -29.17 -1.59
C SER A 33 14.85 -29.73 -2.93
N GLY A 34 14.93 -28.88 -3.94
CA GLY A 34 15.39 -29.30 -5.25
C GLY A 34 16.83 -29.81 -5.25
N CYS A 35 17.70 -29.13 -4.49
CA CYS A 35 19.10 -29.56 -4.41
C CYS A 35 19.18 -30.90 -3.69
N GLY A 36 18.29 -31.11 -2.73
CA GLY A 36 18.26 -32.38 -2.02
C GLY A 36 17.87 -33.49 -2.98
N ALA A 37 16.92 -33.19 -3.86
CA ALA A 37 16.46 -34.16 -4.84
C ALA A 37 17.56 -34.45 -5.85
N ALA A 38 18.25 -33.42 -6.30
CA ALA A 38 19.33 -33.60 -7.28
C ALA A 38 20.44 -34.46 -6.68
N TYR A 39 20.78 -34.18 -5.44
CA TYR A 39 21.82 -34.90 -4.72
C TYR A 39 21.49 -36.38 -4.58
N GLU A 40 20.33 -36.68 -4.00
CA GLU A 40 19.92 -38.05 -3.79
C GLU A 40 19.62 -38.80 -5.09
N ALA A 41 18.98 -38.12 -6.04
CA ALA A 41 18.64 -38.76 -7.31
C ALA A 41 19.89 -39.27 -8.04
N ALA A 42 20.95 -38.48 -8.03
CA ALA A 42 22.20 -38.85 -8.68
C ALA A 42 22.75 -40.17 -8.13
N TYR A 43 22.54 -40.40 -6.84
CA TYR A 43 23.02 -41.61 -6.18
C TYR A 43 22.32 -42.87 -6.70
N TRP A 44 20.99 -42.88 -6.65
CA TRP A 44 20.22 -44.05 -7.08
C TRP A 44 20.08 -44.18 -8.60
N ALA A 45 20.15 -43.07 -9.31
CA ALA A 45 19.99 -43.06 -10.77
C ALA A 45 20.93 -44.02 -11.48
N LYS A 46 22.11 -44.26 -10.89
CA LYS A 46 23.09 -45.15 -11.50
C LYS A 46 22.56 -46.56 -11.72
N LEU A 47 21.60 -46.97 -10.91
CA LEU A 47 21.01 -48.31 -11.02
C LEU A 47 20.39 -48.55 -12.40
N GLY A 48 19.94 -47.48 -13.04
CA GLY A 48 19.34 -47.63 -14.35
C GLY A 48 19.97 -46.70 -15.37
N GLY A 49 21.11 -46.11 -15.01
CA GLY A 49 21.77 -45.19 -15.92
C GLY A 49 20.86 -44.05 -16.27
N LEU A 50 19.98 -43.69 -15.32
CA LEU A 50 19.02 -42.62 -15.52
C LEU A 50 19.63 -41.23 -15.55
N LYS A 51 19.00 -40.34 -16.31
CA LYS A 51 19.45 -38.97 -16.43
C LYS A 51 18.63 -38.10 -15.48
N VAL A 52 19.31 -37.28 -14.70
CA VAL A 52 18.65 -36.39 -13.75
C VAL A 52 18.91 -34.96 -14.20
N THR A 53 17.85 -34.19 -14.32
CA THR A 53 17.97 -32.80 -14.76
C THR A 53 17.38 -31.84 -13.75
N LEU A 54 18.10 -30.77 -13.48
CA LEU A 54 17.66 -29.74 -12.55
C LEU A 54 17.49 -28.44 -13.32
N VAL A 55 16.30 -27.85 -13.23
CA VAL A 55 16.05 -26.59 -13.91
C VAL A 55 15.75 -25.52 -12.85
N GLU A 56 16.40 -24.38 -12.99
CA GLU A 56 16.26 -23.27 -12.03
C GLU A 56 16.09 -21.94 -12.79
N LYS A 57 15.16 -21.10 -12.34
CA LYS A 57 14.94 -19.84 -13.04
C LYS A 57 16.05 -18.81 -12.80
N ALA A 58 16.75 -18.93 -11.67
CA ALA A 58 17.86 -18.02 -11.37
C ALA A 58 19.16 -18.82 -11.38
N ALA A 59 20.02 -18.58 -10.40
CA ALA A 59 21.29 -19.31 -10.30
C ALA A 59 21.29 -20.09 -8.98
N VAL A 60 21.52 -21.40 -9.08
CA VAL A 60 21.50 -22.27 -7.90
C VAL A 60 22.43 -21.87 -6.75
N GLU A 61 23.55 -21.21 -7.06
CA GLU A 61 24.49 -20.80 -6.03
C GLU A 61 23.81 -20.01 -4.90
N ARG A 62 22.84 -19.17 -5.24
CA ARG A 62 22.15 -18.34 -4.25
C ARG A 62 20.63 -18.29 -4.38
N SER A 63 20.06 -19.11 -5.26
CA SER A 63 18.62 -19.07 -5.47
C SER A 63 17.73 -19.52 -4.32
N GLY A 64 16.55 -18.91 -4.22
CA GLY A 64 15.62 -19.29 -3.19
C GLY A 64 15.69 -18.59 -1.85
N ALA A 65 14.94 -19.14 -0.91
CA ALA A 65 14.83 -18.62 0.45
C ALA A 65 16.15 -18.47 1.20
N VAL A 66 17.14 -19.29 0.87
CA VAL A 66 18.42 -19.23 1.59
C VAL A 66 19.50 -18.37 0.93
N ALA A 67 19.07 -17.47 0.03
CA ALA A 67 20.00 -16.59 -0.67
C ALA A 67 20.95 -15.81 0.25
N GLN A 68 20.45 -15.33 1.38
CA GLN A 68 21.28 -14.57 2.31
C GLN A 68 21.98 -15.47 3.30
N GLY A 69 21.52 -16.72 3.36
CA GLY A 69 22.04 -17.68 4.31
C GLY A 69 20.99 -17.80 5.40
N LEU A 70 21.28 -18.58 6.44
CA LEU A 70 20.35 -18.73 7.56
C LEU A 70 21.20 -18.77 8.82
N SER A 71 20.63 -18.34 9.93
CA SER A 71 21.38 -18.31 11.18
C SER A 71 21.22 -19.57 12.02
N ALA A 72 20.34 -20.47 11.57
CA ALA A 72 20.12 -21.71 12.28
C ALA A 72 19.50 -22.76 11.38
N ILE A 73 19.56 -24.01 11.84
CA ILE A 73 18.93 -25.12 11.14
C ILE A 73 17.76 -25.40 12.07
N ASN A 74 16.54 -25.14 11.62
CA ASN A 74 15.37 -25.32 12.47
C ASN A 74 14.91 -26.72 12.78
N THR A 75 15.45 -27.72 12.09
CA THR A 75 15.05 -29.08 12.37
C THR A 75 16.22 -30.03 12.52
N TYR A 76 16.52 -30.38 13.77
CA TYR A 76 17.58 -31.33 14.10
C TYR A 76 17.08 -32.03 15.36
N ILE A 77 16.68 -33.29 15.20
CA ILE A 77 16.13 -34.04 16.32
C ILE A 77 17.20 -34.36 17.38
N ASP A 78 18.34 -34.86 16.92
CA ASP A 78 19.46 -35.27 17.76
C ASP A 78 19.09 -36.53 18.53
N LEU A 79 19.29 -37.66 17.89
CA LEU A 79 18.97 -38.95 18.48
C LEU A 79 20.14 -39.60 19.20
N THR A 80 21.29 -38.92 19.24
CA THR A 80 22.47 -39.49 19.88
C THR A 80 23.12 -38.60 20.92
N GLY A 81 22.91 -37.29 20.81
CA GLY A 81 23.51 -36.37 21.77
C GLY A 81 24.64 -35.54 21.21
N ARG A 82 24.57 -35.22 19.91
CA ARG A 82 25.61 -34.40 19.29
C ARG A 82 25.39 -32.94 19.66
N SER A 83 24.17 -32.62 20.11
CA SER A 83 23.86 -31.25 20.50
C SER A 83 23.62 -31.16 22.00
N GLU A 84 23.33 -29.95 22.46
CA GLU A 84 23.07 -29.72 23.87
C GLU A 84 21.79 -30.38 24.36
N ARG A 85 20.93 -30.80 23.44
CA ARG A 85 19.69 -31.45 23.82
C ARG A 85 19.20 -32.54 22.87
N GLN A 86 19.05 -33.75 23.42
CA GLN A 86 18.56 -34.89 22.66
C GLN A 86 17.03 -34.91 22.69
N ASN A 87 16.43 -35.42 21.64
CA ASN A 87 14.97 -35.52 21.54
C ASN A 87 14.58 -36.85 20.95
N THR A 88 13.29 -37.17 21.02
CA THR A 88 12.77 -38.41 20.46
C THR A 88 11.90 -38.07 19.26
N LEU A 89 11.70 -39.03 18.36
CA LEU A 89 10.88 -38.81 17.18
C LEU A 89 9.41 -38.64 17.54
N GLU A 90 8.96 -39.40 18.55
CA GLU A 90 7.58 -39.31 19.00
C GLU A 90 7.27 -37.90 19.51
N ASP A 91 8.19 -37.33 20.27
CA ASP A 91 7.99 -35.98 20.80
C ASP A 91 7.95 -34.96 19.65
N TYR A 92 8.72 -35.20 18.61
CA TYR A 92 8.74 -34.28 17.49
C TYR A 92 7.41 -34.32 16.73
N VAL A 93 6.92 -35.52 16.46
CA VAL A 93 5.66 -35.68 15.75
C VAL A 93 4.55 -35.00 16.55
N ARG A 94 4.56 -35.23 17.86
CA ARG A 94 3.56 -34.62 18.74
C ARG A 94 3.62 -33.11 18.60
N TYR A 95 4.84 -32.59 18.67
CA TYR A 95 5.09 -31.16 18.57
C TYR A 95 4.48 -30.55 17.31
N VAL A 96 4.74 -31.19 16.17
CA VAL A 96 4.23 -30.67 14.90
C VAL A 96 2.71 -30.75 14.80
N THR A 97 2.12 -31.86 15.20
CA THR A 97 0.67 -31.99 15.12
C THR A 97 -0.01 -30.97 16.03
N LEU A 98 0.55 -30.75 17.22
CA LEU A 98 -0.01 -29.78 18.14
C LEU A 98 0.14 -28.36 17.61
N ASP A 99 1.26 -28.08 16.93
CA ASP A 99 1.46 -26.75 16.38
C ASP A 99 0.46 -26.51 15.25
N MET A 100 0.08 -27.59 14.56
CA MET A 100 -0.90 -27.51 13.48
C MET A 100 -2.32 -27.53 14.03
N MET A 101 -2.45 -27.38 15.34
CA MET A 101 -3.76 -27.40 15.99
C MET A 101 -4.48 -28.70 15.69
N GLY A 102 -3.73 -29.80 15.71
CA GLY A 102 -4.29 -31.13 15.49
C GLY A 102 -4.27 -31.73 14.10
N LEU A 103 -3.89 -30.96 13.08
CA LEU A 103 -3.91 -31.50 11.73
C LEU A 103 -2.57 -31.56 10.98
N ALA A 104 -1.96 -32.74 10.97
CA ALA A 104 -0.70 -32.94 10.27
C ALA A 104 -0.65 -34.39 9.82
N ARG A 105 -0.08 -34.63 8.64
CA ARG A 105 0.07 -35.99 8.12
C ARG A 105 1.26 -36.56 8.88
N GLU A 106 0.98 -37.25 9.98
CA GLU A 106 2.04 -37.80 10.82
C GLU A 106 2.93 -38.82 10.13
N ASP A 107 2.41 -39.49 9.11
CA ASP A 107 3.23 -40.46 8.38
C ASP A 107 4.34 -39.69 7.65
N LEU A 108 3.98 -38.53 7.10
CA LEU A 108 4.95 -37.70 6.37
C LEU A 108 5.94 -37.01 7.32
N VAL A 109 5.43 -36.51 8.45
CA VAL A 109 6.29 -35.83 9.41
C VAL A 109 7.29 -36.79 10.03
N ALA A 110 6.80 -37.92 10.51
CA ALA A 110 7.67 -38.93 11.10
C ALA A 110 8.73 -39.37 10.08
N ASP A 111 8.31 -39.44 8.82
CA ASP A 111 9.22 -39.87 7.75
C ASP A 111 10.40 -38.92 7.52
N TYR A 112 10.15 -37.62 7.41
CA TYR A 112 11.29 -36.73 7.20
C TYR A 112 12.10 -36.59 8.48
N ALA A 113 11.43 -36.73 9.62
CA ALA A 113 12.08 -36.60 10.91
C ALA A 113 13.13 -37.70 11.16
N ARG A 114 12.85 -38.91 10.72
CA ARG A 114 13.80 -40.01 10.92
C ARG A 114 14.99 -39.93 9.97
N HIS A 115 14.89 -39.06 8.95
CA HIS A 115 15.94 -38.88 7.97
C HIS A 115 16.71 -37.58 8.09
N VAL A 116 16.08 -36.56 8.68
CA VAL A 116 16.68 -35.24 8.77
C VAL A 116 18.06 -35.10 9.42
N ASP A 117 18.33 -35.82 10.50
CA ASP A 117 19.63 -35.71 11.17
C ASP A 117 20.79 -36.10 10.26
N GLY A 118 20.59 -37.11 9.44
CA GLY A 118 21.64 -37.54 8.52
C GLY A 118 21.98 -36.41 7.57
N THR A 119 20.95 -35.71 7.11
CA THR A 119 21.15 -34.58 6.20
C THR A 119 21.99 -33.50 6.88
N VAL A 120 21.65 -33.17 8.13
CA VAL A 120 22.39 -32.16 8.87
C VAL A 120 23.86 -32.56 9.04
N HIS A 121 24.09 -33.82 9.38
CA HIS A 121 25.45 -34.32 9.56
C HIS A 121 26.24 -34.18 8.27
N LEU A 122 25.58 -34.38 7.12
CA LEU A 122 26.24 -34.23 5.83
C LEU A 122 26.60 -32.77 5.60
N PHE A 123 25.67 -31.87 5.95
CA PHE A 123 25.92 -30.44 5.77
C PHE A 123 27.19 -30.01 6.49
N GLU A 124 27.40 -30.54 7.69
CA GLU A 124 28.60 -30.19 8.46
C GLU A 124 29.83 -30.80 7.80
N LYS A 125 29.68 -32.01 7.27
CA LYS A 125 30.77 -32.69 6.61
C LYS A 125 31.22 -31.87 5.41
N TRP A 126 30.24 -31.26 4.72
CA TRP A 126 30.52 -30.46 3.54
C TRP A 126 31.08 -29.06 3.80
N GLY A 127 31.25 -28.69 5.07
CA GLY A 127 31.82 -27.40 5.37
C GLY A 127 30.96 -26.38 6.12
N LEU A 128 29.69 -26.70 6.36
CA LEU A 128 28.84 -25.77 7.09
C LEU A 128 29.32 -25.67 8.53
N PRO A 129 29.66 -24.45 8.98
CA PRO A 129 30.14 -24.30 10.36
C PRO A 129 28.96 -24.27 11.32
N ILE A 130 28.89 -25.24 12.22
CA ILE A 130 27.81 -25.29 13.20
C ILE A 130 28.34 -24.75 14.52
N TRP A 131 27.56 -23.90 15.19
CA TRP A 131 27.97 -23.35 16.48
C TRP A 131 28.21 -24.52 17.43
N LYS A 132 29.35 -24.50 18.11
CA LYS A 132 29.66 -25.57 19.06
C LYS A 132 30.06 -25.03 20.42
N THR A 133 29.73 -25.79 21.46
CA THR A 133 30.07 -25.42 22.84
C THR A 133 31.52 -25.81 23.04
N PRO A 134 32.15 -25.34 24.14
CA PRO A 134 33.55 -25.70 24.37
C PRO A 134 33.71 -27.22 24.42
N ASP A 135 32.64 -27.92 24.78
CA ASP A 135 32.64 -29.37 24.86
C ASP A 135 32.46 -30.04 23.49
N GLY A 136 32.24 -29.23 22.46
CA GLY A 136 32.07 -29.76 21.11
C GLY A 136 30.65 -30.11 20.67
N LYS A 137 29.68 -29.72 21.48
CA LYS A 137 28.27 -29.99 21.17
C LYS A 137 27.62 -28.92 20.31
N TYR A 138 26.69 -29.32 19.46
CA TYR A 138 25.97 -28.37 18.62
C TYR A 138 25.21 -27.46 19.58
N VAL A 139 25.31 -26.15 19.37
CA VAL A 139 24.61 -25.21 20.23
C VAL A 139 23.13 -25.16 19.86
N ARG A 140 22.27 -25.40 20.85
CA ARG A 140 20.83 -25.37 20.63
C ARG A 140 20.30 -23.95 20.64
N GLU A 141 19.30 -23.67 19.82
CA GLU A 141 18.67 -22.36 19.81
C GLU A 141 17.51 -22.60 20.76
N GLY A 142 16.57 -23.41 20.30
CA GLY A 142 15.42 -23.78 21.10
C GLY A 142 15.54 -25.27 21.32
N GLN A 143 14.43 -26.00 21.31
CA GLN A 143 14.48 -27.44 21.52
C GLN A 143 14.81 -28.21 20.24
N TRP A 144 14.35 -27.68 19.10
CA TRP A 144 14.53 -28.38 17.84
C TRP A 144 15.53 -27.78 16.85
N GLN A 145 16.07 -26.61 17.16
CA GLN A 145 17.00 -25.94 16.26
C GLN A 145 18.42 -25.84 16.80
N ILE A 146 19.38 -25.71 15.88
CA ILE A 146 20.78 -25.53 16.26
C ILE A 146 21.32 -24.31 15.53
N MET A 147 22.16 -23.53 16.19
CA MET A 147 22.73 -22.32 15.60
C MET A 147 23.84 -22.66 14.61
N ILE A 148 23.92 -21.89 13.53
CA ILE A 148 24.95 -22.10 12.51
C ILE A 148 25.52 -20.80 11.98
N HIS A 149 26.73 -20.87 11.45
CA HIS A 149 27.36 -19.70 10.83
C HIS A 149 27.01 -19.98 9.36
N GLY A 150 25.77 -19.70 9.00
CA GLY A 150 25.31 -20.03 7.66
C GLY A 150 25.24 -19.04 6.52
N GLU A 151 26.13 -18.06 6.48
CA GLU A 151 26.11 -17.09 5.39
C GLU A 151 26.21 -17.80 4.04
N SER A 152 27.00 -18.87 3.98
CA SER A 152 27.21 -19.62 2.74
C SER A 152 26.44 -20.94 2.69
N TYR A 153 25.36 -21.01 3.45
CA TYR A 153 24.53 -22.20 3.51
C TYR A 153 24.04 -22.66 2.12
N LYS A 154 23.52 -21.74 1.30
CA LYS A 154 23.06 -22.15 -0.01
C LYS A 154 24.21 -22.55 -0.94
N PRO A 155 25.26 -21.71 -1.03
CA PRO A 155 26.39 -22.05 -1.91
C PRO A 155 26.99 -23.42 -1.60
N ILE A 156 27.02 -23.78 -0.33
CA ILE A 156 27.56 -25.09 0.08
C ILE A 156 26.64 -26.20 -0.42
N ILE A 157 25.34 -26.05 -0.17
CA ILE A 157 24.38 -27.06 -0.62
C ILE A 157 24.34 -27.10 -2.16
N ALA A 158 24.50 -25.94 -2.79
CA ALA A 158 24.49 -25.86 -4.24
C ALA A 158 25.68 -26.66 -4.80
N GLU A 159 26.82 -26.56 -4.13
CA GLU A 159 28.01 -27.26 -4.56
C GLU A 159 27.78 -28.77 -4.47
N ALA A 160 27.15 -29.21 -3.38
CA ALA A 160 26.87 -30.63 -3.20
C ALA A 160 26.02 -31.16 -4.36
N ALA A 161 24.98 -30.41 -4.72
CA ALA A 161 24.09 -30.81 -5.81
C ALA A 161 24.82 -30.80 -7.16
N LYS A 162 25.65 -29.81 -7.39
CA LYS A 162 26.38 -29.69 -8.64
C LYS A 162 27.37 -30.84 -8.78
N MET A 163 28.04 -31.17 -7.68
CA MET A 163 29.01 -32.27 -7.68
C MET A 163 28.30 -33.60 -7.92
N ALA A 164 27.08 -33.70 -7.41
CA ALA A 164 26.29 -34.93 -7.54
C ALA A 164 25.72 -35.18 -8.93
N VAL A 165 25.00 -34.20 -9.48
CA VAL A 165 24.37 -34.37 -10.79
C VAL A 165 25.21 -33.89 -11.97
N GLY A 166 26.19 -33.05 -11.71
CA GLY A 166 27.03 -32.54 -12.79
C GLY A 166 26.43 -31.25 -13.36
N GLU A 167 27.28 -30.27 -13.61
CA GLU A 167 26.82 -28.99 -14.13
C GLU A 167 26.14 -29.08 -15.49
N GLU A 168 26.47 -30.10 -16.28
CA GLU A 168 25.86 -30.24 -17.60
C GLU A 168 24.38 -30.62 -17.48
N ASN A 169 23.96 -30.99 -16.27
CA ASN A 169 22.57 -31.38 -16.05
C ASN A 169 21.79 -30.34 -15.27
N ILE A 170 22.35 -29.15 -15.14
CA ILE A 170 21.68 -28.07 -14.44
C ILE A 170 21.41 -26.94 -15.43
N TYR A 171 20.13 -26.59 -15.59
CA TYR A 171 19.75 -25.51 -16.50
C TYR A 171 19.35 -24.31 -15.66
N GLU A 172 20.08 -23.22 -15.79
CA GLU A 172 19.79 -22.00 -15.03
C GLU A 172 19.19 -20.92 -15.91
N ARG A 173 18.56 -19.94 -15.27
CA ARG A 173 17.91 -18.84 -15.98
C ARG A 173 16.86 -19.34 -16.97
N VAL A 174 16.18 -20.41 -16.58
CA VAL A 174 15.11 -20.99 -17.38
C VAL A 174 13.87 -21.06 -16.49
N PHE A 175 12.85 -20.28 -16.86
CA PHE A 175 11.61 -20.24 -16.09
C PHE A 175 10.59 -21.27 -16.58
N ILE A 176 10.21 -22.19 -15.71
CA ILE A 176 9.22 -23.21 -16.06
C ILE A 176 7.85 -22.63 -15.75
N PHE A 177 6.94 -22.65 -16.74
CA PHE A 177 5.62 -22.09 -16.51
C PHE A 177 4.43 -23.05 -16.57
N GLU A 178 4.63 -24.24 -17.14
CA GLU A 178 3.53 -25.19 -17.25
C GLU A 178 4.06 -26.61 -17.38
N LEU A 179 3.30 -27.58 -16.87
CA LEU A 179 3.70 -28.97 -16.99
C LEU A 179 3.11 -29.53 -18.28
N LEU A 180 3.62 -30.68 -18.69
CA LEU A 180 3.13 -31.37 -19.87
C LEU A 180 2.59 -32.70 -19.35
N LYS A 181 1.47 -33.15 -19.91
CA LYS A 181 0.91 -34.41 -19.46
C LYS A 181 1.03 -35.47 -20.54
N ASP A 182 0.90 -36.73 -20.15
CA ASP A 182 1.03 -37.84 -21.08
C ASP A 182 -0.21 -37.97 -21.96
N LYS A 183 -0.06 -37.67 -23.24
CA LYS A 183 -1.16 -37.81 -24.20
C LYS A 183 -1.49 -39.28 -24.41
N ASN A 184 -0.85 -40.16 -23.64
CA ASN A 184 -1.31 -41.53 -23.48
C ASN A 184 -2.19 -41.70 -22.25
N ASP A 185 -1.99 -40.82 -21.27
CA ASP A 185 -2.69 -40.95 -19.98
C ASP A 185 -2.97 -39.57 -19.38
N PRO A 186 -4.26 -39.19 -19.26
CA PRO A 186 -4.69 -37.90 -18.71
C PRO A 186 -4.28 -37.59 -17.27
N ASN A 187 -3.86 -38.61 -16.52
CA ASN A 187 -3.45 -38.37 -15.14
C ASN A 187 -2.00 -38.77 -14.89
N ALA A 188 -1.15 -38.52 -15.89
CA ALA A 188 0.28 -38.81 -15.78
C ALA A 188 1.07 -37.64 -16.35
N VAL A 189 2.20 -37.32 -15.73
CA VAL A 189 3.05 -36.22 -16.17
C VAL A 189 4.00 -36.72 -17.26
N ALA A 190 4.40 -35.82 -18.16
CA ALA A 190 5.29 -36.18 -19.26
C ALA A 190 6.44 -35.20 -19.43
N GLY A 191 6.46 -34.17 -18.60
CA GLY A 191 7.53 -33.18 -18.69
C GLY A 191 7.04 -31.79 -18.36
N ALA A 192 7.69 -30.77 -18.92
CA ALA A 192 7.31 -29.40 -18.67
C ALA A 192 7.89 -28.45 -19.72
N VAL A 193 7.34 -27.24 -19.77
CA VAL A 193 7.80 -26.24 -20.71
C VAL A 193 8.23 -24.97 -19.99
N GLY A 194 9.20 -24.28 -20.57
CA GLY A 194 9.67 -23.04 -19.98
C GLY A 194 10.33 -22.18 -21.04
N PHE A 195 10.93 -21.08 -20.61
CA PHE A 195 11.64 -20.18 -21.51
C PHE A 195 12.81 -19.56 -20.79
N SER A 196 13.86 -19.24 -21.55
CA SER A 196 15.04 -18.60 -20.98
C SER A 196 14.72 -17.13 -20.71
N VAL A 197 15.39 -16.56 -19.71
CA VAL A 197 15.19 -15.16 -19.39
C VAL A 197 16.44 -14.37 -19.76
N ARG A 198 17.33 -15.02 -20.51
CA ARG A 198 18.58 -14.43 -20.96
C ARG A 198 18.68 -14.38 -22.48
N GLU A 199 17.81 -15.12 -23.15
CA GLU A 199 17.82 -15.17 -24.61
C GLU A 199 16.50 -15.72 -25.12
N PRO A 200 16.23 -15.56 -26.43
CA PRO A 200 14.96 -16.07 -26.97
C PRO A 200 15.10 -17.58 -27.19
N LYS A 201 14.60 -18.35 -26.23
CA LYS A 201 14.67 -19.81 -26.34
C LYS A 201 13.56 -20.48 -25.54
N PHE A 202 12.79 -21.30 -26.23
CA PHE A 202 11.68 -22.03 -25.62
C PHE A 202 12.16 -23.43 -25.27
N TYR A 203 11.88 -23.86 -24.05
CA TYR A 203 12.31 -25.18 -23.60
C TYR A 203 11.19 -26.20 -23.45
N VAL A 204 11.43 -27.39 -23.96
CA VAL A 204 10.49 -28.50 -23.86
C VAL A 204 11.24 -29.63 -23.16
N PHE A 205 10.89 -29.88 -21.91
CA PHE A 205 11.53 -30.95 -21.15
C PHE A 205 10.65 -32.19 -21.15
N LYS A 206 11.17 -33.27 -21.72
CA LYS A 206 10.44 -34.54 -21.76
C LYS A 206 11.03 -35.37 -20.63
N ALA A 207 10.17 -35.86 -19.73
CA ALA A 207 10.65 -36.64 -18.60
C ALA A 207 9.68 -37.72 -18.17
N LYS A 208 10.21 -38.73 -17.48
CA LYS A 208 9.39 -39.82 -16.97
C LYS A 208 8.85 -39.50 -15.58
N ALA A 209 9.58 -38.66 -14.85
CA ALA A 209 9.17 -38.24 -13.52
C ALA A 209 9.52 -36.77 -13.35
N VAL A 210 8.61 -36.02 -12.72
CA VAL A 210 8.84 -34.59 -12.50
C VAL A 210 8.66 -34.30 -11.02
N ILE A 211 9.59 -33.53 -10.46
CA ILE A 211 9.54 -33.19 -9.04
C ILE A 211 9.40 -31.68 -8.89
N LEU A 212 8.30 -31.25 -8.28
CA LEU A 212 8.02 -29.84 -8.06
C LEU A 212 8.76 -29.36 -6.80
N ALA A 213 9.69 -28.43 -6.98
CA ALA A 213 10.50 -27.89 -5.87
C ALA A 213 10.70 -26.40 -6.09
N THR A 214 9.60 -25.72 -6.41
CA THR A 214 9.62 -24.29 -6.71
C THR A 214 9.49 -23.35 -5.51
N GLY A 215 9.40 -23.90 -4.31
CA GLY A 215 9.22 -23.05 -3.16
C GLY A 215 7.75 -22.65 -3.12
N GLY A 216 7.37 -21.90 -2.09
CA GLY A 216 5.99 -21.48 -1.93
C GLY A 216 5.56 -20.27 -2.73
N ALA A 217 4.64 -19.49 -2.16
CA ALA A 217 4.12 -18.30 -2.85
C ALA A 217 4.08 -17.07 -1.96
N THR A 218 4.70 -16.00 -2.46
CA THR A 218 4.74 -14.72 -1.75
C THR A 218 4.19 -13.64 -2.69
N LEU A 219 3.93 -12.46 -2.13
CA LEU A 219 3.38 -11.33 -2.85
C LEU A 219 1.97 -11.54 -3.40
N LEU A 220 1.24 -12.49 -2.79
CA LEU A 220 -0.15 -12.73 -3.17
C LEU A 220 -0.95 -11.65 -2.46
N PHE A 221 -0.50 -11.33 -1.24
CA PHE A 221 -1.15 -10.31 -0.40
C PHE A 221 -0.36 -9.01 -0.34
N ARG A 222 -1.07 -7.90 -0.24
CA ARG A 222 -0.43 -6.60 -0.13
C ARG A 222 0.40 -6.58 1.15
N PRO A 223 1.68 -6.17 1.06
CA PRO A 223 2.57 -6.11 2.23
C PRO A 223 2.33 -4.86 3.08
N ARG A 224 3.03 -4.77 4.20
CA ARG A 224 2.87 -3.61 5.08
C ARG A 224 3.66 -2.41 4.57
N SER A 225 4.46 -2.62 3.53
CA SER A 225 5.21 -1.55 2.89
C SER A 225 4.89 -1.76 1.41
N THR A 226 4.44 -0.71 0.74
CA THR A 226 4.02 -0.82 -0.65
C THR A 226 4.85 -0.10 -1.70
N GLY A 227 5.92 0.56 -1.28
CA GLY A 227 6.79 1.26 -2.22
C GLY A 227 7.94 0.35 -2.61
N GLU A 228 9.17 0.79 -2.35
CA GLU A 228 10.32 -0.05 -2.68
C GLU A 228 10.25 -1.29 -1.80
N ALA A 229 9.85 -1.08 -0.55
CA ALA A 229 9.78 -2.17 0.43
C ALA A 229 8.72 -3.22 0.14
N ALA A 230 8.07 -3.12 -1.02
CA ALA A 230 7.10 -4.14 -1.40
C ALA A 230 7.98 -5.37 -1.61
N GLY A 231 9.27 -5.10 -1.86
CA GLY A 231 10.23 -6.18 -2.07
C GLY A 231 10.70 -6.83 -0.80
N ARG A 232 10.46 -6.19 0.35
CA ARG A 232 10.88 -6.76 1.63
C ARG A 232 9.80 -7.69 2.18
N THR A 233 9.62 -8.84 1.55
CA THR A 233 8.66 -9.81 2.03
C THR A 233 9.46 -10.66 3.00
N TRP A 234 8.84 -11.12 4.08
CA TRP A 234 9.58 -11.94 5.02
C TRP A 234 10.03 -13.21 4.32
N TYR A 235 9.11 -13.92 3.69
CA TYR A 235 9.48 -15.15 3.00
C TYR A 235 10.11 -14.80 1.65
N ALA A 236 10.68 -15.80 0.98
CA ALA A 236 11.35 -15.59 -0.29
C ALA A 236 10.48 -14.95 -1.38
N ILE A 237 10.85 -13.73 -1.77
CA ILE A 237 10.11 -13.01 -2.80
C ILE A 237 10.30 -13.73 -4.15
N PHE A 238 11.32 -14.58 -4.22
CA PHE A 238 11.64 -15.34 -5.42
C PHE A 238 10.66 -16.48 -5.69
N ASP A 239 9.92 -16.90 -4.66
CA ASP A 239 8.95 -17.99 -4.81
C ASP A 239 7.56 -17.42 -5.04
N THR A 240 6.97 -17.74 -6.20
CA THR A 240 5.66 -17.19 -6.56
C THR A 240 4.56 -18.21 -6.84
N GLY A 241 4.59 -19.33 -6.15
CA GLY A 241 3.58 -20.35 -6.32
C GLY A 241 3.59 -21.08 -7.65
N SER A 242 4.75 -21.14 -8.30
CA SER A 242 4.85 -21.81 -9.59
C SER A 242 4.47 -23.29 -9.53
N GLY A 243 4.97 -24.00 -8.51
CA GLY A 243 4.66 -25.41 -8.37
C GLY A 243 3.17 -25.62 -8.15
N TYR A 244 2.58 -24.78 -7.31
CA TYR A 244 1.15 -24.87 -7.01
C TYR A 244 0.34 -24.74 -8.31
N TYR A 245 0.63 -23.69 -9.08
CA TYR A 245 -0.08 -23.46 -10.33
C TYR A 245 0.01 -24.63 -11.31
N MET A 246 1.23 -24.99 -11.72
CA MET A 246 1.38 -26.06 -12.69
C MET A 246 0.85 -27.41 -12.23
N GLY A 247 0.99 -27.69 -10.95
CA GLY A 247 0.51 -28.94 -10.42
C GLY A 247 -1.00 -28.99 -10.34
N LEU A 248 -1.63 -27.90 -9.90
CA LEU A 248 -3.08 -27.90 -9.81
C LEU A 248 -3.69 -27.92 -11.22
N LYS A 249 -3.05 -27.25 -12.18
CA LYS A 249 -3.57 -27.26 -13.55
C LYS A 249 -3.50 -28.67 -14.13
N ALA A 250 -2.47 -29.43 -13.71
CA ALA A 250 -2.30 -30.80 -14.19
C ALA A 250 -3.30 -31.76 -13.53
N GLY A 251 -3.99 -31.28 -12.50
CA GLY A 251 -4.97 -32.11 -11.81
C GLY A 251 -4.48 -32.73 -10.52
N ALA A 252 -3.30 -32.33 -10.06
CA ALA A 252 -2.77 -32.87 -8.81
C ALA A 252 -3.54 -32.21 -7.67
N MET A 253 -3.98 -33.02 -6.70
CA MET A 253 -4.75 -32.50 -5.59
C MET A 253 -3.96 -31.70 -4.57
N LEU A 254 -4.56 -30.62 -4.09
CA LEU A 254 -3.96 -29.76 -3.08
C LEU A 254 -4.53 -30.14 -1.73
N THR A 255 -3.83 -29.76 -0.66
CA THR A 255 -4.31 -30.06 0.68
C THR A 255 -3.96 -28.92 1.63
N GLN A 256 -4.86 -28.65 2.57
CA GLN A 256 -4.65 -27.61 3.58
C GLN A 256 -4.20 -26.29 2.97
N PHE A 257 -4.71 -25.96 1.79
CA PHE A 257 -4.30 -24.72 1.14
C PHE A 257 -4.83 -23.48 1.84
N GLU A 258 -5.73 -23.70 2.80
CA GLU A 258 -6.29 -22.60 3.59
C GLU A 258 -5.27 -22.23 4.67
N HIS A 259 -4.36 -23.15 4.97
CA HIS A 259 -3.37 -22.93 6.02
C HIS A 259 -2.16 -22.06 5.65
N ARG A 260 -2.36 -20.75 5.70
CA ARG A 260 -1.29 -19.79 5.40
C ARG A 260 -0.45 -19.61 6.66
N PHE A 261 0.68 -18.92 6.53
CA PHE A 261 1.52 -18.64 7.69
C PHE A 261 1.71 -17.14 7.81
N ILE A 262 1.46 -16.61 9.01
CA ILE A 262 1.64 -15.19 9.29
C ILE A 262 2.83 -15.13 10.24
N PRO A 263 3.97 -14.62 9.77
CA PRO A 263 5.16 -14.53 10.61
C PRO A 263 5.21 -13.29 11.51
N PHE A 264 5.49 -13.52 12.79
CA PHE A 264 5.64 -12.42 13.74
C PHE A 264 7.14 -12.17 13.72
N ARG A 265 7.55 -11.00 13.24
CA ARG A 265 8.97 -10.71 13.15
C ARG A 265 9.27 -9.27 13.51
N PHE A 266 10.55 -8.91 13.47
CA PHE A 266 10.91 -7.53 13.77
C PHE A 266 10.19 -6.72 12.69
N LYS A 267 9.58 -5.61 13.09
CA LYS A 267 8.81 -4.78 12.18
C LYS A 267 9.57 -4.20 11.00
N ASP A 268 8.90 -4.19 9.84
CA ASP A 268 9.43 -3.64 8.60
C ASP A 268 10.56 -4.39 7.93
N GLY A 269 11.62 -4.69 8.67
CA GLY A 269 12.73 -5.42 8.11
C GLY A 269 12.47 -6.90 8.15
N TYR A 270 11.61 -7.31 9.09
CA TYR A 270 11.23 -8.70 9.29
C TYR A 270 12.39 -9.61 9.67
N GLY A 271 13.29 -9.07 10.50
CA GLY A 271 14.41 -9.84 10.96
C GLY A 271 13.89 -11.00 11.80
N PRO A 272 14.67 -12.07 11.96
CA PRO A 272 14.28 -13.25 12.73
C PRO A 272 14.11 -13.02 14.24
N VAL A 273 13.17 -13.74 14.83
CA VAL A 273 12.91 -13.65 16.26
C VAL A 273 13.22 -14.96 16.98
N GLY A 274 13.42 -16.02 16.21
CA GLY A 274 13.72 -17.33 16.79
C GLY A 274 14.87 -17.33 17.78
N ALA A 275 16.01 -16.78 17.37
CA ALA A 275 17.18 -16.73 18.24
C ALA A 275 16.91 -15.80 19.43
N TRP A 276 16.30 -14.65 19.16
CA TRP A 276 16.02 -13.71 20.25
C TRP A 276 15.13 -14.32 21.33
N PHE A 277 14.07 -15.01 20.92
CA PHE A 277 13.16 -15.64 21.87
C PHE A 277 13.74 -16.88 22.55
N LEU A 278 14.23 -17.82 21.75
CA LEU A 278 14.76 -19.08 22.24
C LEU A 278 16.18 -19.09 22.79
N PHE A 279 17.09 -18.38 22.13
CA PHE A 279 18.48 -18.34 22.55
C PHE A 279 18.79 -17.21 23.53
N PHE A 280 18.42 -15.99 23.18
CA PHE A 280 18.68 -14.84 24.04
C PHE A 280 17.64 -14.64 25.14
N LYS A 281 16.58 -15.43 25.11
CA LYS A 281 15.52 -15.35 26.11
C LYS A 281 14.90 -13.96 26.16
N CYS A 282 14.69 -13.37 24.99
CA CYS A 282 14.10 -12.04 24.89
C CYS A 282 12.60 -12.08 25.18
N LYS A 283 12.09 -11.03 25.82
CA LYS A 283 10.67 -10.96 26.10
C LYS A 283 10.04 -9.97 25.13
N ALA A 284 8.78 -10.23 24.79
CA ALA A 284 8.03 -9.34 23.92
C ALA A 284 6.98 -8.70 24.83
N LYS A 285 6.92 -7.38 24.84
CA LYS A 285 5.96 -6.67 25.69
C LYS A 285 5.21 -5.64 24.87
N ASN A 286 3.98 -5.30 25.29
CA ASN A 286 3.23 -4.31 24.56
C ASN A 286 3.71 -2.91 24.94
N ALA A 287 3.05 -1.89 24.40
CA ALA A 287 3.45 -0.51 24.64
C ALA A 287 3.49 -0.11 26.12
N TYR A 288 2.77 -0.85 26.96
CA TYR A 288 2.72 -0.53 28.37
C TYR A 288 3.64 -1.38 29.24
N GLY A 289 4.46 -2.20 28.60
CA GLY A 289 5.39 -3.04 29.33
C GLY A 289 4.85 -4.37 29.80
N GLU A 290 3.69 -4.77 29.30
CA GLU A 290 3.09 -6.05 29.70
C GLU A 290 3.57 -7.19 28.80
N GLU A 291 3.98 -8.29 29.42
CA GLU A 291 4.40 -9.45 28.64
C GLU A 291 3.09 -10.18 28.35
N TYR A 292 2.53 -9.92 27.17
CA TYR A 292 1.26 -10.50 26.81
C TYR A 292 1.13 -12.01 26.73
N ILE A 293 2.24 -12.74 26.68
CA ILE A 293 2.10 -14.20 26.65
C ILE A 293 1.63 -14.62 28.04
N LYS A 294 1.75 -13.70 29.00
CA LYS A 294 1.32 -13.94 30.37
C LYS A 294 -0.12 -13.47 30.52
N THR A 295 -0.35 -12.20 30.19
CA THR A 295 -1.67 -11.59 30.32
C THR A 295 -2.74 -12.21 29.40
N ARG A 296 -2.30 -12.84 28.30
CA ARG A 296 -3.24 -13.45 27.36
C ARG A 296 -3.26 -14.97 27.46
N ALA A 297 -2.59 -15.52 28.45
CA ALA A 297 -2.53 -16.97 28.63
C ALA A 297 -3.91 -17.58 28.83
N ALA A 298 -4.73 -16.95 29.65
CA ALA A 298 -6.08 -17.44 29.94
C ALA A 298 -6.96 -17.57 28.69
N GLU A 299 -6.79 -16.66 27.75
CA GLU A 299 -7.58 -16.69 26.51
C GLU A 299 -7.34 -17.93 25.68
N LEU A 300 -6.28 -18.67 25.97
CA LEU A 300 -5.96 -19.88 25.23
C LEU A 300 -6.61 -21.10 25.86
N GLU A 301 -7.19 -20.90 27.04
CA GLU A 301 -7.85 -21.97 27.77
C GLU A 301 -8.98 -22.60 26.96
N LYS A 302 -9.62 -21.83 26.11
CA LYS A 302 -10.72 -22.34 25.29
C LYS A 302 -10.24 -23.29 24.20
N TYR A 303 -8.92 -23.31 23.95
CA TYR A 303 -8.38 -24.18 22.91
C TYR A 303 -7.76 -25.47 23.43
N LYS A 304 -8.37 -26.06 24.46
CA LYS A 304 -7.89 -27.30 25.04
C LYS A 304 -7.97 -28.39 23.97
N PRO A 305 -6.96 -29.26 23.88
CA PRO A 305 -5.77 -29.29 24.73
C PRO A 305 -4.64 -28.53 24.04
N TYR A 306 -4.92 -28.02 22.85
CA TYR A 306 -3.92 -27.27 22.08
C TYR A 306 -3.39 -26.08 22.87
N GLY A 307 -4.28 -25.31 23.46
CA GLY A 307 -3.88 -24.15 24.23
C GLY A 307 -3.04 -24.47 25.44
N ALA A 308 -3.14 -25.70 25.92
CA ALA A 308 -2.37 -26.12 27.10
C ALA A 308 -1.14 -26.92 26.71
N ALA A 309 -0.76 -26.86 25.44
CA ALA A 309 0.40 -27.59 24.94
C ALA A 309 1.70 -26.80 25.07
N GLN A 310 2.81 -27.53 25.16
CA GLN A 310 4.13 -26.92 25.29
C GLN A 310 5.07 -27.52 24.24
N PRO A 311 5.61 -26.68 23.35
CA PRO A 311 5.37 -25.24 23.27
C PRO A 311 3.96 -24.91 22.79
N ILE A 312 3.49 -23.72 23.13
CA ILE A 312 2.17 -23.27 22.71
C ILE A 312 2.18 -23.15 21.19
N PRO A 313 1.12 -23.65 20.52
CA PRO A 313 1.05 -23.58 19.06
C PRO A 313 1.31 -22.16 18.56
N THR A 314 2.11 -22.06 17.51
CA THR A 314 2.46 -20.78 16.91
C THR A 314 1.23 -19.91 16.59
N PRO A 315 0.20 -20.49 15.95
CA PRO A 315 -0.97 -19.64 15.65
C PRO A 315 -1.59 -19.04 16.91
N LEU A 316 -1.57 -19.79 18.01
CA LEU A 316 -2.12 -19.27 19.25
C LEU A 316 -1.23 -18.16 19.80
N ARG A 317 0.07 -18.23 19.53
CA ARG A 317 0.99 -17.17 19.97
C ARG A 317 0.62 -15.93 19.17
N ASN A 318 0.33 -16.11 17.89
CA ASN A 318 -0.07 -15.00 17.03
C ASN A 318 -1.38 -14.42 17.51
N HIS A 319 -2.30 -15.29 17.93
CA HIS A 319 -3.59 -14.86 18.40
C HIS A 319 -3.44 -13.89 19.57
N GLN A 320 -2.53 -14.20 20.49
CA GLN A 320 -2.30 -13.34 21.64
C GLN A 320 -1.83 -11.96 21.15
N VAL A 321 -1.01 -11.97 20.11
CA VAL A 321 -0.50 -10.73 19.52
C VAL A 321 -1.66 -9.94 18.90
N MET A 322 -2.53 -10.63 18.17
CA MET A 322 -3.68 -9.99 17.52
C MET A 322 -4.61 -9.36 18.53
N LEU A 323 -4.78 -10.00 19.68
CA LEU A 323 -5.65 -9.46 20.72
C LEU A 323 -5.08 -8.13 21.19
N GLU A 324 -3.75 -8.08 21.32
CA GLU A 324 -3.08 -6.87 21.75
C GLU A 324 -3.23 -5.78 20.69
N ILE A 325 -3.13 -6.16 19.43
CA ILE A 325 -3.26 -5.22 18.33
C ILE A 325 -4.67 -4.64 18.24
N MET A 326 -5.67 -5.49 18.41
CA MET A 326 -7.07 -5.07 18.35
C MET A 326 -7.43 -4.18 19.54
N ASP A 327 -6.76 -4.37 20.67
CA ASP A 327 -7.00 -3.56 21.86
C ASP A 327 -6.26 -2.25 21.76
N GLY A 328 -5.41 -2.13 20.73
CA GLY A 328 -4.64 -0.92 20.53
C GLY A 328 -3.45 -0.78 21.47
N ASN A 329 -2.79 -1.88 21.78
CA ASN A 329 -1.65 -1.84 22.69
C ASN A 329 -0.28 -1.83 22.01
N GLN A 330 -0.25 -1.41 20.75
CA GLN A 330 1.02 -1.30 20.03
C GLN A 330 1.68 0.01 20.45
N PRO A 331 3.00 0.14 20.24
CA PRO A 331 3.88 -0.86 19.63
C PRO A 331 4.16 -2.06 20.52
N ILE A 332 4.45 -3.18 19.87
CA ILE A 332 4.84 -4.39 20.58
C ILE A 332 6.37 -4.38 20.45
N TYR A 333 7.07 -4.57 21.56
CA TYR A 333 8.53 -4.53 21.56
C TYR A 333 9.26 -5.81 21.93
N MET A 334 10.37 -6.03 21.24
CA MET A 334 11.25 -7.16 21.52
C MET A 334 12.30 -6.44 22.39
N HIS A 335 12.33 -6.74 23.69
CA HIS A 335 13.28 -6.06 24.57
C HIS A 335 14.68 -6.66 24.57
N THR A 336 15.37 -6.45 23.45
CA THR A 336 16.73 -6.92 23.22
C THR A 336 17.71 -6.34 24.24
N GLU A 337 17.44 -5.11 24.67
CA GLU A 337 18.32 -4.42 25.62
C GLU A 337 18.32 -5.11 26.98
N GLU A 338 17.15 -5.56 27.41
CA GLU A 338 17.03 -6.24 28.69
C GLU A 338 17.54 -7.68 28.57
N ALA A 339 17.40 -8.25 27.39
CA ALA A 339 17.87 -9.61 27.15
C ALA A 339 19.39 -9.68 27.21
N LEU A 340 20.04 -8.76 26.51
CA LEU A 340 21.50 -8.73 26.48
C LEU A 340 22.09 -8.44 27.86
N ALA A 341 21.53 -7.47 28.57
CA ALA A 341 22.02 -7.12 29.90
C ALA A 341 21.90 -8.32 30.85
N GLU A 342 20.75 -8.99 30.81
CA GLU A 342 20.51 -10.15 31.66
C GLU A 342 21.49 -11.27 31.38
N LEU A 343 21.69 -11.57 30.09
CA LEU A 343 22.57 -12.65 29.68
C LEU A 343 24.04 -12.37 29.99
N ALA A 344 24.48 -11.13 29.84
CA ALA A 344 25.88 -10.76 30.09
C ALA A 344 26.23 -10.73 31.58
N GLY A 345 25.24 -10.47 32.42
CA GLY A 345 25.46 -10.42 33.86
C GLY A 345 26.58 -9.51 34.33
N GLY A 346 26.69 -8.33 33.73
CA GLY A 346 27.73 -7.38 34.13
C GLY A 346 29.10 -7.65 33.56
N ASP A 347 29.27 -8.79 32.92
CA ASP A 347 30.55 -9.16 32.32
C ASP A 347 30.67 -8.49 30.95
N LYS A 348 31.49 -7.44 30.86
CA LYS A 348 31.68 -6.71 29.61
C LYS A 348 32.16 -7.57 28.43
N LYS A 349 33.06 -8.50 28.70
CA LYS A 349 33.56 -9.36 27.63
C LYS A 349 32.46 -10.31 27.18
N LYS A 350 31.63 -10.74 28.12
CA LYS A 350 30.53 -11.64 27.81
C LYS A 350 29.53 -10.88 26.94
N LEU A 351 29.30 -9.62 27.29
CA LEU A 351 28.37 -8.79 26.54
C LEU A 351 28.85 -8.63 25.10
N LYS A 352 30.14 -8.35 24.93
CA LYS A 352 30.70 -8.18 23.59
C LYS A 352 30.48 -9.42 22.74
N HIS A 353 30.65 -10.59 23.34
CA HIS A 353 30.48 -11.86 22.64
C HIS A 353 29.03 -12.08 22.21
N ILE A 354 28.08 -11.89 23.12
CA ILE A 354 26.68 -12.10 22.76
C ILE A 354 26.17 -11.02 21.82
N TYR A 355 26.79 -9.86 21.87
CA TYR A 355 26.43 -8.73 21.01
C TYR A 355 26.80 -9.10 19.58
N GLU A 356 27.95 -9.74 19.41
CA GLU A 356 28.40 -10.18 18.09
C GLU A 356 27.47 -11.27 17.58
N GLU A 357 27.06 -12.15 18.49
CA GLU A 357 26.16 -13.23 18.14
C GLU A 357 24.81 -12.65 17.69
N ALA A 358 24.37 -11.61 18.39
CA ALA A 358 23.09 -10.98 18.07
C ALA A 358 23.14 -10.41 16.66
N PHE A 359 24.22 -9.73 16.32
CA PHE A 359 24.32 -9.18 14.97
C PHE A 359 24.50 -10.25 13.92
N GLU A 360 25.18 -11.35 14.27
CA GLU A 360 25.37 -12.41 13.29
C GLU A 360 24.02 -13.02 12.95
N ASP A 361 23.14 -13.10 13.94
CA ASP A 361 21.82 -13.67 13.73
C ASP A 361 21.10 -12.95 12.60
N PHE A 362 21.41 -11.67 12.42
CA PHE A 362 20.81 -10.86 11.36
C PHE A 362 21.64 -10.85 10.09
N LEU A 363 22.96 -10.67 10.23
CA LEU A 363 23.84 -10.60 9.08
C LEU A 363 23.98 -11.91 8.31
N ASP A 364 23.63 -13.02 8.95
CA ASP A 364 23.70 -14.34 8.31
C ASP A 364 22.37 -14.70 7.68
N MET A 365 21.37 -13.82 7.71
CA MET A 365 20.08 -14.24 7.18
C MET A 365 19.09 -13.17 6.70
N THR A 366 19.09 -12.01 7.33
CA THR A 366 18.19 -10.92 6.92
C THR A 366 18.90 -9.62 7.22
N VAL A 367 19.84 -9.28 6.33
CA VAL A 367 20.64 -8.09 6.49
C VAL A 367 19.81 -6.81 6.63
N SER A 368 18.65 -6.79 5.98
CA SER A 368 17.78 -5.62 6.04
C SER A 368 17.47 -5.19 7.46
N GLN A 369 17.40 -6.15 8.38
CA GLN A 369 17.08 -5.79 9.75
C GLN A 369 18.25 -5.07 10.41
N ALA A 370 19.47 -5.48 10.09
CA ALA A 370 20.65 -4.83 10.64
C ALA A 370 20.75 -3.45 10.00
N LEU A 371 20.42 -3.37 8.71
CA LEU A 371 20.47 -2.11 7.98
C LEU A 371 19.42 -1.16 8.54
N LEU A 372 18.26 -1.71 8.92
CA LEU A 372 17.18 -0.91 9.48
C LEU A 372 17.67 -0.30 10.80
N TRP A 373 18.30 -1.12 11.64
CA TRP A 373 18.83 -0.64 12.90
C TRP A 373 19.83 0.49 12.65
N ALA A 374 20.70 0.29 11.66
CA ALA A 374 21.71 1.29 11.33
C ALA A 374 21.09 2.60 10.89
N CYS A 375 20.08 2.52 10.02
CA CYS A 375 19.41 3.70 9.51
C CYS A 375 18.59 4.43 10.56
N GLN A 376 18.04 3.69 11.51
CA GLN A 376 17.21 4.27 12.55
C GLN A 376 17.93 4.49 13.88
N ASN A 377 19.25 4.28 13.87
CA ASN A 377 20.07 4.45 15.05
C ASN A 377 19.60 3.64 16.25
N ILE A 378 19.25 2.39 15.99
CA ILE A 378 18.79 1.50 17.05
C ILE A 378 19.92 0.57 17.46
N ASP A 379 20.39 0.74 18.70
CA ASP A 379 21.45 -0.11 19.23
C ASP A 379 20.71 -1.08 20.16
N PRO A 380 20.65 -2.37 19.77
CA PRO A 380 19.96 -3.39 20.57
C PRO A 380 20.32 -3.49 22.04
N GLN A 381 21.51 -3.05 22.42
CA GLN A 381 21.91 -3.11 23.82
C GLN A 381 21.35 -1.94 24.61
N GLU A 382 20.85 -0.93 23.90
CA GLU A 382 20.30 0.26 24.54
C GLU A 382 18.79 0.41 24.43
N GLN A 383 18.24 0.17 23.24
CA GLN A 383 16.80 0.30 23.06
C GLN A 383 16.16 -0.91 22.40
N PRO A 384 14.89 -1.17 22.72
CA PRO A 384 14.15 -2.30 22.15
C PRO A 384 13.78 -2.03 20.69
N SER A 385 13.28 -3.06 20.02
CA SER A 385 12.86 -2.96 18.63
C SER A 385 11.39 -3.35 18.50
N GLU A 386 10.67 -2.69 17.60
CA GLU A 386 9.27 -3.00 17.39
C GLU A 386 9.14 -4.28 16.57
N ALA A 387 8.08 -5.03 16.82
CA ALA A 387 7.81 -6.28 16.12
C ALA A 387 6.36 -6.26 15.67
N ALA A 388 6.06 -7.01 14.63
CA ALA A 388 4.70 -7.07 14.11
C ALA A 388 4.52 -8.24 13.18
N PRO A 389 3.28 -8.68 12.99
CA PRO A 389 3.01 -9.80 12.08
C PRO A 389 2.98 -9.26 10.66
N ALA A 390 3.55 -9.98 9.71
CA ALA A 390 3.56 -9.54 8.32
C ALA A 390 2.30 -10.04 7.62
N GLU A 391 2.22 -9.82 6.31
CA GLU A 391 1.06 -10.29 5.56
C GLU A 391 1.19 -11.81 5.38
N PRO A 392 0.12 -12.48 4.94
CA PRO A 392 0.13 -13.93 4.75
C PRO A 392 1.01 -14.45 3.60
N TYR A 393 1.57 -15.63 3.81
CA TYR A 393 2.39 -16.30 2.79
C TYR A 393 1.86 -17.73 2.71
N ILE A 394 1.97 -18.33 1.52
CA ILE A 394 1.50 -19.70 1.33
C ILE A 394 2.68 -20.62 1.03
N MET A 395 3.00 -21.52 1.97
CA MET A 395 4.08 -22.48 1.79
C MET A 395 3.87 -23.67 2.70
N GLY A 396 4.57 -24.76 2.41
CA GLY A 396 4.42 -25.94 3.25
C GLY A 396 5.65 -26.46 3.97
N SER A 397 6.78 -25.76 3.86
CA SER A 397 8.00 -26.22 4.53
C SER A 397 8.25 -25.61 5.90
N HIS A 398 7.67 -24.43 6.12
CA HIS A 398 7.84 -23.67 7.35
C HIS A 398 6.74 -23.95 8.37
N SER A 399 6.13 -22.90 8.91
CA SER A 399 5.07 -23.08 9.89
C SER A 399 3.71 -23.24 9.21
N GLY A 400 3.70 -23.11 7.89
CA GLY A 400 2.47 -23.29 7.12
C GLY A 400 2.54 -24.68 6.50
N GLU A 401 1.39 -25.31 6.26
CA GLU A 401 1.40 -26.64 5.66
C GLU A 401 0.62 -26.75 4.35
N ALA A 402 0.51 -25.65 3.62
CA ALA A 402 -0.20 -25.65 2.35
C ALA A 402 0.68 -26.25 1.25
N GLY A 403 0.09 -27.13 0.44
CA GLY A 403 0.83 -27.76 -0.64
C GLY A 403 0.06 -28.90 -1.24
N PHE A 404 0.72 -29.74 -2.02
CA PHE A 404 0.03 -30.87 -2.63
C PHE A 404 -0.15 -32.03 -1.66
N TRP A 405 -1.21 -32.78 -1.89
CA TRP A 405 -1.54 -33.95 -1.09
C TRP A 405 -0.59 -35.01 -1.64
N VAL A 406 0.34 -35.48 -0.83
CA VAL A 406 1.32 -36.45 -1.28
C VAL A 406 1.31 -37.77 -0.51
N CYS A 407 1.74 -38.82 -1.19
CA CYS A 407 1.79 -40.16 -0.63
C CYS A 407 2.95 -40.28 0.36
N GLY A 408 2.77 -41.11 1.38
CA GLY A 408 3.81 -41.32 2.37
C GLY A 408 4.53 -42.64 2.19
N PRO A 409 5.48 -42.98 3.09
CA PRO A 409 6.22 -44.24 3.00
C PRO A 409 5.32 -45.43 3.31
N GLU A 410 5.59 -46.55 2.66
CA GLU A 410 4.76 -47.75 2.84
C GLU A 410 4.69 -48.24 4.28
N ASP A 411 5.75 -48.02 5.05
CA ASP A 411 5.76 -48.49 6.42
C ASP A 411 5.07 -47.59 7.45
N LEU A 412 4.71 -46.37 7.06
CA LEU A 412 4.07 -45.46 8.00
C LEU A 412 2.69 -44.96 7.58
N MET A 413 2.46 -44.82 6.27
CA MET A 413 1.18 -44.33 5.78
C MET A 413 0.02 -45.28 6.01
N PRO A 414 -1.02 -44.83 6.73
CA PRO A 414 -2.17 -45.70 6.99
C PRO A 414 -3.08 -45.76 5.76
N GLU A 415 -3.91 -46.79 5.70
CA GLU A 415 -4.83 -46.97 4.59
C GLU A 415 -5.71 -45.73 4.37
N GLU A 416 -6.07 -45.08 5.46
CA GLU A 416 -6.90 -43.88 5.41
C GLU A 416 -6.35 -42.80 4.50
N TYR A 417 -5.02 -42.73 4.40
CA TYR A 417 -4.35 -41.70 3.59
C TYR A 417 -3.89 -42.14 2.20
N ALA A 418 -4.04 -43.42 1.87
CA ALA A 418 -3.56 -43.92 0.58
C ALA A 418 -4.61 -43.97 -0.53
N LYS A 419 -5.87 -43.81 -0.17
CA LYS A 419 -6.98 -43.89 -1.12
C LYS A 419 -6.96 -43.06 -2.41
N LEU A 420 -6.38 -41.87 -2.37
CA LEU A 420 -6.38 -41.01 -3.55
C LEU A 420 -5.17 -41.13 -4.47
N PHE A 421 -4.25 -42.04 -4.17
CA PHE A 421 -3.06 -42.18 -5.00
C PHE A 421 -3.10 -43.40 -5.91
N PRO A 422 -3.08 -43.16 -7.24
CA PRO A 422 -3.09 -44.24 -8.24
C PRO A 422 -1.87 -45.13 -8.08
N LEU A 423 -0.76 -44.53 -7.68
CA LEU A 423 0.48 -45.25 -7.46
C LEU A 423 1.02 -44.81 -6.10
N LYS A 424 1.45 -45.79 -5.30
CA LYS A 424 1.96 -45.50 -3.97
C LYS A 424 3.48 -45.32 -3.93
N TYR A 425 3.92 -44.10 -4.20
CA TYR A 425 5.35 -43.78 -4.14
C TYR A 425 5.50 -42.56 -3.25
N ASN A 426 6.47 -42.62 -2.34
CA ASN A 426 6.75 -41.57 -1.38
C ASN A 426 6.90 -40.18 -2.00
N ARG A 427 6.01 -39.29 -1.57
CA ARG A 427 5.96 -37.89 -2.03
C ARG A 427 5.39 -37.69 -3.43
N MET A 428 4.74 -38.72 -3.98
CA MET A 428 4.13 -38.58 -5.29
C MET A 428 2.75 -37.96 -5.07
N THR A 429 2.34 -37.10 -6.00
CA THR A 429 1.04 -36.44 -5.92
C THR A 429 -0.02 -37.43 -6.46
N THR A 430 -1.24 -36.95 -6.64
CA THR A 430 -2.30 -37.81 -7.17
C THR A 430 -2.11 -37.99 -8.68
N VAL A 431 -1.17 -37.24 -9.25
CA VAL A 431 -0.85 -37.35 -10.68
C VAL A 431 0.36 -38.27 -10.79
N LYS A 432 0.21 -39.34 -11.56
CA LYS A 432 1.28 -40.30 -11.71
C LYS A 432 2.58 -39.73 -12.27
N GLY A 433 3.68 -40.01 -11.58
CA GLY A 433 4.98 -39.52 -12.02
C GLY A 433 5.31 -38.11 -11.55
N LEU A 434 4.34 -37.44 -10.94
CA LEU A 434 4.55 -36.08 -10.45
C LEU A 434 4.73 -36.07 -8.94
N PHE A 435 5.89 -35.59 -8.48
CA PHE A 435 6.18 -35.51 -7.05
C PHE A 435 6.19 -34.06 -6.58
N ALA A 436 6.08 -33.86 -5.28
CA ALA A 436 6.11 -32.51 -4.70
C ALA A 436 6.95 -32.53 -3.44
N ILE A 437 7.85 -31.55 -3.30
CA ILE A 437 8.74 -31.48 -2.14
C ILE A 437 8.91 -30.07 -1.59
N GLY A 438 9.45 -29.99 -0.37
CA GLY A 438 9.67 -28.70 0.26
C GLY A 438 8.36 -27.97 0.43
N ASP A 439 8.32 -26.70 0.05
CA ASP A 439 7.11 -25.91 0.15
C ASP A 439 5.95 -26.51 -0.65
N CYS A 440 6.28 -27.23 -1.72
CA CYS A 440 5.26 -27.82 -2.58
C CYS A 440 4.52 -29.02 -2.00
N ALA A 441 5.07 -29.64 -0.96
CA ALA A 441 4.41 -30.79 -0.33
C ALA A 441 3.63 -30.31 0.89
N GLY A 442 2.32 -30.54 0.88
CA GLY A 442 1.50 -30.10 1.99
C GLY A 442 1.32 -31.09 3.10
N ALA A 443 0.68 -30.63 4.17
CA ALA A 443 0.37 -31.43 5.35
C ALA A 443 1.55 -31.99 6.16
N ASN A 444 2.76 -31.53 5.88
CA ASN A 444 3.90 -31.97 6.69
C ASN A 444 4.91 -30.84 6.77
N PRO A 445 4.61 -29.84 7.61
CA PRO A 445 5.38 -28.63 7.87
C PRO A 445 6.54 -28.83 8.83
N HIS A 446 7.17 -27.72 9.20
CA HIS A 446 8.32 -27.71 10.12
C HIS A 446 9.53 -28.46 9.57
N LYS A 447 9.64 -28.48 8.24
CA LYS A 447 10.75 -29.12 7.57
C LYS A 447 11.93 -28.15 7.55
N PHE A 448 11.64 -26.91 7.19
CA PHE A 448 12.63 -25.85 7.10
C PHE A 448 13.78 -26.25 6.17
N SER A 449 14.97 -25.68 6.36
CA SER A 449 16.07 -25.98 5.46
C SER A 449 16.47 -27.46 5.41
N SER A 450 16.82 -28.02 6.56
CA SER A 450 17.23 -29.42 6.62
C SER A 450 16.13 -30.39 6.19
N GLY A 451 14.91 -30.14 6.66
CA GLY A 451 13.79 -31.00 6.31
C GLY A 451 13.39 -30.92 4.85
N SER A 452 13.54 -29.74 4.26
CA SER A 452 13.18 -29.57 2.85
C SER A 452 14.19 -30.29 1.96
N PHE A 453 15.46 -30.18 2.29
CA PHE A 453 16.50 -30.87 1.55
C PHE A 453 16.21 -32.37 1.67
N THR A 454 15.91 -32.78 2.91
CA THR A 454 15.61 -34.18 3.20
C THR A 454 14.39 -34.70 2.43
N GLU A 455 13.31 -33.93 2.39
CA GLU A 455 12.13 -34.36 1.67
C GLU A 455 12.47 -34.53 0.19
N GLY A 456 13.36 -33.69 -0.31
CA GLY A 456 13.79 -33.79 -1.69
C GLY A 456 14.53 -35.11 -1.91
N ARG A 457 15.34 -35.49 -0.93
CA ARG A 457 16.10 -36.75 -1.02
C ARG A 457 15.10 -37.90 -1.09
N ILE A 458 14.11 -37.87 -0.20
CA ILE A 458 13.09 -38.90 -0.14
C ILE A 458 12.33 -39.07 -1.45
N ALA A 459 11.89 -37.95 -2.05
CA ALA A 459 11.15 -38.01 -3.30
C ALA A 459 12.02 -38.50 -4.45
N ALA A 460 13.30 -38.11 -4.44
CA ALA A 460 14.22 -38.49 -5.49
C ALA A 460 14.43 -40.00 -5.55
N LYS A 461 14.61 -40.63 -4.39
CA LYS A 461 14.79 -42.07 -4.40
C LYS A 461 13.49 -42.70 -4.86
N ALA A 462 12.38 -42.17 -4.39
CA ALA A 462 11.07 -42.71 -4.77
C ALA A 462 10.85 -42.58 -6.28
N ALA A 463 11.35 -41.50 -6.87
CA ALA A 463 11.21 -41.27 -8.31
C ALA A 463 12.00 -42.30 -9.10
N VAL A 464 13.20 -42.63 -8.63
CA VAL A 464 14.03 -43.62 -9.32
C VAL A 464 13.33 -44.98 -9.20
N ARG A 465 12.83 -45.27 -8.01
CA ARG A 465 12.13 -46.54 -7.79
C ARG A 465 10.92 -46.60 -8.71
N PHE A 466 10.17 -45.51 -8.77
CA PHE A 466 8.99 -45.42 -9.63
C PHE A 466 9.35 -45.72 -11.08
N ILE A 467 10.41 -45.10 -11.56
CA ILE A 467 10.83 -45.29 -12.94
C ILE A 467 11.27 -46.71 -13.23
N LEU A 468 12.09 -47.29 -12.35
CA LEU A 468 12.55 -48.65 -12.57
C LEU A 468 11.48 -49.71 -12.37
N GLU A 469 10.49 -49.43 -11.52
CA GLU A 469 9.41 -50.38 -11.26
C GLU A 469 8.24 -50.28 -12.23
N GLN A 470 7.74 -49.06 -12.45
CA GLN A 470 6.61 -48.88 -13.35
C GLN A 470 7.03 -48.76 -14.81
N LYS A 471 8.29 -48.38 -15.03
CA LYS A 471 8.84 -48.23 -16.37
C LYS A 471 7.95 -47.37 -17.28
N PRO A 472 7.70 -46.12 -16.87
CA PRO A 472 6.86 -45.22 -17.66
C PRO A 472 7.55 -44.76 -18.95
N ASN A 473 6.75 -44.38 -19.94
CA ASN A 473 7.26 -43.91 -21.22
C ASN A 473 6.32 -42.85 -21.77
N PRO A 474 6.13 -41.75 -21.01
CA PRO A 474 5.25 -40.64 -21.38
C PRO A 474 5.50 -40.06 -22.77
N GLU A 475 4.42 -39.70 -23.45
CA GLU A 475 4.51 -39.10 -24.78
C GLU A 475 3.88 -37.72 -24.68
N ILE A 476 4.63 -36.69 -25.05
CA ILE A 476 4.10 -35.33 -25.00
C ILE A 476 3.22 -35.06 -26.21
N ASP A 477 2.22 -34.21 -26.03
CA ASP A 477 1.31 -33.85 -27.10
C ASP A 477 1.89 -32.62 -27.80
N ASP A 478 2.40 -32.82 -29.01
CA ASP A 478 3.00 -31.73 -29.78
C ASP A 478 2.02 -30.60 -30.06
N ALA A 479 0.74 -30.92 -30.16
CA ALA A 479 -0.27 -29.91 -30.42
C ALA A 479 -0.38 -28.98 -29.21
N VAL A 480 -0.38 -29.56 -28.02
CA VAL A 480 -0.46 -28.79 -26.79
C VAL A 480 0.81 -27.98 -26.60
N VAL A 481 1.95 -28.57 -26.93
CA VAL A 481 3.22 -27.87 -26.79
C VAL A 481 3.23 -26.60 -27.63
N GLU A 482 2.76 -26.70 -28.87
CA GLU A 482 2.74 -25.52 -29.73
C GLU A 482 1.79 -24.46 -29.18
N GLU A 483 0.68 -24.91 -28.59
CA GLU A 483 -0.29 -23.99 -28.01
C GLU A 483 0.37 -23.23 -26.86
N LEU A 484 1.12 -23.97 -26.04
CA LEU A 484 1.82 -23.39 -24.90
C LEU A 484 2.94 -22.45 -25.31
N LYS A 485 3.56 -22.73 -26.45
CA LYS A 485 4.64 -21.87 -26.94
C LYS A 485 4.04 -20.52 -27.32
N LYS A 486 2.90 -20.57 -28.00
CA LYS A 486 2.21 -19.35 -28.40
C LYS A 486 1.82 -18.59 -27.14
N LYS A 487 1.25 -19.29 -26.17
CA LYS A 487 0.85 -18.66 -24.92
C LYS A 487 2.04 -18.04 -24.19
N ALA A 488 3.16 -18.75 -24.20
CA ALA A 488 4.37 -18.27 -23.53
C ALA A 488 4.76 -16.86 -23.93
N TYR A 489 4.80 -16.57 -25.23
CA TYR A 489 5.19 -15.24 -25.68
C TYR A 489 4.03 -14.33 -26.07
N ALA A 490 2.80 -14.77 -25.81
CA ALA A 490 1.63 -13.97 -26.13
C ALA A 490 1.70 -12.55 -25.58
N PRO A 491 2.17 -12.40 -24.31
CA PRO A 491 2.25 -11.05 -23.73
C PRO A 491 3.11 -10.09 -24.57
N MET A 492 4.19 -10.59 -25.12
CA MET A 492 5.07 -9.75 -25.94
C MET A 492 4.35 -9.37 -27.23
N GLU A 493 3.65 -10.33 -27.82
CA GLU A 493 2.93 -10.07 -29.06
C GLU A 493 1.76 -9.12 -28.81
N ARG A 494 1.13 -9.22 -27.64
CA ARG A 494 0.02 -8.33 -27.34
C ARG A 494 0.53 -6.90 -27.17
N PHE A 495 1.69 -6.76 -26.54
CA PHE A 495 2.28 -5.45 -26.34
C PHE A 495 2.52 -4.79 -27.70
N MET A 496 3.12 -5.54 -28.62
CA MET A 496 3.40 -5.00 -29.95
C MET A 496 2.13 -4.67 -30.72
N GLN A 497 1.09 -5.48 -30.51
CA GLN A 497 -0.16 -5.27 -31.22
C GLN A 497 -1.02 -4.12 -30.73
N TYR A 498 -0.93 -3.78 -29.43
CA TYR A 498 -1.77 -2.71 -28.89
C TYR A 498 -1.08 -1.48 -28.30
N LYS A 499 0.25 -1.48 -28.22
CA LYS A 499 0.96 -0.35 -27.65
C LYS A 499 0.67 0.99 -28.34
N ASP A 500 0.30 0.94 -29.62
CA ASP A 500 0.02 2.15 -30.37
C ASP A 500 -1.31 2.83 -30.01
N LEU A 501 -2.07 2.22 -29.12
CA LEU A 501 -3.35 2.80 -28.70
C LEU A 501 -3.14 3.94 -27.71
N SER A 502 -1.94 4.02 -27.14
CA SER A 502 -1.61 5.05 -26.14
C SER A 502 -0.18 5.55 -26.26
N THR A 503 0.02 6.83 -25.93
CA THR A 503 1.35 7.42 -25.97
C THR A 503 2.19 6.98 -24.78
N ALA A 504 1.55 6.25 -23.86
CA ALA A 504 2.22 5.74 -22.67
C ALA A 504 2.13 4.22 -22.69
N ASP A 505 3.29 3.56 -22.61
CA ASP A 505 3.33 2.10 -22.63
C ASP A 505 2.61 1.44 -21.47
N ASP A 506 2.57 2.08 -20.31
CA ASP A 506 1.91 1.46 -19.16
C ASP A 506 0.49 1.93 -18.86
N VAL A 507 -0.11 2.71 -19.74
CA VAL A 507 -1.49 3.12 -19.56
C VAL A 507 -2.17 2.76 -20.86
N ASN A 508 -2.66 1.53 -20.94
CA ASN A 508 -3.30 1.03 -22.14
C ASN A 508 -4.62 0.35 -21.78
N PRO A 509 -5.66 0.57 -22.61
CA PRO A 509 -6.98 -0.03 -22.35
C PRO A 509 -7.11 -1.49 -22.77
N GLU A 510 -6.16 -1.98 -23.57
CA GLU A 510 -6.23 -3.36 -24.05
C GLU A 510 -5.28 -4.35 -23.38
N TYR A 511 -4.55 -3.91 -22.37
CA TYR A 511 -3.67 -4.83 -21.66
C TYR A 511 -3.21 -4.30 -20.31
N ILE A 512 -2.73 -5.22 -19.49
CA ILE A 512 -2.21 -4.88 -18.18
C ILE A 512 -0.79 -5.46 -18.14
N LEU A 513 0.11 -4.75 -17.49
CA LEU A 513 1.49 -5.20 -17.35
C LEU A 513 1.53 -6.03 -16.07
N PRO A 514 2.54 -6.90 -15.93
CA PRO A 514 2.65 -7.73 -14.73
C PRO A 514 2.54 -7.00 -13.39
N TRP A 515 3.22 -5.86 -13.25
CA TRP A 515 3.16 -5.16 -11.98
C TRP A 515 1.76 -4.63 -11.70
N GLN A 516 1.03 -4.30 -12.76
CA GLN A 516 -0.33 -3.77 -12.62
C GLN A 516 -1.29 -4.89 -12.19
N GLY A 517 -1.12 -6.07 -12.76
CA GLY A 517 -1.98 -7.18 -12.38
C GLY A 517 -1.65 -7.62 -10.97
N LEU A 518 -0.38 -7.50 -10.59
CA LEU A 518 0.04 -7.91 -9.25
C LEU A 518 -0.50 -6.99 -8.16
N VAL A 519 -0.53 -5.68 -8.44
CA VAL A 519 -1.06 -4.72 -7.47
C VAL A 519 -2.53 -5.06 -7.23
N ARG A 520 -3.23 -5.38 -8.32
CA ARG A 520 -4.63 -5.74 -8.25
C ARG A 520 -4.85 -7.01 -7.43
N LEU A 521 -4.04 -8.04 -7.70
CA LEU A 521 -4.16 -9.29 -6.95
C LEU A 521 -3.97 -9.03 -5.45
N GLN A 522 -2.91 -8.29 -5.11
CA GLN A 522 -2.60 -7.99 -3.73
C GLN A 522 -3.72 -7.25 -3.00
N LYS A 523 -4.37 -6.33 -3.70
CA LYS A 523 -5.46 -5.57 -3.12
C LYS A 523 -6.65 -6.47 -2.84
N ILE A 524 -6.99 -7.33 -3.81
CA ILE A 524 -8.10 -8.26 -3.65
C ILE A 524 -7.89 -9.18 -2.45
N MET A 525 -6.73 -9.82 -2.40
CA MET A 525 -6.43 -10.74 -1.31
C MET A 525 -6.34 -10.03 0.04
N ASP A 526 -5.73 -8.84 0.05
CA ASP A 526 -5.60 -8.08 1.28
C ASP A 526 -6.97 -7.73 1.86
N GLU A 527 -7.87 -7.25 1.01
CA GLU A 527 -9.19 -6.81 1.45
C GLU A 527 -10.25 -7.88 1.67
N TYR A 528 -10.16 -9.01 0.98
CA TYR A 528 -11.18 -10.03 1.13
C TYR A 528 -10.73 -11.40 1.62
N ALA A 529 -9.44 -11.69 1.53
CA ALA A 529 -8.95 -13.01 1.92
C ALA A 529 -8.17 -13.05 3.23
N ALA A 530 -8.62 -12.27 4.21
CA ALA A 530 -7.97 -12.22 5.52
C ALA A 530 -6.53 -11.71 5.48
N GLY A 531 -6.33 -10.56 4.86
CA GLY A 531 -5.01 -9.96 4.79
C GLY A 531 -4.83 -9.00 5.95
N ILE A 532 -3.78 -8.20 5.91
CA ILE A 532 -3.54 -7.25 7.00
C ILE A 532 -4.66 -6.21 7.12
N ALA A 533 -5.28 -5.87 5.99
CA ALA A 533 -6.35 -4.87 5.97
C ALA A 533 -7.45 -5.11 7.00
N THR A 534 -7.82 -6.36 7.21
CA THR A 534 -8.87 -6.71 8.15
C THR A 534 -8.34 -7.47 9.38
N ILE A 535 -7.07 -7.29 9.68
CA ILE A 535 -6.44 -7.96 10.81
C ILE A 535 -6.70 -9.46 10.69
N TYR A 536 -6.49 -9.97 9.48
CA TYR A 536 -6.63 -11.38 9.16
C TYR A 536 -8.01 -12.00 9.36
N LYS A 537 -9.06 -11.18 9.23
CA LYS A 537 -10.42 -11.67 9.36
C LYS A 537 -11.10 -11.76 8.00
N THR A 538 -12.01 -12.72 7.87
CA THR A 538 -12.77 -12.88 6.63
C THR A 538 -14.04 -13.68 6.94
N ASN A 539 -14.91 -13.81 5.95
CA ASN A 539 -16.15 -14.55 6.11
C ASN A 539 -16.63 -15.03 4.74
N GLU A 540 -17.75 -15.75 4.71
CA GLU A 540 -18.27 -16.28 3.45
C GLU A 540 -18.45 -15.22 2.37
N LYS A 541 -19.10 -14.11 2.72
CA LYS A 541 -19.36 -13.03 1.77
C LYS A 541 -18.09 -12.42 1.19
N MET A 542 -17.10 -12.15 2.04
CA MET A 542 -15.86 -11.58 1.56
C MET A 542 -15.13 -12.54 0.65
N LEU A 543 -15.10 -13.81 1.03
CA LEU A 543 -14.44 -14.81 0.23
C LEU A 543 -15.12 -14.98 -1.13
N GLN A 544 -16.45 -14.91 -1.14
CA GLN A 544 -17.19 -15.03 -2.39
C GLN A 544 -16.91 -13.84 -3.28
N ARG A 545 -16.79 -12.65 -2.69
CA ARG A 545 -16.49 -11.47 -3.48
C ARG A 545 -15.09 -11.60 -4.05
N ALA A 546 -14.18 -12.19 -3.26
CA ALA A 546 -12.82 -12.39 -3.72
C ALA A 546 -12.81 -13.24 -5.00
N LEU A 547 -13.61 -14.30 -5.01
CA LEU A 547 -13.67 -15.16 -6.20
C LEU A 547 -14.17 -14.39 -7.42
N GLU A 548 -15.13 -13.49 -7.20
CA GLU A 548 -15.66 -12.68 -8.29
C GLU A 548 -14.58 -11.77 -8.86
N LEU A 549 -13.82 -11.13 -7.97
CA LEU A 549 -12.76 -10.23 -8.41
C LEU A 549 -11.60 -11.00 -9.04
N LEU A 550 -11.31 -12.17 -8.50
CA LEU A 550 -10.24 -12.99 -9.05
C LEU A 550 -10.66 -13.50 -10.43
N ALA A 551 -11.96 -13.66 -10.64
CA ALA A 551 -12.47 -14.12 -11.93
C ALA A 551 -12.19 -13.05 -12.98
N PHE A 552 -12.46 -11.80 -12.63
CA PHE A 552 -12.21 -10.68 -13.55
C PHE A 552 -10.71 -10.63 -13.87
N LEU A 553 -9.89 -10.76 -12.83
CA LEU A 553 -8.45 -10.72 -12.99
C LEU A 553 -7.95 -11.87 -13.85
N LYS A 554 -8.47 -13.07 -13.61
CA LYS A 554 -8.05 -14.24 -14.38
C LYS A 554 -8.37 -14.01 -15.87
N GLU A 555 -9.53 -13.45 -16.16
CA GLU A 555 -9.90 -13.18 -17.54
C GLU A 555 -8.94 -12.15 -18.13
N ASP A 556 -8.56 -11.16 -17.32
CA ASP A 556 -7.64 -10.13 -17.80
C ASP A 556 -6.21 -10.62 -18.00
N LEU A 557 -5.89 -11.80 -17.45
CA LEU A 557 -4.56 -12.35 -17.64
C LEU A 557 -4.38 -12.69 -19.11
N GLU A 558 -5.50 -12.91 -19.79
CA GLU A 558 -5.48 -13.23 -21.21
C GLU A 558 -5.08 -11.99 -22.01
N LYS A 559 -5.02 -10.85 -21.32
CA LYS A 559 -4.63 -9.60 -21.96
C LYS A 559 -3.38 -9.04 -21.30
N LEU A 560 -2.52 -9.93 -20.81
CA LEU A 560 -1.26 -9.52 -20.19
C LEU A 560 -0.31 -9.10 -21.29
N ALA A 561 0.56 -8.14 -20.99
CA ALA A 561 1.57 -7.67 -21.94
C ALA A 561 2.93 -7.70 -21.26
N ALA A 562 3.99 -7.83 -22.06
CA ALA A 562 5.35 -7.87 -21.54
C ALA A 562 6.26 -7.14 -22.52
N ARG A 563 7.22 -6.38 -21.99
CA ARG A 563 8.13 -5.61 -22.83
C ARG A 563 9.53 -6.19 -23.02
N ASP A 564 9.90 -7.14 -22.16
CA ASP A 564 11.19 -7.83 -22.28
C ASP A 564 11.11 -9.19 -21.61
N LEU A 565 12.17 -9.98 -21.71
CA LEU A 565 12.17 -11.31 -21.10
C LEU A 565 11.94 -11.27 -19.61
N HIS A 566 12.56 -10.30 -18.95
CA HIS A 566 12.40 -10.15 -17.50
C HIS A 566 10.93 -9.99 -17.14
N GLU A 567 10.24 -9.11 -17.85
CA GLU A 567 8.83 -8.86 -17.59
C GLU A 567 7.96 -10.03 -18.04
N LEU A 568 8.45 -10.82 -19.00
CA LEU A 568 7.68 -11.97 -19.46
C LEU A 568 7.67 -12.99 -18.32
N MET A 569 8.79 -13.10 -17.61
CA MET A 569 8.86 -14.01 -16.48
C MET A 569 7.91 -13.47 -15.42
N ARG A 570 7.96 -12.15 -15.21
CA ARG A 570 7.08 -11.52 -14.23
C ARG A 570 5.62 -11.77 -14.57
N ALA A 571 5.30 -11.79 -15.86
CA ALA A 571 3.92 -12.02 -16.29
C ALA A 571 3.47 -13.42 -15.86
N TRP A 572 4.30 -14.42 -16.09
CA TRP A 572 3.94 -15.78 -15.71
C TRP A 572 3.97 -15.99 -14.20
N GLU A 573 4.85 -15.27 -13.50
CA GLU A 573 4.90 -15.38 -12.05
C GLU A 573 3.56 -14.86 -11.52
N LEU A 574 3.00 -13.86 -12.19
CA LEU A 574 1.71 -13.30 -11.80
C LEU A 574 0.63 -14.35 -12.03
N VAL A 575 0.63 -14.97 -13.21
CA VAL A 575 -0.35 -16.00 -13.52
C VAL A 575 -0.31 -17.09 -12.46
N HIS A 576 0.89 -17.54 -12.10
CA HIS A 576 1.04 -18.56 -11.08
C HIS A 576 0.43 -18.12 -9.75
N ARG A 577 0.66 -16.87 -9.37
CA ARG A 577 0.13 -16.36 -8.10
C ARG A 577 -1.39 -16.26 -8.09
N VAL A 578 -1.99 -15.86 -9.21
CA VAL A 578 -3.43 -15.71 -9.28
C VAL A 578 -4.15 -17.03 -9.02
N TRP A 579 -3.68 -18.10 -9.65
CA TRP A 579 -4.31 -19.39 -9.44
C TRP A 579 -4.06 -19.90 -8.02
N THR A 580 -2.87 -19.63 -7.48
CA THR A 580 -2.57 -20.04 -6.12
C THR A 580 -3.55 -19.31 -5.19
N ALA A 581 -3.77 -18.03 -5.49
CA ALA A 581 -4.68 -17.22 -4.69
C ALA A 581 -6.10 -17.79 -4.76
N GLU A 582 -6.55 -18.17 -5.94
CA GLU A 582 -7.90 -18.70 -6.08
C GLU A 582 -8.05 -19.97 -5.23
N ALA A 583 -7.05 -20.84 -5.30
CA ALA A 583 -7.07 -22.09 -4.54
C ALA A 583 -7.16 -21.79 -3.05
N HIS A 584 -6.36 -20.82 -2.60
CA HIS A 584 -6.34 -20.43 -1.21
C HIS A 584 -7.71 -19.93 -0.76
N VAL A 585 -8.34 -19.07 -1.56
CA VAL A 585 -9.66 -18.53 -1.23
C VAL A 585 -10.69 -19.65 -1.17
N ARG A 586 -10.70 -20.52 -2.18
CA ARG A 586 -11.67 -21.61 -2.21
C ARG A 586 -11.50 -22.54 -1.01
N HIS A 587 -10.25 -22.79 -0.61
CA HIS A 587 -10.02 -23.64 0.56
C HIS A 587 -10.50 -22.95 1.84
N MET A 588 -10.26 -21.65 1.97
CA MET A 588 -10.71 -20.95 3.17
C MET A 588 -12.24 -20.90 3.21
N LEU A 589 -12.87 -20.85 2.05
CA LEU A 589 -14.33 -20.80 1.97
C LEU A 589 -14.94 -22.14 2.36
N PHE A 590 -14.28 -23.22 1.97
CA PHE A 590 -14.76 -24.57 2.25
C PHE A 590 -14.74 -24.97 3.73
N ARG A 591 -13.64 -24.69 4.42
CA ARG A 591 -13.53 -25.06 5.84
C ARG A 591 -14.34 -24.12 6.73
N LYS A 592 -15.47 -24.61 7.23
CA LYS A 592 -16.34 -23.81 8.08
C LYS A 592 -15.99 -23.83 9.56
N GLU A 593 -14.83 -23.26 9.89
CA GLU A 593 -14.37 -23.19 11.28
C GLU A 593 -13.15 -22.27 11.31
N THR A 594 -12.68 -21.98 12.52
CA THR A 594 -11.51 -21.15 12.74
C THR A 594 -10.59 -22.00 13.61
N ARG A 595 -9.74 -22.78 12.96
CA ARG A 595 -8.84 -23.68 13.65
C ARG A 595 -7.49 -23.05 14.00
N TRP A 596 -7.09 -22.06 13.21
CA TRP A 596 -5.81 -21.40 13.44
C TRP A 596 -5.98 -19.90 13.67
N PRO A 597 -6.65 -19.52 14.76
CA PRO A 597 -6.81 -18.09 15.02
C PRO A 597 -5.38 -17.59 15.18
N GLY A 598 -5.08 -16.43 14.61
CA GLY A 598 -3.73 -15.93 14.68
C GLY A 598 -3.18 -15.95 13.25
N TYR A 599 -3.69 -16.88 12.45
CA TYR A 599 -3.31 -16.99 11.04
C TYR A 599 -4.47 -16.41 10.23
N TYR A 600 -5.69 -16.73 10.64
CA TYR A 600 -6.90 -16.16 10.00
C TYR A 600 -8.13 -16.48 10.85
N TYR A 601 -9.15 -15.64 10.71
CA TYR A 601 -10.39 -15.83 11.46
C TYR A 601 -11.60 -15.81 10.54
N ARG A 602 -12.46 -16.82 10.66
CA ARG A 602 -13.70 -16.86 9.89
C ARG A 602 -14.68 -16.30 10.92
N THR A 603 -15.01 -15.02 10.81
CA THR A 603 -15.91 -14.42 11.76
C THR A 603 -17.29 -15.05 11.76
N ASP A 604 -17.64 -15.74 10.67
CA ASP A 604 -18.94 -16.40 10.60
C ASP A 604 -18.92 -17.80 11.19
N TYR A 605 -17.70 -18.31 11.45
CA TYR A 605 -17.50 -19.63 12.06
C TYR A 605 -16.25 -19.46 12.94
N PRO A 606 -16.36 -18.62 13.99
CA PRO A 606 -15.30 -18.28 14.94
C PRO A 606 -14.69 -19.35 15.82
N GLU A 607 -15.30 -20.53 15.88
CA GLU A 607 -14.75 -21.58 16.74
C GLU A 607 -14.05 -22.71 16.03
N LEU A 608 -13.21 -23.42 16.77
CA LEU A 608 -12.49 -24.57 16.24
C LEU A 608 -13.50 -25.72 16.40
N ASN A 609 -13.68 -26.51 15.34
CA ASN A 609 -14.64 -27.60 15.35
C ASN A 609 -14.01 -28.97 15.13
N ASP A 610 -13.66 -29.65 16.22
CA ASP A 610 -13.06 -30.99 16.12
C ASP A 610 -14.10 -32.07 15.89
N GLU A 611 -15.37 -31.70 15.98
CA GLU A 611 -16.45 -32.67 15.77
C GLU A 611 -16.69 -32.88 14.28
N GLU A 612 -16.62 -31.80 13.51
CA GLU A 612 -16.86 -31.87 12.08
C GLU A 612 -15.70 -31.49 11.18
N TRP A 613 -14.67 -30.84 11.73
CA TRP A 613 -13.57 -30.43 10.87
C TRP A 613 -12.15 -30.89 11.22
N LYS A 614 -12.02 -31.97 11.99
CA LYS A 614 -10.68 -32.46 12.30
C LYS A 614 -10.32 -33.35 11.11
N CYS A 615 -10.16 -32.71 9.96
CA CYS A 615 -9.86 -33.38 8.72
C CYS A 615 -9.01 -32.51 7.82
N PHE A 616 -8.34 -33.14 6.86
CA PHE A 616 -7.56 -32.39 5.90
C PHE A 616 -8.53 -32.03 4.80
N VAL A 617 -8.41 -30.82 4.26
CA VAL A 617 -9.28 -30.41 3.17
C VAL A 617 -8.45 -30.57 1.92
N CYS A 618 -8.89 -31.44 1.03
CA CYS A 618 -8.18 -31.70 -0.21
C CYS A 618 -9.06 -31.30 -1.38
N SER A 619 -8.44 -30.74 -2.42
CA SER A 619 -9.18 -30.30 -3.58
C SER A 619 -8.50 -30.68 -4.88
N LYS A 620 -9.27 -30.71 -5.96
CA LYS A 620 -8.74 -31.03 -7.27
C LYS A 620 -9.36 -30.09 -8.28
N TYR A 621 -8.54 -29.56 -9.17
CA TYR A 621 -9.04 -28.68 -10.21
C TYR A 621 -9.02 -29.43 -11.53
N ASP A 622 -10.17 -29.46 -12.20
CA ASP A 622 -10.29 -30.13 -13.49
C ASP A 622 -10.28 -29.02 -14.54
N ALA A 623 -9.17 -28.90 -15.26
CA ALA A 623 -9.02 -27.87 -16.28
C ALA A 623 -10.04 -27.98 -17.40
N GLU A 624 -10.30 -29.20 -17.85
CA GLU A 624 -11.25 -29.43 -18.92
C GLU A 624 -12.64 -28.88 -18.60
N LYS A 625 -13.14 -29.19 -17.42
CA LYS A 625 -14.46 -28.74 -17.00
C LYS A 625 -14.42 -27.42 -16.25
N ASP A 626 -13.23 -26.99 -15.85
CA ASP A 626 -13.07 -25.76 -15.09
C ASP A 626 -13.88 -25.89 -13.81
N GLU A 627 -13.74 -27.02 -13.12
CA GLU A 627 -14.46 -27.26 -11.88
C GLU A 627 -13.54 -27.66 -10.74
N TRP A 628 -13.86 -27.19 -9.54
CA TRP A 628 -13.11 -27.52 -8.34
C TRP A 628 -13.93 -28.50 -7.51
N THR A 629 -13.30 -29.57 -7.05
CA THR A 629 -13.99 -30.55 -6.22
C THR A 629 -13.25 -30.64 -4.90
N PHE A 630 -14.00 -30.64 -3.80
CA PHE A 630 -13.40 -30.72 -2.47
C PHE A 630 -13.78 -32.00 -1.74
N GLU A 631 -12.85 -32.47 -0.91
CA GLU A 631 -13.05 -33.69 -0.14
C GLU A 631 -12.44 -33.51 1.25
N LYS A 632 -13.05 -34.16 2.23
CA LYS A 632 -12.57 -34.11 3.60
C LYS A 632 -11.96 -35.45 3.97
N VAL A 633 -10.68 -35.44 4.34
CA VAL A 633 -9.99 -36.67 4.73
C VAL A 633 -9.73 -36.58 6.23
N PRO A 634 -10.51 -37.32 7.03
CA PRO A 634 -10.34 -37.30 8.48
C PRO A 634 -8.91 -37.56 8.95
N TYR A 635 -8.48 -36.82 9.96
CA TYR A 635 -7.15 -37.00 10.52
C TYR A 635 -7.18 -38.25 11.38
N VAL A 636 -6.08 -39.00 11.35
CA VAL A 636 -5.94 -40.19 12.18
C VAL A 636 -4.55 -40.09 12.78
N GLN A 637 -4.43 -40.41 14.07
CA GLN A 637 -3.13 -40.35 14.73
C GLN A 637 -2.35 -41.59 14.30
N VAL A 638 -1.21 -41.36 13.64
CA VAL A 638 -0.35 -42.43 13.15
C VAL A 638 0.74 -42.82 14.15
N ILE A 639 1.31 -41.82 14.80
CA ILE A 639 2.37 -42.05 15.77
C ILE A 639 1.87 -41.98 17.21
N GLU A 640 2.49 -42.78 18.09
CA GLU A 640 2.09 -42.81 19.49
C GLU A 640 2.60 -41.61 20.28
N TRP A 641 1.68 -40.89 20.91
CA TRP A 641 1.99 -39.73 21.74
C TRP A 641 0.73 -39.26 22.45
N SER A 642 0.88 -38.40 23.45
CA SER A 642 -0.24 -37.86 24.22
C SER A 642 0.00 -36.40 24.57
N PHE A 643 -1.08 -35.64 24.74
CA PHE A 643 -0.96 -34.24 25.09
C PHE A 643 -0.32 -34.10 26.47
N VAL B 2 5.03 6.94 -7.76
CA VAL B 2 6.30 6.82 -8.48
C VAL B 2 6.33 7.74 -9.69
N TYR B 3 7.46 8.41 -9.89
CA TYR B 3 7.62 9.32 -11.01
C TYR B 3 8.90 9.04 -11.79
N TYR B 4 8.78 8.92 -13.10
CA TYR B 4 9.92 8.68 -13.98
C TYR B 4 9.89 9.73 -15.08
N PRO B 5 10.60 10.86 -14.87
CA PRO B 5 10.62 11.92 -15.88
C PRO B 5 11.23 11.46 -17.19
N LYS B 6 10.69 11.96 -18.30
CA LYS B 6 11.16 11.62 -19.64
C LYS B 6 12.57 12.17 -19.80
N LYS B 7 12.79 13.37 -19.30
CA LYS B 7 14.12 13.99 -19.36
C LYS B 7 14.29 14.99 -18.23
N TYR B 8 15.52 15.45 -18.04
CA TYR B 8 15.82 16.40 -16.98
C TYR B 8 15.46 17.83 -17.35
N GLU B 9 15.15 18.62 -16.33
CA GLU B 9 14.82 20.04 -16.47
C GLU B 9 15.42 20.58 -15.18
N LEU B 10 16.74 20.79 -15.21
CA LEU B 10 17.48 21.24 -14.03
C LEU B 10 17.98 22.67 -14.08
N TYR B 11 17.91 23.35 -12.94
CA TYR B 11 18.35 24.72 -12.81
C TYR B 11 18.99 24.97 -11.45
N LYS B 12 19.99 25.85 -11.42
CA LYS B 12 20.63 26.21 -10.17
C LYS B 12 19.98 27.53 -9.77
N ALA B 13 19.79 27.74 -8.47
CA ALA B 13 19.16 28.96 -7.98
C ALA B 13 19.77 30.23 -8.57
N ASP B 14 21.10 30.31 -8.58
CA ASP B 14 21.80 31.49 -9.09
C ASP B 14 21.57 31.80 -10.56
N GLU B 15 21.07 30.83 -11.33
CA GLU B 15 20.83 31.05 -12.74
C GLU B 15 19.37 31.29 -13.09
N VAL B 16 18.51 31.25 -12.07
CA VAL B 16 17.08 31.47 -12.28
C VAL B 16 16.73 32.93 -12.02
N PRO B 17 16.05 33.57 -12.99
CA PRO B 17 15.66 34.98 -12.82
C PRO B 17 14.53 35.14 -11.82
N THR B 18 14.59 36.23 -11.05
CA THR B 18 13.56 36.53 -10.07
C THR B 18 12.60 37.56 -10.64
N GLU B 19 11.31 37.33 -10.46
CA GLU B 19 10.31 38.30 -10.92
C GLU B 19 9.64 38.82 -9.66
N VAL B 20 9.74 40.13 -9.45
CA VAL B 20 9.13 40.74 -8.27
C VAL B 20 7.76 41.31 -8.61
N VAL B 21 6.77 40.90 -7.84
CA VAL B 21 5.41 41.38 -8.05
C VAL B 21 4.97 42.11 -6.80
N GLU B 22 4.60 43.39 -6.97
CA GLU B 22 4.13 44.18 -5.85
C GLU B 22 2.61 44.25 -5.92
N THR B 23 1.95 44.01 -4.79
CA THR B 23 0.50 44.05 -4.77
C THR B 23 0.03 44.43 -3.37
N ASP B 24 -1.27 44.66 -3.21
CA ASP B 24 -1.79 45.00 -1.90
C ASP B 24 -2.33 43.75 -1.23
N ILE B 25 -3.19 43.03 -1.95
CA ILE B 25 -3.78 41.81 -1.43
C ILE B 25 -3.33 40.62 -2.30
N LEU B 26 -2.70 39.64 -1.66
CA LEU B 26 -2.23 38.45 -2.36
C LEU B 26 -3.07 37.28 -1.88
N ILE B 27 -3.72 36.61 -2.83
CA ILE B 27 -4.54 35.44 -2.53
C ILE B 27 -3.80 34.23 -3.07
N ILE B 28 -3.46 33.30 -2.17
CA ILE B 28 -2.73 32.10 -2.55
C ILE B 28 -3.69 30.93 -2.69
N GLY B 29 -3.97 30.55 -3.94
CA GLY B 29 -4.89 29.46 -4.21
C GLY B 29 -6.12 29.96 -4.94
N GLY B 30 -6.32 29.49 -6.17
CA GLY B 30 -7.46 29.90 -6.96
C GLY B 30 -8.58 28.87 -7.02
N GLY B 31 -8.91 28.31 -5.86
CA GLY B 31 -9.99 27.33 -5.79
C GLY B 31 -11.28 28.02 -5.44
N PHE B 32 -12.19 27.34 -4.75
CA PHE B 32 -13.45 28.00 -4.42
C PHE B 32 -13.32 29.17 -3.44
N SER B 33 -12.59 28.99 -2.34
CA SER B 33 -12.44 30.08 -1.39
C SER B 33 -11.62 31.21 -2.01
N GLY B 34 -10.56 30.85 -2.73
CA GLY B 34 -9.71 31.85 -3.36
C GLY B 34 -10.42 32.69 -4.40
N CYS B 35 -11.27 32.05 -5.21
CA CYS B 35 -12.01 32.78 -6.23
C CYS B 35 -13.01 33.70 -5.54
N GLY B 36 -13.53 33.25 -4.39
CA GLY B 36 -14.48 34.08 -3.65
C GLY B 36 -13.78 35.33 -3.14
N ALA B 37 -12.53 35.17 -2.70
CA ALA B 37 -11.75 36.29 -2.20
C ALA B 37 -11.40 37.25 -3.33
N ALA B 38 -11.02 36.71 -4.49
CA ALA B 38 -10.67 37.54 -5.64
C ALA B 38 -11.88 38.35 -6.07
N TYR B 39 -13.02 37.68 -6.14
CA TYR B 39 -14.29 38.30 -6.53
C TYR B 39 -14.64 39.49 -5.61
N GLU B 40 -14.73 39.21 -4.31
CA GLU B 40 -15.10 40.25 -3.34
C GLU B 40 -14.04 41.33 -3.17
N ALA B 41 -12.77 40.96 -3.21
CA ALA B 41 -11.70 41.93 -3.06
C ALA B 41 -11.75 42.96 -4.17
N ALA B 42 -12.03 42.50 -5.39
CA ALA B 42 -12.09 43.39 -6.55
C ALA B 42 -13.16 44.47 -6.37
N TYR B 43 -14.24 44.13 -5.69
CA TYR B 43 -15.32 45.08 -5.46
C TYR B 43 -14.88 46.20 -4.51
N TRP B 44 -14.38 45.85 -3.33
CA TRP B 44 -13.99 46.84 -2.34
C TRP B 44 -12.65 47.53 -2.59
N ALA B 45 -11.75 46.86 -3.28
CA ALA B 45 -10.42 47.42 -3.56
C ALA B 45 -10.47 48.81 -4.19
N LYS B 46 -11.52 49.06 -4.96
CA LYS B 46 -11.68 50.34 -5.64
C LYS B 46 -11.64 51.53 -4.67
N LEU B 47 -12.06 51.30 -3.42
CA LEU B 47 -12.07 52.37 -2.42
C LEU B 47 -10.69 52.98 -2.16
N GLY B 48 -9.64 52.21 -2.44
CA GLY B 48 -8.30 52.71 -2.22
C GLY B 48 -7.40 52.45 -3.42
N GLY B 49 -8.01 52.10 -4.55
CA GLY B 49 -7.24 51.82 -5.75
C GLY B 49 -6.24 50.71 -5.46
N LEU B 50 -6.66 49.77 -4.62
CA LEU B 50 -5.80 48.66 -4.24
C LEU B 50 -5.64 47.62 -5.33
N LYS B 51 -4.48 46.97 -5.34
CA LYS B 51 -4.18 45.94 -6.33
C LYS B 51 -4.45 44.60 -5.67
N VAL B 52 -5.14 43.72 -6.39
CA VAL B 52 -5.45 42.38 -5.92
C VAL B 52 -4.79 41.38 -6.85
N THR B 53 -4.07 40.41 -6.26
CA THR B 53 -3.36 39.41 -7.06
C THR B 53 -3.74 38.00 -6.62
N LEU B 54 -4.06 37.15 -7.59
CA LEU B 54 -4.41 35.77 -7.33
C LEU B 54 -3.34 34.88 -7.96
N VAL B 55 -2.74 34.02 -7.14
CA VAL B 55 -1.71 33.12 -7.63
C VAL B 55 -2.22 31.68 -7.45
N GLU B 56 -2.11 30.89 -8.50
CA GLU B 56 -2.59 29.51 -8.51
C GLU B 56 -1.52 28.59 -9.09
N LYS B 57 -1.31 27.43 -8.47
CA LYS B 57 -0.28 26.53 -8.97
C LYS B 57 -0.68 25.82 -10.28
N ALA B 58 -1.99 25.65 -10.50
CA ALA B 58 -2.47 25.02 -11.74
C ALA B 58 -3.21 26.07 -12.56
N ALA B 59 -4.39 25.72 -13.08
CA ALA B 59 -5.19 26.66 -13.87
C ALA B 59 -6.56 26.83 -13.21
N VAL B 60 -6.89 28.07 -12.85
CA VAL B 60 -8.14 28.38 -12.17
C VAL B 60 -9.40 27.77 -12.79
N GLU B 61 -9.45 27.66 -14.11
CA GLU B 61 -10.62 27.10 -14.78
C GLU B 61 -11.09 25.76 -14.18
N ARG B 62 -10.14 24.92 -13.78
CA ARG B 62 -10.49 23.60 -13.22
C ARG B 62 -9.74 23.21 -11.95
N SER B 63 -8.95 24.13 -11.41
CA SER B 63 -8.14 23.80 -10.24
C SER B 63 -8.89 23.50 -8.94
N GLY B 64 -8.31 22.64 -8.13
CA GLY B 64 -8.91 22.31 -6.84
C GLY B 64 -9.94 21.20 -6.80
N ALA B 65 -10.58 21.10 -5.64
CA ALA B 65 -11.58 20.09 -5.36
C ALA B 65 -12.76 19.99 -6.31
N VAL B 66 -13.11 21.08 -6.98
CA VAL B 66 -14.26 21.08 -7.88
C VAL B 66 -13.89 20.87 -9.35
N ALA B 67 -12.72 20.28 -9.59
CA ALA B 67 -12.27 20.02 -10.95
C ALA B 67 -13.25 19.22 -11.79
N GLN B 68 -13.90 18.21 -11.20
CA GLN B 68 -14.85 17.39 -11.95
C GLN B 68 -16.24 17.98 -11.95
N GLY B 69 -16.46 18.94 -11.06
CA GLY B 69 -17.76 19.55 -10.90
C GLY B 69 -18.29 18.98 -9.59
N LEU B 70 -19.50 19.33 -9.21
CA LEU B 70 -20.12 18.80 -7.99
C LEU B 70 -21.58 18.54 -8.32
N SER B 71 -22.22 17.61 -7.61
CA SER B 71 -23.61 17.28 -7.87
C SER B 71 -24.59 18.03 -7.00
N ALA B 72 -24.07 18.78 -6.04
CA ALA B 72 -24.93 19.55 -5.16
C ALA B 72 -24.16 20.70 -4.49
N ILE B 73 -24.90 21.63 -3.91
CA ILE B 73 -24.30 22.72 -3.16
C ILE B 73 -24.72 22.28 -1.76
N ASN B 74 -23.74 21.92 -0.94
CA ASN B 74 -24.03 21.41 0.40
C ASN B 74 -24.46 22.39 1.47
N THR B 75 -24.36 23.68 1.18
CA THR B 75 -24.80 24.66 2.15
C THR B 75 -25.64 25.77 1.54
N TYR B 76 -26.94 25.68 1.81
CA TYR B 76 -27.91 26.67 1.35
C TYR B 76 -28.96 26.66 2.45
N ILE B 77 -29.02 27.74 3.21
CA ILE B 77 -29.96 27.84 4.32
C ILE B 77 -31.41 27.99 3.86
N ASP B 78 -31.62 28.94 2.96
CA ASP B 78 -32.93 29.28 2.40
C ASP B 78 -33.79 30.01 3.42
N LEU B 79 -33.58 31.31 3.50
CA LEU B 79 -34.30 32.16 4.44
C LEU B 79 -35.62 32.72 3.89
N THR B 80 -35.89 32.48 2.60
CA THR B 80 -37.11 33.02 2.01
C THR B 80 -38.02 32.02 1.30
N GLY B 81 -37.55 30.79 1.11
CA GLY B 81 -38.39 29.79 0.45
C GLY B 81 -38.13 29.53 -1.02
N ARG B 82 -36.90 29.71 -1.47
CA ARG B 82 -36.58 29.46 -2.87
C ARG B 82 -36.39 27.97 -3.12
N SER B 83 -36.23 27.20 -2.04
CA SER B 83 -36.04 25.76 -2.18
C SER B 83 -37.23 25.03 -1.58
N GLU B 84 -37.19 23.70 -1.63
CA GLU B 84 -38.25 22.89 -1.09
C GLU B 84 -38.33 22.96 0.43
N ARG B 85 -37.26 23.44 1.06
CA ARG B 85 -37.24 23.54 2.51
C ARG B 85 -36.49 24.75 3.06
N GLN B 86 -37.20 25.60 3.79
CA GLN B 86 -36.61 26.78 4.42
C GLN B 86 -36.03 26.38 5.76
N ASN B 87 -35.03 27.11 6.22
CA ASN B 87 -34.39 26.84 7.50
C ASN B 87 -34.02 28.16 8.18
N THR B 88 -33.67 28.09 9.46
CA THR B 88 -33.27 29.28 10.20
C THR B 88 -31.77 29.18 10.50
N LEU B 89 -31.14 30.32 10.76
CA LEU B 89 -29.72 30.36 11.04
C LEU B 89 -29.38 29.70 12.37
N GLU B 90 -30.24 29.86 13.38
CA GLU B 90 -30.00 29.26 14.68
C GLU B 90 -29.99 27.75 14.58
N ASP B 91 -30.91 27.21 13.78
CA ASP B 91 -31.00 25.77 13.58
C ASP B 91 -29.73 25.27 12.90
N TYR B 92 -29.22 26.06 11.96
CA TYR B 92 -27.99 25.66 11.27
C TYR B 92 -26.79 25.63 12.21
N VAL B 93 -26.64 26.68 13.01
CA VAL B 93 -25.52 26.74 13.95
C VAL B 93 -25.56 25.56 14.91
N ARG B 94 -26.76 25.25 15.42
CA ARG B 94 -26.92 24.13 16.33
C ARG B 94 -26.50 22.84 15.64
N TYR B 95 -26.97 22.67 14.41
CA TYR B 95 -26.65 21.50 13.60
C TYR B 95 -25.15 21.29 13.46
N VAL B 96 -24.42 22.35 13.14
CA VAL B 96 -22.97 22.25 12.97
C VAL B 96 -22.25 21.95 14.30
N THR B 97 -22.64 22.63 15.38
CA THR B 97 -21.99 22.38 16.67
C THR B 97 -22.20 20.94 17.14
N LEU B 98 -23.42 20.44 17.00
CA LEU B 98 -23.70 19.08 17.43
C LEU B 98 -22.99 18.05 16.55
N ASP B 99 -22.88 18.33 15.26
CA ASP B 99 -22.19 17.42 14.35
C ASP B 99 -20.71 17.34 14.72
N MET B 100 -20.19 18.45 15.21
CA MET B 100 -18.78 18.54 15.62
C MET B 100 -18.60 17.99 17.03
N MET B 101 -19.64 17.32 17.55
CA MET B 101 -19.60 16.75 18.88
C MET B 101 -19.39 17.84 19.94
N GLY B 102 -20.07 18.96 19.75
CA GLY B 102 -20.02 20.06 20.70
C GLY B 102 -18.99 21.17 20.53
N LEU B 103 -18.08 21.03 19.58
CA LEU B 103 -17.03 22.03 19.39
C LEU B 103 -16.97 22.72 18.03
N ALA B 104 -17.39 23.97 18.00
CA ALA B 104 -17.35 24.77 16.78
C ALA B 104 -17.36 26.24 17.15
N ARG B 105 -16.65 27.06 16.38
CA ARG B 105 -16.60 28.50 16.62
C ARG B 105 -17.92 29.02 16.05
N GLU B 106 -18.94 29.13 16.89
CA GLU B 106 -20.26 29.54 16.43
C GLU B 106 -20.31 30.95 15.85
N ASP B 107 -19.38 31.81 16.25
CA ASP B 107 -19.35 33.16 15.71
C ASP B 107 -18.96 33.08 14.24
N LEU B 108 -18.03 32.17 13.92
CA LEU B 108 -17.57 31.99 12.54
C LEU B 108 -18.61 31.27 11.70
N VAL B 109 -19.25 30.24 12.27
CA VAL B 109 -20.26 29.48 11.56
C VAL B 109 -21.49 30.34 11.23
N ALA B 110 -22.00 31.03 12.23
CA ALA B 110 -23.16 31.88 12.01
C ALA B 110 -22.80 32.95 10.99
N ASP B 111 -21.56 33.41 11.04
CA ASP B 111 -21.11 34.44 10.11
C ASP B 111 -21.16 34.02 8.65
N TYR B 112 -20.60 32.87 8.29
CA TYR B 112 -20.66 32.48 6.88
C TYR B 112 -22.07 32.07 6.48
N ALA B 113 -22.83 31.53 7.44
CA ALA B 113 -24.19 31.10 7.18
C ALA B 113 -25.14 32.25 6.85
N ARG B 114 -24.95 33.40 7.48
CA ARG B 114 -25.83 34.54 7.20
C ARG B 114 -25.51 35.14 5.83
N HIS B 115 -24.36 34.77 5.28
CA HIS B 115 -23.91 35.29 3.98
C HIS B 115 -24.01 34.31 2.82
N VAL B 116 -23.94 33.01 3.12
CA VAL B 116 -23.92 31.99 2.08
C VAL B 116 -25.03 31.96 1.02
N ASP B 117 -26.27 32.25 1.40
CA ASP B 117 -27.35 32.22 0.41
C ASP B 117 -27.15 33.23 -0.71
N GLY B 118 -26.59 34.39 -0.38
CA GLY B 118 -26.36 35.39 -1.41
C GLY B 118 -25.38 34.85 -2.43
N THR B 119 -24.40 34.10 -1.95
CA THR B 119 -23.41 33.50 -2.83
C THR B 119 -24.07 32.50 -3.78
N VAL B 120 -24.92 31.64 -3.23
CA VAL B 120 -25.61 30.65 -4.06
C VAL B 120 -26.47 31.31 -5.12
N HIS B 121 -27.17 32.38 -4.74
CA HIS B 121 -28.02 33.10 -5.69
C HIS B 121 -27.19 33.68 -6.83
N LEU B 122 -26.00 34.16 -6.52
CA LEU B 122 -25.12 34.71 -7.55
C LEU B 122 -24.67 33.57 -8.47
N PHE B 123 -24.37 32.41 -7.89
CA PHE B 123 -23.94 31.27 -8.68
C PHE B 123 -24.98 30.95 -9.75
N GLU B 124 -26.25 30.94 -9.36
CA GLU B 124 -27.31 30.65 -10.32
C GLU B 124 -27.41 31.76 -11.37
N LYS B 125 -27.30 33.00 -10.91
CA LYS B 125 -27.37 34.13 -11.83
C LYS B 125 -26.27 34.05 -12.88
N TRP B 126 -25.13 33.50 -12.48
CA TRP B 126 -23.99 33.38 -13.37
C TRP B 126 -24.10 32.21 -14.35
N GLY B 127 -25.15 31.40 -14.22
CA GLY B 127 -25.32 30.30 -15.15
C GLY B 127 -25.33 28.89 -14.59
N LEU B 128 -25.11 28.73 -13.29
CA LEU B 128 -25.12 27.39 -12.70
C LEU B 128 -26.54 26.84 -12.72
N PRO B 129 -26.76 25.69 -13.39
CA PRO B 129 -28.10 25.10 -13.44
C PRO B 129 -28.44 24.39 -12.15
N ILE B 130 -29.42 24.90 -11.42
CA ILE B 130 -29.83 24.27 -10.17
C ILE B 130 -31.08 23.44 -10.45
N TRP B 131 -31.11 22.21 -9.92
CA TRP B 131 -32.27 21.35 -10.11
C TRP B 131 -33.50 22.09 -9.57
N LYS B 132 -34.60 22.01 -10.30
CA LYS B 132 -35.82 22.67 -9.86
C LYS B 132 -37.05 21.77 -9.99
N THR B 133 -38.01 21.99 -9.11
CA THR B 133 -39.26 21.25 -9.12
C THR B 133 -40.17 21.89 -10.16
N PRO B 134 -41.30 21.25 -10.47
CA PRO B 134 -42.20 21.85 -11.47
C PRO B 134 -42.64 23.25 -11.04
N ASP B 135 -42.69 23.47 -9.73
CA ASP B 135 -43.11 24.75 -9.18
C ASP B 135 -41.99 25.78 -9.17
N GLY B 136 -40.80 25.37 -9.61
CA GLY B 136 -39.67 26.27 -9.67
C GLY B 136 -38.81 26.41 -8.43
N LYS B 137 -38.96 25.49 -7.48
CA LYS B 137 -38.18 25.52 -6.25
C LYS B 137 -36.89 24.71 -6.40
N TYR B 138 -35.82 25.16 -5.74
CA TYR B 138 -34.54 24.44 -5.77
C TYR B 138 -34.82 23.08 -5.16
N VAL B 139 -34.36 22.02 -5.80
CA VAL B 139 -34.57 20.67 -5.29
C VAL B 139 -33.61 20.38 -4.13
N ARG B 140 -34.17 20.01 -2.98
CA ARG B 140 -33.38 19.69 -1.80
C ARG B 140 -32.82 18.28 -1.86
N GLU B 141 -31.62 18.10 -1.32
CA GLU B 141 -31.01 16.77 -1.27
C GLU B 141 -31.41 16.33 0.14
N GLY B 142 -30.83 17.00 1.12
CA GLY B 142 -31.14 16.74 2.51
C GLY B 142 -31.75 18.04 3.01
N GLN B 143 -31.51 18.40 4.26
CA GLN B 143 -32.07 19.64 4.79
C GLN B 143 -31.28 20.89 4.41
N TRP B 144 -29.97 20.73 4.23
CA TRP B 144 -29.11 21.88 3.94
C TRP B 144 -28.51 21.97 2.55
N GLN B 145 -28.71 20.94 1.74
CA GLN B 145 -28.12 20.90 0.41
C GLN B 145 -29.17 20.96 -0.71
N ILE B 146 -28.75 21.44 -1.88
CA ILE B 146 -29.62 21.49 -3.04
C ILE B 146 -28.88 20.85 -4.21
N MET B 147 -29.61 20.15 -5.08
CA MET B 147 -29.01 19.47 -6.22
C MET B 147 -28.72 20.43 -7.36
N ILE B 148 -27.59 20.24 -8.02
CA ILE B 148 -27.20 21.08 -9.14
C ILE B 148 -26.66 20.26 -10.30
N HIS B 149 -26.71 20.84 -11.49
CA HIS B 149 -26.15 20.20 -12.68
C HIS B 149 -24.82 20.94 -12.70
N GLY B 150 -23.90 20.50 -11.83
CA GLY B 150 -22.63 21.19 -11.68
C GLY B 150 -21.35 20.77 -12.35
N GLU B 151 -21.43 20.19 -13.54
CA GLU B 151 -20.23 19.76 -14.24
C GLU B 151 -19.26 20.94 -14.44
N SER B 152 -19.82 22.11 -14.76
CA SER B 152 -19.01 23.30 -15.02
C SER B 152 -18.99 24.28 -13.85
N TYR B 153 -19.25 23.76 -12.65
CA TYR B 153 -19.28 24.57 -11.44
C TYR B 153 -18.00 25.40 -11.24
N LYS B 154 -16.82 24.78 -11.38
CA LYS B 154 -15.59 25.53 -11.20
C LYS B 154 -15.35 26.52 -12.34
N PRO B 155 -15.54 26.08 -13.61
CA PRO B 155 -15.32 27.03 -14.72
C PRO B 155 -16.19 28.29 -14.59
N ILE B 156 -17.43 28.11 -14.13
CA ILE B 156 -18.32 29.26 -13.97
C ILE B 156 -17.78 30.19 -12.89
N ILE B 157 -17.38 29.63 -11.75
CA ILE B 157 -16.84 30.43 -10.66
C ILE B 157 -15.51 31.06 -11.07
N ALA B 158 -14.74 30.36 -11.89
CA ALA B 158 -13.46 30.88 -12.35
C ALA B 158 -13.71 32.09 -13.25
N GLU B 159 -14.72 32.01 -14.09
CA GLU B 159 -15.06 33.11 -14.99
C GLU B 159 -15.43 34.34 -14.17
N ALA B 160 -16.23 34.13 -13.13
CA ALA B 160 -16.66 35.24 -12.29
C ALA B 160 -15.45 35.91 -11.64
N ALA B 161 -14.53 35.11 -11.10
CA ALA B 161 -13.35 35.67 -10.44
C ALA B 161 -12.47 36.41 -11.44
N LYS B 162 -12.31 35.85 -12.64
CA LYS B 162 -11.48 36.45 -13.68
C LYS B 162 -12.07 37.79 -14.15
N MET B 163 -13.39 37.83 -14.32
CA MET B 163 -14.05 39.06 -14.76
C MET B 163 -13.88 40.14 -13.69
N ALA B 164 -13.90 39.72 -12.43
CA ALA B 164 -13.78 40.65 -11.32
C ALA B 164 -12.38 41.23 -11.13
N VAL B 165 -11.39 40.36 -10.97
CA VAL B 165 -10.03 40.81 -10.72
C VAL B 165 -9.22 41.15 -11.98
N GLY B 166 -9.58 40.52 -13.10
CA GLY B 166 -8.84 40.77 -14.33
C GLY B 166 -7.77 39.73 -14.56
N GLU B 167 -7.67 39.22 -15.79
CA GLU B 167 -6.69 38.20 -16.12
C GLU B 167 -5.23 38.60 -15.85
N GLU B 168 -4.92 39.89 -15.99
CA GLU B 168 -3.55 40.34 -15.76
C GLU B 168 -3.16 40.28 -14.29
N ASN B 169 -4.12 39.97 -13.43
CA ASN B 169 -3.86 39.89 -12.00
C ASN B 169 -3.92 38.45 -11.50
N ILE B 170 -3.95 37.51 -12.44
CA ILE B 170 -4.01 36.10 -12.08
C ILE B 170 -2.74 35.43 -12.59
N TYR B 171 -1.98 34.85 -11.67
CA TYR B 171 -0.75 34.15 -12.03
C TYR B 171 -0.99 32.65 -11.90
N GLU B 172 -0.93 31.94 -13.02
CA GLU B 172 -1.14 30.50 -13.00
C GLU B 172 0.17 29.74 -13.16
N ARG B 173 0.14 28.46 -12.81
CA ARG B 173 1.30 27.59 -12.86
C ARG B 173 2.47 28.15 -12.06
N VAL B 174 2.14 28.76 -10.93
CA VAL B 174 3.14 29.30 -10.02
C VAL B 174 2.86 28.68 -8.65
N PHE B 175 3.83 27.94 -8.13
CA PHE B 175 3.68 27.27 -6.84
C PHE B 175 4.28 28.08 -5.69
N ILE B 176 3.44 28.44 -4.73
CA ILE B 176 3.90 29.20 -3.57
C ILE B 176 4.35 28.20 -2.51
N PHE B 177 5.59 28.32 -2.04
CA PHE B 177 6.10 27.38 -1.05
C PHE B 177 6.41 27.93 0.34
N GLU B 178 6.48 29.25 0.48
CA GLU B 178 6.78 29.83 1.78
C GLU B 178 6.29 31.27 1.84
N LEU B 179 5.97 31.74 3.03
CA LEU B 179 5.54 33.12 3.20
C LEU B 179 6.76 33.96 3.54
N LEU B 180 6.59 35.27 3.45
CA LEU B 180 7.64 36.23 3.80
C LEU B 180 7.06 37.06 4.92
N LYS B 181 7.87 37.39 5.92
CA LYS B 181 7.40 38.19 7.03
C LYS B 181 8.07 39.55 7.06
N ASP B 182 7.44 40.49 7.76
CA ASP B 182 7.94 41.84 7.90
C ASP B 182 9.29 41.82 8.60
N LYS B 183 10.30 42.38 7.94
CA LYS B 183 11.65 42.44 8.46
C LYS B 183 11.69 43.14 9.81
N ASN B 184 10.76 44.06 10.05
CA ASN B 184 10.74 44.80 11.31
C ASN B 184 9.59 44.45 12.26
N ASP B 185 8.94 43.32 12.00
CA ASP B 185 7.86 42.86 12.86
C ASP B 185 7.72 41.37 12.66
N PRO B 186 8.24 40.57 13.61
CA PRO B 186 8.21 39.11 13.57
C PRO B 186 6.82 38.48 13.57
N ASN B 187 5.77 39.28 13.70
CA ASN B 187 4.42 38.73 13.68
C ASN B 187 3.52 39.40 12.66
N ALA B 188 4.11 39.84 11.55
CA ALA B 188 3.36 40.47 10.47
C ALA B 188 3.82 39.86 9.15
N VAL B 189 2.87 39.60 8.25
CA VAL B 189 3.21 39.01 6.96
C VAL B 189 3.63 40.11 5.99
N ALA B 190 4.50 39.78 5.04
CA ALA B 190 4.98 40.76 4.07
C ALA B 190 4.90 40.28 2.62
N GLY B 191 4.49 39.04 2.42
CA GLY B 191 4.38 38.53 1.06
C GLY B 191 4.59 37.03 1.01
N ALA B 192 5.12 36.54 -0.11
CA ALA B 192 5.35 35.11 -0.26
C ALA B 192 6.30 34.86 -1.42
N VAL B 193 6.86 33.66 -1.46
CA VAL B 193 7.77 33.29 -2.52
C VAL B 193 7.29 32.01 -3.21
N GLY B 194 7.56 31.91 -4.50
CA GLY B 194 7.16 30.73 -5.25
C GLY B 194 8.00 30.56 -6.48
N PHE B 195 7.65 29.57 -7.29
CA PHE B 195 8.37 29.32 -8.53
C PHE B 195 7.42 28.78 -9.59
N SER B 196 7.75 29.08 -10.84
CA SER B 196 6.93 28.61 -11.95
C SER B 196 7.20 27.12 -12.18
N VAL B 197 6.19 26.41 -12.68
CA VAL B 197 6.38 24.99 -12.99
C VAL B 197 6.36 24.82 -14.50
N ARG B 198 6.48 25.93 -15.21
CA ARG B 198 6.47 25.94 -16.68
C ARG B 198 7.74 26.54 -17.26
N GLU B 199 8.50 27.24 -16.44
CA GLU B 199 9.74 27.89 -16.88
C GLU B 199 10.61 28.20 -15.67
N PRO B 200 11.91 28.50 -15.89
CA PRO B 200 12.76 28.82 -14.75
C PRO B 200 12.52 30.27 -14.31
N LYS B 201 11.69 30.44 -13.30
CA LYS B 201 11.40 31.77 -12.79
C LYS B 201 10.99 31.72 -11.32
N PHE B 202 11.70 32.48 -10.51
CA PHE B 202 11.46 32.56 -9.08
C PHE B 202 10.60 33.79 -8.81
N TYR B 203 9.52 33.62 -8.05
CA TYR B 203 8.63 34.74 -7.76
C TYR B 203 8.72 35.26 -6.33
N VAL B 204 8.74 36.58 -6.23
CA VAL B 204 8.77 37.26 -4.94
C VAL B 204 7.55 38.18 -4.93
N PHE B 205 6.56 37.83 -4.12
CA PHE B 205 5.36 38.66 -4.01
C PHE B 205 5.44 39.50 -2.76
N LYS B 206 5.36 40.81 -2.91
CA LYS B 206 5.38 41.73 -1.78
C LYS B 206 3.94 42.17 -1.62
N ALA B 207 3.37 41.95 -0.45
CA ALA B 207 1.99 42.33 -0.23
C ALA B 207 1.73 42.84 1.17
N LYS B 208 0.64 43.58 1.34
CA LYS B 208 0.26 44.13 2.62
C LYS B 208 -0.61 43.13 3.39
N ALA B 209 -1.40 42.36 2.64
CA ALA B 209 -2.26 41.35 3.22
C ALA B 209 -2.17 40.09 2.35
N VAL B 210 -2.09 38.94 3.01
CA VAL B 210 -2.01 37.66 2.32
C VAL B 210 -3.16 36.78 2.79
N ILE B 211 -3.84 36.14 1.83
CA ILE B 211 -4.96 35.29 2.15
C ILE B 211 -4.65 33.85 1.75
N LEU B 212 -4.57 32.96 2.73
CA LEU B 212 -4.28 31.55 2.46
C LEU B 212 -5.55 30.82 2.02
N ALA B 213 -5.54 30.34 0.77
CA ALA B 213 -6.70 29.63 0.20
C ALA B 213 -6.21 28.44 -0.62
N THR B 214 -5.29 27.69 -0.04
CA THR B 214 -4.66 26.54 -0.71
C THR B 214 -5.41 25.23 -0.62
N GLY B 215 -6.55 25.20 0.04
CA GLY B 215 -7.25 23.95 0.19
C GLY B 215 -6.57 23.20 1.32
N GLY B 216 -7.12 22.04 1.69
CA GLY B 216 -6.56 21.26 2.78
C GLY B 216 -5.38 20.39 2.40
N ALA B 217 -5.25 19.25 3.08
CA ALA B 217 -4.15 18.34 2.84
C ALA B 217 -4.59 16.90 2.65
N THR B 218 -4.16 16.30 1.55
CA THR B 218 -4.47 14.92 1.21
C THR B 218 -3.17 14.17 0.98
N LEU B 219 -3.25 12.84 0.96
CA LEU B 219 -2.10 11.97 0.78
C LEU B 219 -1.09 11.97 1.93
N LEU B 220 -1.51 12.42 3.10
CA LEU B 220 -0.63 12.38 4.27
C LEU B 220 -0.63 10.94 4.74
N PHE B 221 -1.78 10.29 4.54
CA PHE B 221 -2.00 8.90 4.94
C PHE B 221 -2.06 7.95 3.75
N ARG B 222 -1.57 6.73 3.95
CA ARG B 222 -1.61 5.73 2.90
C ARG B 222 -3.08 5.45 2.56
N PRO B 223 -3.43 5.49 1.26
CA PRO B 223 -4.81 5.26 0.79
C PRO B 223 -5.14 3.77 0.76
N ARG B 224 -6.38 3.44 0.42
CA ARG B 224 -6.78 2.03 0.36
C ARG B 224 -6.28 1.34 -0.92
N SER B 225 -5.74 2.13 -1.84
CA SER B 225 -5.18 1.60 -3.07
C SER B 225 -3.81 2.27 -3.17
N THR B 226 -2.77 1.47 -3.37
CA THR B 226 -1.41 1.98 -3.39
C THR B 226 -0.64 1.99 -4.71
N GLY B 227 -1.25 1.50 -5.78
CA GLY B 227 -0.57 1.49 -7.07
C GLY B 227 -0.95 2.74 -7.86
N GLU B 228 -1.58 2.55 -9.02
CA GLU B 228 -2.01 3.70 -9.82
C GLU B 228 -3.06 4.44 -9.02
N ALA B 229 -3.93 3.68 -8.34
CA ALA B 229 -5.01 4.27 -7.57
C ALA B 229 -4.58 5.02 -6.32
N ALA B 230 -3.28 5.22 -6.16
CA ALA B 230 -2.78 5.98 -5.03
C ALA B 230 -3.28 7.41 -5.32
N GLY B 231 -3.63 7.65 -6.58
CA GLY B 231 -4.13 8.96 -6.97
C GLY B 231 -5.63 9.11 -6.80
N ARG B 232 -6.32 8.03 -6.45
CA ARG B 232 -7.77 8.10 -6.24
C ARG B 232 -8.06 8.39 -4.78
N THR B 233 -7.96 9.65 -4.39
CA THR B 233 -8.25 10.06 -3.03
C THR B 233 -9.65 10.65 -3.11
N TRP B 234 -10.45 10.52 -2.06
CA TRP B 234 -11.77 11.11 -2.13
C TRP B 234 -11.62 12.62 -2.27
N TYR B 235 -10.84 13.21 -1.36
CA TYR B 235 -10.65 14.65 -1.43
C TYR B 235 -9.64 15.02 -2.50
N ALA B 236 -9.54 16.31 -2.79
CA ALA B 236 -8.63 16.82 -3.83
C ALA B 236 -7.17 16.44 -3.62
N ILE B 237 -6.66 15.63 -4.52
CA ILE B 237 -5.27 15.21 -4.45
C ILE B 237 -4.38 16.42 -4.71
N PHE B 238 -4.96 17.46 -5.31
CA PHE B 238 -4.23 18.68 -5.63
C PHE B 238 -3.92 19.53 -4.40
N ASP B 239 -4.63 19.29 -3.30
CA ASP B 239 -4.41 20.05 -2.08
C ASP B 239 -3.48 19.28 -1.15
N THR B 240 -2.31 19.85 -0.88
CA THR B 240 -1.30 19.17 -0.07
C THR B 240 -0.87 19.90 1.20
N GLY B 241 -1.78 20.65 1.80
CA GLY B 241 -1.47 21.37 3.04
C GLY B 241 -0.48 22.51 2.93
N SER B 242 -0.40 23.14 1.76
CA SER B 242 0.54 24.25 1.57
C SER B 242 0.25 25.41 2.52
N GLY B 243 -1.03 25.80 2.60
CA GLY B 243 -1.40 26.88 3.48
C GLY B 243 -1.03 26.59 4.92
N TYR B 244 -1.31 25.37 5.36
CA TYR B 244 -1.00 24.96 6.72
C TYR B 244 0.50 25.13 6.99
N TYR B 245 1.32 24.60 6.09
CA TYR B 245 2.76 24.70 6.24
C TYR B 245 3.27 26.13 6.33
N MET B 246 2.99 26.94 5.31
CA MET B 246 3.51 28.31 5.30
C MET B 246 2.99 29.14 6.44
N GLY B 247 1.72 28.96 6.80
CA GLY B 247 1.16 29.73 7.89
C GLY B 247 1.73 29.32 9.23
N LEU B 248 1.85 28.02 9.47
CA LEU B 248 2.38 27.58 10.76
C LEU B 248 3.85 27.98 10.87
N LYS B 249 4.59 27.94 9.76
CA LYS B 249 5.99 28.34 9.81
C LYS B 249 6.11 29.82 10.19
N ALA B 250 5.16 30.63 9.71
CA ALA B 250 5.16 32.05 10.00
C ALA B 250 4.76 32.35 11.44
N GLY B 251 4.25 31.34 12.14
CA GLY B 251 3.84 31.53 13.52
C GLY B 251 2.36 31.74 13.72
N ALA B 252 1.57 31.50 12.67
CA ALA B 252 0.12 31.65 12.78
C ALA B 252 -0.37 30.42 13.53
N MET B 253 -1.24 30.63 14.52
CA MET B 253 -1.74 29.54 15.32
C MET B 253 -2.75 28.63 14.63
N LEU B 254 -2.62 27.33 14.88
CA LEU B 254 -3.52 26.33 14.32
C LEU B 254 -4.56 25.99 15.38
N THR B 255 -5.70 25.45 14.94
CA THR B 255 -6.73 25.04 15.86
C THR B 255 -7.38 23.74 15.38
N GLN B 256 -7.77 22.91 16.34
CA GLN B 256 -8.45 21.65 16.02
C GLN B 256 -7.76 20.84 14.94
N PHE B 257 -6.44 20.89 14.90
CA PHE B 257 -5.71 20.15 13.87
C PHE B 257 -5.82 18.65 14.05
N GLU B 258 -6.31 18.22 15.21
CA GLU B 258 -6.48 16.81 15.48
C GLU B 258 -7.78 16.36 14.81
N HIS B 259 -8.66 17.31 14.53
CA HIS B 259 -9.95 16.98 13.93
C HIS B 259 -9.90 16.73 12.43
N ARG B 260 -9.49 15.53 12.06
CA ARG B 260 -9.42 15.13 10.66
C ARG B 260 -10.84 14.78 10.22
N PHE B 261 -10.97 14.37 8.97
CA PHE B 261 -12.26 13.94 8.46
C PHE B 261 -12.07 12.60 7.75
N ILE B 262 -12.90 11.64 8.11
CA ILE B 262 -12.87 10.30 7.50
C ILE B 262 -14.18 10.18 6.74
N PRO B 263 -14.11 10.20 5.40
CA PRO B 263 -15.35 10.09 4.63
C PRO B 263 -15.77 8.65 4.36
N PHE B 264 -17.06 8.39 4.53
CA PHE B 264 -17.62 7.07 4.23
C PHE B 264 -18.10 7.25 2.80
N ARG B 265 -17.56 6.47 1.87
CA ARG B 265 -17.94 6.60 0.48
C ARG B 265 -18.02 5.26 -0.21
N PHE B 266 -18.41 5.27 -1.49
CA PHE B 266 -18.45 4.03 -2.25
C PHE B 266 -17.01 3.53 -2.30
N LYS B 267 -16.84 2.23 -2.12
CA LYS B 267 -15.50 1.66 -2.08
C LYS B 267 -14.67 1.80 -3.35
N ASP B 268 -13.38 2.06 -3.15
CA ASP B 268 -12.38 2.19 -4.21
C ASP B 268 -12.49 3.42 -5.10
N GLY B 269 -13.66 3.67 -5.66
CA GLY B 269 -13.82 4.84 -6.51
C GLY B 269 -14.11 6.08 -5.68
N TYR B 270 -14.62 5.85 -4.47
CA TYR B 270 -14.96 6.91 -3.52
C TYR B 270 -16.04 7.86 -3.98
N GLY B 271 -17.01 7.33 -4.71
CA GLY B 271 -18.13 8.12 -5.16
C GLY B 271 -18.90 8.66 -3.97
N PRO B 272 -19.66 9.75 -4.14
CA PRO B 272 -20.45 10.37 -3.08
C PRO B 272 -21.60 9.53 -2.56
N VAL B 273 -21.93 9.70 -1.29
CA VAL B 273 -23.04 8.97 -0.68
C VAL B 273 -24.14 9.93 -0.22
N GLY B 274 -23.81 11.22 -0.12
CA GLY B 274 -24.79 12.20 0.30
C GLY B 274 -26.13 12.13 -0.42
N ALA B 275 -26.10 12.16 -1.74
CA ALA B 275 -27.33 12.10 -2.52
C ALA B 275 -28.03 10.76 -2.34
N TRP B 276 -27.25 9.67 -2.33
CA TRP B 276 -27.84 8.35 -2.16
C TRP B 276 -28.58 8.21 -0.83
N PHE B 277 -27.99 8.71 0.24
CA PHE B 277 -28.60 8.64 1.56
C PHE B 277 -29.79 9.60 1.71
N LEU B 278 -29.55 10.87 1.39
CA LEU B 278 -30.55 11.91 1.55
C LEU B 278 -31.62 12.05 0.48
N PHE B 279 -31.22 11.93 -0.79
CA PHE B 279 -32.17 12.06 -1.88
C PHE B 279 -32.82 10.75 -2.32
N PHE B 280 -32.02 9.73 -2.54
CA PHE B 280 -32.55 8.44 -2.97
C PHE B 280 -33.01 7.54 -1.82
N LYS B 281 -32.80 7.99 -0.57
CA LYS B 281 -33.19 7.24 0.61
C LYS B 281 -32.58 5.85 0.61
N CYS B 282 -31.30 5.78 0.23
CA CYS B 282 -30.59 4.51 0.17
C CYS B 282 -30.23 4.00 1.56
N LYS B 283 -30.28 2.68 1.74
CA LYS B 283 -29.94 2.07 3.02
C LYS B 283 -28.55 1.45 2.95
N ALA B 284 -27.84 1.49 4.07
CA ALA B 284 -26.51 0.91 4.15
C ALA B 284 -26.66 -0.30 5.07
N LYS B 285 -26.19 -1.45 4.61
CA LYS B 285 -26.30 -2.68 5.38
C LYS B 285 -25.00 -3.46 5.38
N ASN B 286 -24.80 -4.29 6.41
CA ASN B 286 -23.59 -5.10 6.48
C ASN B 286 -23.79 -6.33 5.60
N ALA B 287 -22.80 -7.23 5.59
CA ALA B 287 -22.87 -8.42 4.75
C ALA B 287 -24.07 -9.33 5.01
N TYR B 288 -24.72 -9.15 6.17
CA TYR B 288 -25.86 -9.98 6.52
C TYR B 288 -27.19 -9.24 6.46
N GLY B 289 -27.25 -8.22 5.61
CA GLY B 289 -28.48 -7.45 5.45
C GLY B 289 -28.93 -6.64 6.64
N GLU B 290 -28.03 -6.44 7.61
CA GLU B 290 -28.38 -5.67 8.79
C GLU B 290 -28.15 -4.18 8.61
N GLU B 291 -29.17 -3.39 8.92
CA GLU B 291 -29.08 -1.94 8.83
C GLU B 291 -28.44 -1.49 10.14
N TYR B 292 -27.13 -1.35 10.14
CA TYR B 292 -26.38 -0.99 11.34
C TYR B 292 -26.70 0.35 11.99
N ILE B 293 -27.29 1.29 11.25
CA ILE B 293 -27.62 2.57 11.86
C ILE B 293 -28.67 2.28 12.94
N LYS B 294 -29.38 1.16 12.76
CA LYS B 294 -30.40 0.75 13.72
C LYS B 294 -29.89 -0.26 14.72
N THR B 295 -29.16 -1.27 14.25
CA THR B 295 -28.62 -2.30 15.14
C THR B 295 -27.52 -1.77 16.05
N ARG B 296 -26.91 -0.65 15.69
CA ARG B 296 -25.84 -0.06 16.50
C ARG B 296 -26.31 1.23 17.18
N ALA B 297 -27.62 1.42 17.26
CA ALA B 297 -28.17 2.62 17.88
C ALA B 297 -27.83 2.72 19.36
N ALA B 298 -27.85 1.59 20.06
CA ALA B 298 -27.56 1.57 21.47
C ALA B 298 -26.17 2.11 21.81
N GLU B 299 -25.19 1.79 20.97
CA GLU B 299 -23.82 2.24 21.18
C GLU B 299 -23.66 3.75 21.19
N LEU B 300 -24.67 4.47 20.72
CA LEU B 300 -24.58 5.93 20.67
C LEU B 300 -25.18 6.59 21.90
N GLU B 301 -25.94 5.83 22.68
CA GLU B 301 -26.60 6.37 23.88
C GLU B 301 -25.63 6.95 24.91
N LYS B 302 -24.41 6.42 24.96
CA LYS B 302 -23.43 6.91 25.93
C LYS B 302 -23.01 8.35 25.65
N TYR B 303 -23.17 8.78 24.39
CA TYR B 303 -22.80 10.15 24.03
C TYR B 303 -23.99 11.07 24.25
N LYS B 304 -23.84 11.97 25.21
CA LYS B 304 -24.92 12.89 25.57
C LYS B 304 -24.54 14.36 25.42
N PRO B 305 -25.36 15.13 24.69
CA PRO B 305 -26.59 14.68 24.04
C PRO B 305 -26.35 14.27 22.59
N TYR B 306 -25.09 14.32 22.17
CA TYR B 306 -24.70 14.01 20.79
C TYR B 306 -25.33 12.76 20.17
N GLY B 307 -25.38 11.67 20.92
CA GLY B 307 -25.94 10.44 20.40
C GLY B 307 -27.43 10.46 20.08
N ALA B 308 -28.14 11.44 20.63
CA ALA B 308 -29.58 11.55 20.39
C ALA B 308 -29.91 12.66 19.40
N ALA B 309 -28.88 13.28 18.83
CA ALA B 309 -29.10 14.36 17.87
C ALA B 309 -29.60 13.82 16.54
N GLN B 310 -30.31 14.66 15.80
CA GLN B 310 -30.83 14.31 14.49
C GLN B 310 -30.52 15.43 13.50
N PRO B 311 -29.77 15.10 12.43
CA PRO B 311 -29.25 13.75 12.17
C PRO B 311 -28.12 13.38 13.13
N ILE B 312 -27.79 12.09 13.15
CA ILE B 312 -26.70 11.59 14.00
C ILE B 312 -25.42 12.27 13.53
N PRO B 313 -24.59 12.77 14.47
CA PRO B 313 -23.33 13.42 14.11
C PRO B 313 -22.51 12.54 13.18
N THR B 314 -21.89 13.15 12.18
CA THR B 314 -21.11 12.41 11.21
C THR B 314 -20.11 11.42 11.82
N PRO B 315 -19.30 11.85 12.80
CA PRO B 315 -18.35 10.89 13.36
C PRO B 315 -19.05 9.67 13.98
N LEU B 316 -20.19 9.88 14.63
CA LEU B 316 -20.91 8.77 15.24
C LEU B 316 -21.49 7.85 14.16
N ARG B 317 -21.84 8.40 13.01
CA ARG B 317 -22.35 7.57 11.92
C ARG B 317 -21.19 6.66 11.51
N ASN B 318 -19.99 7.23 11.45
CA ASN B 318 -18.79 6.48 11.09
C ASN B 318 -18.50 5.42 12.15
N HIS B 319 -18.68 5.79 13.41
CA HIS B 319 -18.43 4.88 14.52
C HIS B 319 -19.24 3.59 14.38
N GLN B 320 -20.49 3.72 13.96
CA GLN B 320 -21.34 2.55 13.79
C GLN B 320 -20.79 1.62 12.72
N VAL B 321 -20.28 2.19 11.64
CA VAL B 321 -19.75 1.33 10.59
C VAL B 321 -18.37 0.78 11.00
N MET B 322 -17.68 1.48 11.89
CA MET B 322 -16.35 1.01 12.36
C MET B 322 -16.57 -0.22 13.21
N LEU B 323 -17.64 -0.20 14.00
CA LEU B 323 -17.96 -1.34 14.85
C LEU B 323 -18.23 -2.58 13.99
N GLU B 324 -18.93 -2.38 12.88
CA GLU B 324 -19.24 -3.47 11.95
C GLU B 324 -17.95 -4.00 11.33
N ILE B 325 -17.05 -3.09 10.98
CA ILE B 325 -15.78 -3.48 10.39
C ILE B 325 -14.93 -4.24 11.40
N MET B 326 -14.90 -3.77 12.64
CA MET B 326 -14.14 -4.43 13.69
C MET B 326 -14.69 -5.83 13.97
N ASP B 327 -15.99 -6.00 13.84
CA ASP B 327 -16.62 -7.30 14.06
C ASP B 327 -16.41 -8.21 12.85
N GLY B 328 -16.00 -7.60 11.74
CA GLY B 328 -15.77 -8.36 10.52
C GLY B 328 -17.03 -8.67 9.73
N ASN B 329 -17.97 -7.74 9.73
CA ASN B 329 -19.23 -7.93 9.01
C ASN B 329 -19.27 -7.29 7.63
N GLN B 330 -18.32 -7.09 6.76
CA GLN B 330 -18.17 -6.59 5.39
C GLN B 330 -18.35 -7.78 4.47
N PRO B 331 -18.65 -7.40 3.44
CA PRO B 331 -18.73 -6.05 2.88
C PRO B 331 -19.90 -5.23 3.39
N ILE B 332 -19.74 -3.91 3.37
CA ILE B 332 -20.81 -3.00 3.76
C ILE B 332 -21.37 -2.55 2.41
N TYR B 333 -22.69 -2.62 2.25
CA TYR B 333 -23.32 -2.24 0.99
C TYR B 333 -24.25 -1.05 1.00
N MET B 334 -24.24 -0.31 -0.11
CA MET B 334 -25.15 0.80 -0.32
C MET B 334 -26.15 0.11 -1.26
N HIS B 335 -27.35 -0.14 -0.77
CA HIS B 335 -28.35 -0.82 -1.59
C HIS B 335 -29.11 0.06 -2.58
N THR B 336 -28.37 0.50 -3.58
CA THR B 336 -28.91 1.37 -4.64
C THR B 336 -30.06 0.70 -5.38
N GLU B 337 -29.99 -0.62 -5.53
CA GLU B 337 -31.02 -1.36 -6.24
C GLU B 337 -32.36 -1.24 -5.53
N GLU B 338 -32.34 -1.39 -4.21
CA GLU B 338 -33.55 -1.30 -3.42
C GLU B 338 -34.02 0.15 -3.31
N ALA B 339 -33.08 1.08 -3.34
CA ALA B 339 -33.41 2.50 -3.25
C ALA B 339 -34.16 2.97 -4.50
N LEU B 340 -33.67 2.57 -5.67
CA LEU B 340 -34.30 2.96 -6.93
C LEU B 340 -35.66 2.31 -7.11
N ALA B 341 -35.77 1.04 -6.74
CA ALA B 341 -37.03 0.32 -6.87
C ALA B 341 -38.10 0.95 -6.00
N GLU B 342 -37.74 1.26 -4.75
CA GLU B 342 -38.68 1.85 -3.81
C GLU B 342 -39.07 3.27 -4.19
N LEU B 343 -38.15 4.03 -4.77
CA LEU B 343 -38.44 5.41 -5.16
C LEU B 343 -39.32 5.44 -6.41
N ALA B 344 -39.06 4.56 -7.36
CA ALA B 344 -39.83 4.51 -8.60
C ALA B 344 -41.25 4.02 -8.36
N GLY B 345 -41.40 3.10 -7.41
CA GLY B 345 -42.72 2.57 -7.09
C GLY B 345 -43.43 1.80 -8.18
N GLY B 346 -42.68 1.13 -9.05
CA GLY B 346 -43.30 0.35 -10.12
C GLY B 346 -43.48 1.11 -11.42
N ASP B 347 -43.31 2.43 -11.38
CA ASP B 347 -43.44 3.27 -12.56
C ASP B 347 -42.13 3.21 -13.34
N LYS B 348 -42.14 2.51 -14.46
CA LYS B 348 -40.93 2.38 -15.27
C LYS B 348 -40.37 3.70 -15.78
N LYS B 349 -41.24 4.65 -16.12
CA LYS B 349 -40.76 5.94 -16.59
C LYS B 349 -40.08 6.70 -15.45
N LYS B 350 -40.65 6.57 -14.25
CA LYS B 350 -40.10 7.21 -13.07
C LYS B 350 -38.74 6.59 -12.79
N LEU B 351 -38.65 5.27 -12.96
CA LEU B 351 -37.39 4.56 -12.72
C LEU B 351 -36.30 5.07 -13.66
N LYS B 352 -36.64 5.24 -14.93
CA LYS B 352 -35.68 5.73 -15.91
C LYS B 352 -35.17 7.12 -15.53
N HIS B 353 -36.06 7.96 -15.02
CA HIS B 353 -35.69 9.32 -14.63
C HIS B 353 -34.70 9.33 -13.47
N ILE B 354 -35.02 8.60 -12.40
CA ILE B 354 -34.14 8.57 -11.24
C ILE B 354 -32.83 7.82 -11.53
N TYR B 355 -32.88 6.92 -12.51
CA TYR B 355 -31.71 6.16 -12.92
C TYR B 355 -30.71 7.15 -13.54
N GLU B 356 -31.23 8.06 -14.36
CA GLU B 356 -30.40 9.06 -15.01
C GLU B 356 -29.85 10.02 -13.94
N GLU B 357 -30.66 10.31 -12.93
CA GLU B 357 -30.24 11.19 -11.84
C GLU B 357 -29.13 10.53 -11.04
N ALA B 358 -29.24 9.21 -10.87
CA ALA B 358 -28.23 8.45 -10.13
C ALA B 358 -26.89 8.55 -10.82
N PHE B 359 -26.88 8.35 -12.14
CA PHE B 359 -25.63 8.43 -12.87
C PHE B 359 -25.08 9.85 -12.93
N GLU B 360 -25.97 10.85 -12.99
CA GLU B 360 -25.49 12.23 -13.01
C GLU B 360 -24.78 12.54 -11.69
N ASP B 361 -25.29 11.98 -10.60
CA ASP B 361 -24.69 12.23 -9.28
C ASP B 361 -23.19 11.92 -9.32
N PHE B 362 -22.81 10.91 -10.10
CA PHE B 362 -21.41 10.52 -10.21
C PHE B 362 -20.68 11.20 -11.38
N LEU B 363 -21.34 11.28 -12.53
CA LEU B 363 -20.71 11.88 -13.71
C LEU B 363 -20.46 13.39 -13.58
N ASP B 364 -21.14 14.02 -12.62
CA ASP B 364 -20.98 15.46 -12.38
C ASP B 364 -19.98 15.70 -11.25
N MET B 365 -19.38 14.65 -10.71
CA MET B 365 -18.52 14.87 -9.54
C MET B 365 -17.37 13.90 -9.26
N THR B 366 -17.57 12.62 -9.53
CA THR B 366 -16.52 11.63 -9.31
C THR B 366 -16.75 10.54 -10.34
N VAL B 367 -16.34 10.84 -11.57
CA VAL B 367 -16.50 9.95 -12.68
C VAL B 367 -15.94 8.56 -12.43
N SER B 368 -14.85 8.48 -11.66
CA SER B 368 -14.23 7.19 -11.34
C SER B 368 -15.22 6.18 -10.79
N GLN B 369 -16.24 6.63 -10.08
CA GLN B 369 -17.20 5.70 -9.53
C GLN B 369 -18.07 5.11 -10.64
N ALA B 370 -18.42 5.93 -11.62
CA ALA B 370 -19.23 5.44 -12.74
C ALA B 370 -18.33 4.52 -13.57
N LEU B 371 -17.07 4.87 -13.67
CA LEU B 371 -16.11 4.06 -14.43
C LEU B 371 -15.91 2.72 -13.74
N LEU B 372 -15.91 2.73 -12.41
CA LEU B 372 -15.73 1.50 -11.63
C LEU B 372 -16.92 0.59 -11.92
N TRP B 373 -18.12 1.14 -11.84
CA TRP B 373 -19.34 0.39 -12.12
C TRP B 373 -19.26 -0.24 -13.52
N ALA B 374 -18.81 0.55 -14.48
CA ALA B 374 -18.71 0.06 -15.86
C ALA B 374 -17.70 -1.07 -16.00
N CYS B 375 -16.55 -0.92 -15.35
CA CYS B 375 -15.50 -1.94 -15.43
C CYS B 375 -15.87 -3.22 -14.68
N GLN B 376 -16.64 -3.09 -13.60
CA GLN B 376 -17.04 -4.23 -12.79
C GLN B 376 -18.44 -4.75 -13.10
N ASN B 377 -19.02 -4.25 -14.18
CA ASN B 377 -20.37 -4.64 -14.60
C ASN B 377 -21.42 -4.52 -13.50
N ILE B 378 -21.38 -3.41 -12.78
CA ILE B 378 -22.34 -3.18 -11.70
C ILE B 378 -23.41 -2.21 -12.19
N ASP B 379 -24.65 -2.71 -12.27
CA ASP B 379 -25.79 -1.90 -12.68
C ASP B 379 -26.49 -1.56 -11.36
N PRO B 380 -26.44 -0.29 -10.94
CA PRO B 380 -27.07 0.13 -9.68
C PRO B 380 -28.54 -0.22 -9.48
N GLN B 381 -29.27 -0.50 -10.56
CA GLN B 381 -30.67 -0.85 -10.43
C GLN B 381 -30.82 -2.34 -10.14
N GLU B 382 -29.74 -3.10 -10.33
CA GLU B 382 -29.79 -4.54 -10.11
C GLU B 382 -29.00 -5.04 -8.91
N GLN B 383 -27.79 -4.52 -8.71
CA GLN B 383 -26.99 -4.95 -7.58
C GLN B 383 -26.44 -3.79 -6.77
N PRO B 384 -26.24 -4.00 -5.46
CA PRO B 384 -25.71 -2.98 -4.56
C PRO B 384 -24.22 -2.74 -4.79
N SER B 385 -23.70 -1.68 -4.16
CA SER B 385 -22.28 -1.34 -4.28
C SER B 385 -21.67 -1.36 -2.89
N GLU B 386 -20.42 -1.78 -2.82
CA GLU B 386 -19.71 -1.82 -1.55
C GLU B 386 -19.28 -0.41 -1.19
N ALA B 387 -19.23 -0.13 0.10
CA ALA B 387 -18.82 1.18 0.60
C ALA B 387 -17.84 0.97 1.73
N ALA B 388 -17.03 1.99 2.01
CA ALA B 388 -16.05 1.90 3.08
C ALA B 388 -15.49 3.26 3.44
N PRO B 389 -14.97 3.40 4.67
CA PRO B 389 -14.42 4.70 5.06
C PRO B 389 -13.03 4.80 4.42
N ALA B 390 -12.67 5.98 3.92
CA ALA B 390 -11.36 6.15 3.30
C ALA B 390 -10.34 6.54 4.37
N GLU B 391 -9.13 6.86 3.95
CA GLU B 391 -8.09 7.27 4.89
C GLU B 391 -8.38 8.70 5.34
N PRO B 392 -7.67 9.20 6.37
CA PRO B 392 -7.87 10.55 6.88
C PRO B 392 -7.43 11.69 5.96
N TYR B 393 -8.17 12.79 6.01
CA TYR B 393 -7.85 14.00 5.26
C TYR B 393 -7.87 15.15 6.26
N ILE B 394 -7.00 16.13 6.07
CA ILE B 394 -6.93 17.27 6.98
C ILE B 394 -7.44 18.51 6.25
N MET B 395 -8.62 19.00 6.64
CA MET B 395 -9.21 20.19 6.01
C MET B 395 -10.31 20.77 6.88
N GLY B 396 -10.58 22.06 6.68
CA GLY B 396 -11.59 22.70 7.50
C GLY B 396 -12.86 23.14 6.80
N SER B 397 -13.03 22.82 5.52
CA SER B 397 -14.25 23.27 4.82
C SER B 397 -15.39 22.27 4.81
N HIS B 398 -15.07 21.01 5.00
CA HIS B 398 -16.05 19.93 4.95
C HIS B 398 -16.51 19.52 6.35
N SER B 399 -16.44 18.23 6.68
CA SER B 399 -16.87 17.78 7.99
C SER B 399 -15.75 17.77 9.02
N GLY B 400 -14.58 18.25 8.62
CA GLY B 400 -13.45 18.34 9.53
C GLY B 400 -13.23 19.83 9.76
N GLU B 401 -12.66 20.20 10.91
CA GLU B 401 -12.44 21.62 11.19
C GLU B 401 -10.99 22.01 11.45
N ALA B 402 -10.06 21.25 10.88
CA ALA B 402 -8.64 21.54 11.06
C ALA B 402 -8.25 22.76 10.22
N GLY B 403 -7.54 23.69 10.83
CA GLY B 403 -7.12 24.89 10.11
C GLY B 403 -6.56 25.94 11.04
N PHE B 404 -6.40 27.16 10.55
CA PHE B 404 -5.87 28.22 11.41
C PHE B 404 -6.94 28.80 12.32
N TRP B 405 -6.50 29.28 13.47
CA TRP B 405 -7.37 29.92 14.44
C TRP B 405 -7.56 31.31 13.84
N VAL B 406 -8.80 31.64 13.46
CA VAL B 406 -9.05 32.94 12.85
C VAL B 406 -10.07 33.78 13.61
N CYS B 407 -9.94 35.09 13.45
CA CYS B 407 -10.81 36.04 14.11
C CYS B 407 -12.20 36.07 13.48
N GLY B 408 -13.20 36.38 14.29
CA GLY B 408 -14.56 36.46 13.79
C GLY B 408 -15.06 37.89 13.67
N PRO B 409 -16.31 38.07 13.22
CA PRO B 409 -16.90 39.41 13.06
C PRO B 409 -17.11 40.08 14.40
N GLU B 410 -16.96 41.40 14.42
CA GLU B 410 -17.11 42.20 15.62
C GLU B 410 -18.45 41.99 16.34
N ASP B 411 -19.52 41.78 15.58
CA ASP B 411 -20.84 41.61 16.19
C ASP B 411 -21.19 40.24 16.74
N LEU B 412 -20.38 39.22 16.44
CA LEU B 412 -20.66 37.87 16.93
C LEU B 412 -19.56 37.27 17.80
N MET B 413 -18.31 37.58 17.51
CA MET B 413 -17.20 37.01 18.29
C MET B 413 -17.15 37.48 19.73
N PRO B 414 -17.21 36.54 20.69
CA PRO B 414 -17.15 36.88 22.10
C PRO B 414 -15.71 37.18 22.53
N GLU B 415 -15.56 37.94 23.62
CA GLU B 415 -14.23 38.27 24.10
C GLU B 415 -13.39 37.02 24.35
N GLU B 416 -14.04 35.93 24.74
CA GLU B 416 -13.35 34.67 25.00
C GLU B 416 -12.51 34.22 23.81
N TYR B 417 -12.96 34.54 22.60
CA TYR B 417 -12.28 34.14 21.37
C TYR B 417 -11.39 35.18 20.72
N ALA B 418 -11.33 36.39 21.29
CA ALA B 418 -10.55 37.46 20.69
C ALA B 418 -9.14 37.65 21.26
N LYS B 419 -8.89 37.03 22.41
CA LYS B 419 -7.61 37.16 23.10
C LYS B 419 -6.30 36.99 22.31
N LEU B 420 -6.26 36.01 21.41
CA LEU B 420 -5.02 35.75 20.67
C LEU B 420 -4.79 36.54 19.39
N PHE B 421 -5.69 37.44 19.04
CA PHE B 421 -5.55 38.22 17.81
C PHE B 421 -5.07 39.66 18.06
N PRO B 422 -3.87 39.99 17.55
CA PRO B 422 -3.30 41.34 17.72
C PRO B 422 -4.21 42.38 17.06
N LEU B 423 -4.81 42.00 15.94
CA LEU B 423 -5.73 42.87 15.20
C LEU B 423 -7.01 42.08 14.97
N LYS B 424 -8.15 42.70 15.26
CA LYS B 424 -9.44 42.02 15.14
C LYS B 424 -10.14 42.12 13.79
N TYR B 425 -9.55 41.59 12.74
CA TYR B 425 -10.18 41.62 11.43
C TYR B 425 -10.73 40.24 11.11
N ASN B 426 -11.93 40.21 10.54
CA ASN B 426 -12.61 38.95 10.20
C ASN B 426 -11.77 38.01 9.35
N ARG B 427 -11.55 36.81 9.89
CA ARG B 427 -10.76 35.75 9.25
C ARG B 427 -9.25 35.96 9.25
N MET B 428 -8.77 36.94 10.01
CA MET B 428 -7.33 37.15 10.09
C MET B 428 -6.80 36.13 11.10
N THR B 429 -5.61 35.62 10.84
CA THR B 429 -4.95 34.64 11.73
C THR B 429 -4.31 35.44 12.85
N THR B 430 -3.49 34.78 13.67
CA THR B 430 -2.82 35.48 14.77
C THR B 430 -1.61 36.26 14.24
N VAL B 431 -1.28 36.04 12.98
CA VAL B 431 -0.19 36.77 12.33
C VAL B 431 -0.86 37.96 11.63
N LYS B 432 -0.43 39.16 11.97
CA LYS B 432 -1.04 40.36 11.39
C LYS B 432 -0.92 40.42 9.86
N GLY B 433 -2.05 40.71 9.22
CA GLY B 433 -2.07 40.81 7.77
C GLY B 433 -2.28 39.49 7.06
N LEU B 434 -2.23 38.40 7.81
CA LEU B 434 -2.40 37.06 7.23
C LEU B 434 -3.78 36.49 7.53
N PHE B 435 -4.54 36.21 6.46
CA PHE B 435 -5.88 35.64 6.58
C PHE B 435 -5.90 34.19 6.12
N ALA B 436 -6.93 33.45 6.53
CA ALA B 436 -7.07 32.05 6.13
C ALA B 436 -8.54 31.80 5.81
N ILE B 437 -8.79 31.09 4.71
CA ILE B 437 -10.16 30.82 4.27
C ILE B 437 -10.34 29.42 3.70
N GLY B 438 -11.60 29.00 3.58
CA GLY B 438 -11.90 27.68 3.06
C GLY B 438 -11.29 26.63 3.95
N ASP B 439 -10.64 25.64 3.36
CA ASP B 439 -10.01 24.58 4.14
C ASP B 439 -8.97 25.13 5.12
N CYS B 440 -8.38 26.27 4.80
CA CYS B 440 -7.36 26.85 5.67
C CYS B 440 -7.85 27.49 6.96
N ALA B 441 -9.13 27.82 7.02
CA ALA B 441 -9.68 28.41 8.24
C ALA B 441 -10.30 27.30 9.09
N GLY B 442 -9.79 27.14 10.30
CA GLY B 442 -10.30 26.08 11.15
C GLY B 442 -11.45 26.48 12.06
N ALA B 443 -11.98 25.49 12.77
CA ALA B 443 -13.06 25.66 13.73
C ALA B 443 -14.40 26.15 13.19
N ASN B 444 -14.58 26.19 11.87
CA ASN B 444 -15.88 26.57 11.32
C ASN B 444 -16.10 25.77 10.03
N PRO B 445 -16.48 24.49 10.20
CA PRO B 445 -16.74 23.52 9.15
C PRO B 445 -18.10 23.63 8.48
N HIS B 446 -18.39 22.66 7.61
CA HIS B 446 -19.63 22.58 6.87
C HIS B 446 -19.84 23.75 5.92
N LYS B 447 -18.74 24.31 5.44
CA LYS B 447 -18.80 25.42 4.49
C LYS B 447 -19.01 24.88 3.09
N PHE B 448 -18.24 23.84 2.74
CA PHE B 448 -18.33 23.22 1.43
C PHE B 448 -18.09 24.24 0.31
N SER B 449 -18.64 23.99 -0.88
CA SER B 449 -18.40 24.91 -1.99
C SER B 449 -18.91 26.33 -1.75
N SER B 450 -20.21 26.47 -1.51
CA SER B 450 -20.80 27.78 -1.30
C SER B 450 -20.19 28.48 -0.09
N GLY B 451 -20.05 27.75 1.01
CA GLY B 451 -19.51 28.34 2.22
C GLY B 451 -18.05 28.75 2.12
N SER B 452 -17.26 28.02 1.34
CA SER B 452 -15.86 28.36 1.18
C SER B 452 -15.72 29.61 0.34
N PHE B 453 -16.48 29.69 -0.75
CA PHE B 453 -16.44 30.86 -1.61
C PHE B 453 -16.86 32.05 -0.75
N THR B 454 -17.87 31.84 0.08
CA THR B 454 -18.36 32.90 0.96
C THR B 454 -17.33 33.35 1.98
N GLU B 455 -16.64 32.42 2.62
CA GLU B 455 -15.63 32.79 3.60
C GLU B 455 -14.53 33.59 2.92
N GLY B 456 -14.26 33.28 1.66
CA GLY B 456 -13.25 34.01 0.91
C GLY B 456 -13.71 35.45 0.74
N ARG B 457 -15.00 35.63 0.44
CA ARG B 457 -15.56 36.97 0.27
C ARG B 457 -15.41 37.75 1.57
N ILE B 458 -15.73 37.09 2.68
CA ILE B 458 -15.64 37.74 3.99
C ILE B 458 -14.22 38.21 4.31
N ALA B 459 -13.24 37.32 4.10
CA ALA B 459 -11.84 37.67 4.37
C ALA B 459 -11.37 38.80 3.46
N ALA B 460 -11.80 38.76 2.21
CA ALA B 460 -11.42 39.76 1.22
C ALA B 460 -11.86 41.16 1.62
N LYS B 461 -13.11 41.28 2.05
CA LYS B 461 -13.57 42.60 2.47
C LYS B 461 -12.81 43.05 3.69
N ALA B 462 -12.56 42.11 4.61
CA ALA B 462 -11.83 42.44 5.84
C ALA B 462 -10.40 42.86 5.52
N ALA B 463 -9.82 42.26 4.49
CA ALA B 463 -8.45 42.59 4.09
C ALA B 463 -8.39 44.01 3.55
N VAL B 464 -9.40 44.41 2.80
CA VAL B 464 -9.43 45.77 2.26
C VAL B 464 -9.59 46.74 3.43
N ARG B 465 -10.47 46.40 4.36
CA ARG B 465 -10.70 47.23 5.53
C ARG B 465 -9.42 47.34 6.36
N PHE B 466 -8.71 46.23 6.50
CA PHE B 466 -7.45 46.20 7.25
C PHE B 466 -6.42 47.13 6.62
N ILE B 467 -6.28 47.04 5.30
CA ILE B 467 -5.31 47.88 4.59
C ILE B 467 -5.63 49.36 4.69
N LEU B 468 -6.88 49.72 4.45
CA LEU B 468 -7.29 51.11 4.50
C LEU B 468 -7.27 51.69 5.92
N GLU B 469 -7.55 50.85 6.91
CA GLU B 469 -7.57 51.33 8.29
C GLU B 469 -6.20 51.35 8.97
N GLN B 470 -5.45 50.25 8.84
CA GLN B 470 -4.13 50.14 9.47
C GLN B 470 -3.00 50.66 8.60
N LYS B 471 -3.26 50.79 7.30
CA LYS B 471 -2.25 51.23 6.35
C LYS B 471 -0.95 50.46 6.54
N PRO B 472 -1.04 49.12 6.47
CA PRO B 472 0.14 48.26 6.63
C PRO B 472 1.19 48.55 5.58
N ASN B 473 2.44 48.35 5.93
CA ASN B 473 3.53 48.60 5.01
C ASN B 473 4.74 47.77 5.43
N PRO B 474 4.60 46.44 5.40
CA PRO B 474 5.70 45.55 5.79
C PRO B 474 6.82 45.57 4.76
N GLU B 475 8.02 45.23 5.22
CA GLU B 475 9.19 45.20 4.35
C GLU B 475 9.75 43.78 4.37
N ILE B 476 9.95 43.21 3.18
CA ILE B 476 10.51 41.86 3.12
C ILE B 476 12.01 41.93 3.42
N ASP B 477 12.56 40.82 3.88
CA ASP B 477 13.98 40.74 4.20
C ASP B 477 14.68 40.10 3.01
N ASP B 478 15.44 40.89 2.26
CA ASP B 478 16.13 40.39 1.07
C ASP B 478 17.07 39.22 1.38
N ALA B 479 17.68 39.22 2.56
CA ALA B 479 18.58 38.14 2.93
C ALA B 479 17.78 36.85 3.03
N VAL B 480 16.58 36.94 3.62
CA VAL B 480 15.73 35.76 3.76
C VAL B 480 15.27 35.31 2.38
N VAL B 481 14.90 36.26 1.53
CA VAL B 481 14.45 35.92 0.17
C VAL B 481 15.53 35.15 -0.57
N GLU B 482 16.79 35.58 -0.46
CA GLU B 482 17.88 34.90 -1.14
C GLU B 482 18.07 33.49 -0.59
N GLU B 483 17.91 33.34 0.71
CA GLU B 483 18.06 32.03 1.35
C GLU B 483 16.94 31.10 0.86
N LEU B 484 15.74 31.67 0.71
CA LEU B 484 14.59 30.88 0.26
C LEU B 484 14.74 30.51 -1.21
N LYS B 485 15.38 31.38 -1.99
CA LYS B 485 15.56 31.10 -3.41
C LYS B 485 16.54 29.93 -3.55
N LYS B 486 17.55 29.91 -2.69
CA LYS B 486 18.53 28.83 -2.71
C LYS B 486 17.83 27.53 -2.32
N LYS B 487 16.99 27.60 -1.28
CA LYS B 487 16.27 26.41 -0.83
C LYS B 487 15.29 25.91 -1.88
N ALA B 488 14.62 26.85 -2.56
CA ALA B 488 13.64 26.49 -3.58
C ALA B 488 14.19 25.49 -4.60
N TYR B 489 15.34 25.80 -5.18
CA TYR B 489 15.95 24.95 -6.18
C TYR B 489 16.99 23.95 -5.65
N ALA B 490 17.19 23.94 -4.34
CA ALA B 490 18.16 23.05 -3.72
C ALA B 490 18.00 21.59 -4.17
N PRO B 491 16.75 21.09 -4.26
CA PRO B 491 16.57 19.70 -4.68
C PRO B 491 17.18 19.40 -6.05
N MET B 492 17.09 20.35 -6.97
CA MET B 492 17.67 20.15 -8.30
C MET B 492 19.19 20.12 -8.23
N GLU B 493 19.75 21.03 -7.43
CA GLU B 493 21.19 21.09 -7.27
C GLU B 493 21.71 19.84 -6.57
N ARG B 494 20.93 19.32 -5.62
CA ARG B 494 21.37 18.12 -4.91
C ARG B 494 21.38 16.92 -5.86
N PHE B 495 20.39 16.84 -6.74
CA PHE B 495 20.32 15.75 -7.71
C PHE B 495 21.59 15.78 -8.57
N MET B 496 21.88 16.95 -9.12
CA MET B 496 23.06 17.10 -9.97
C MET B 496 24.35 16.77 -9.22
N GLN B 497 24.42 17.14 -7.96
CA GLN B 497 25.61 16.90 -7.15
C GLN B 497 25.86 15.45 -6.75
N TYR B 498 24.79 14.68 -6.50
CA TYR B 498 24.97 13.30 -6.06
C TYR B 498 24.49 12.18 -6.98
N LYS B 499 23.90 12.52 -8.12
CA LYS B 499 23.39 11.49 -9.03
C LYS B 499 24.45 10.49 -9.49
N ASP B 500 25.71 10.94 -9.57
CA ASP B 500 26.79 10.08 -10.02
C ASP B 500 27.21 9.01 -9.01
N LEU B 501 26.58 8.99 -7.84
CA LEU B 501 26.92 7.98 -6.84
C LEU B 501 26.29 6.63 -7.19
N SER B 502 25.29 6.65 -8.05
CA SER B 502 24.59 5.44 -8.45
C SER B 502 24.24 5.41 -9.93
N THR B 503 24.16 4.22 -10.51
CA THR B 503 23.81 4.09 -11.91
C THR B 503 22.30 4.23 -12.10
N ALA B 504 21.58 4.30 -10.98
CA ALA B 504 20.12 4.47 -11.02
C ALA B 504 19.77 5.79 -10.34
N ASP B 505 19.07 6.65 -11.07
CA ASP B 505 18.67 7.96 -10.53
C ASP B 505 17.83 7.88 -9.26
N ASP B 506 16.95 6.89 -9.17
CA ASP B 506 16.09 6.78 -7.99
C ASP B 506 16.55 5.85 -6.88
N VAL B 507 17.80 5.41 -6.93
CA VAL B 507 18.33 4.58 -5.85
C VAL B 507 19.67 5.21 -5.49
N ASN B 508 19.60 6.21 -4.62
CA ASN B 508 20.78 6.95 -4.20
C ASN B 508 20.85 7.03 -2.67
N PRO B 509 22.07 6.90 -2.11
CA PRO B 509 22.26 6.95 -0.66
C PRO B 509 22.30 8.35 -0.06
N GLU B 510 22.38 9.37 -0.92
CA GLU B 510 22.48 10.75 -0.44
C GLU B 510 21.24 11.62 -0.65
N TYR B 511 20.18 11.04 -1.20
CA TYR B 511 18.94 11.80 -1.41
C TYR B 511 17.73 10.92 -1.60
N ILE B 512 16.55 11.51 -1.36
CA ILE B 512 15.29 10.83 -1.57
C ILE B 512 14.52 11.70 -2.55
N LEU B 513 13.78 11.05 -3.45
CA LEU B 513 12.97 11.78 -4.42
C LEU B 513 11.61 12.00 -3.76
N PRO B 514 10.83 12.97 -4.26
CA PRO B 514 9.52 13.24 -3.66
C PRO B 514 8.61 12.04 -3.46
N TRP B 515 8.47 11.19 -4.46
CA TRP B 515 7.59 10.04 -4.31
C TRP B 515 8.09 9.09 -3.22
N GLN B 516 9.40 9.06 -3.03
CA GLN B 516 10.00 8.18 -2.02
C GLN B 516 9.72 8.72 -0.62
N GLY B 517 9.84 10.03 -0.47
CA GLY B 517 9.56 10.64 0.82
C GLY B 517 8.07 10.55 1.14
N LEU B 518 7.22 10.59 0.11
CA LEU B 518 5.77 10.53 0.33
C LEU B 518 5.34 9.13 0.75
N VAL B 519 5.95 8.11 0.17
CA VAL B 519 5.63 6.74 0.54
C VAL B 519 5.94 6.55 2.02
N ARG B 520 7.08 7.11 2.44
CA ARG B 520 7.52 7.01 3.83
C ARG B 520 6.56 7.74 4.76
N LEU B 521 6.18 8.95 4.38
CA LEU B 521 5.25 9.74 5.19
C LEU B 521 3.94 8.98 5.37
N GLN B 522 3.41 8.47 4.26
CA GLN B 522 2.14 7.75 4.29
C GLN B 522 2.19 6.52 5.19
N LYS B 523 3.33 5.81 5.17
CA LYS B 523 3.47 4.62 6.00
C LYS B 523 3.51 4.99 7.48
N ILE B 524 4.27 6.03 7.81
CA ILE B 524 4.35 6.49 9.19
C ILE B 524 2.97 6.87 9.72
N MET B 525 2.28 7.72 8.97
CA MET B 525 0.96 8.17 9.39
C MET B 525 -0.05 7.04 9.43
N ASP B 526 0.01 6.17 8.43
CA ASP B 526 -0.92 5.04 8.38
C ASP B 526 -0.77 4.13 9.60
N GLU B 527 0.47 3.84 9.96
CA GLU B 527 0.73 2.93 11.07
C GLU B 527 0.73 3.49 12.48
N TYR B 528 1.02 4.77 12.65
CA TYR B 528 1.08 5.34 13.99
C TYR B 528 0.08 6.45 14.32
N ALA B 529 -0.46 7.10 13.29
CA ALA B 529 -1.36 8.23 13.51
C ALA B 529 -2.84 7.96 13.26
N ALA B 530 -3.32 6.78 13.63
CA ALA B 530 -4.72 6.42 13.45
C ALA B 530 -5.15 6.39 11.99
N GLY B 531 -4.38 5.68 11.18
CA GLY B 531 -4.70 5.54 9.76
C GLY B 531 -5.52 4.27 9.56
N ILE B 532 -5.75 3.89 8.31
CA ILE B 532 -6.54 2.70 8.03
C ILE B 532 -5.90 1.42 8.58
N ALA B 533 -4.58 1.40 8.67
CA ALA B 533 -3.85 0.21 9.15
C ALA B 533 -4.32 -0.30 10.51
N THR B 534 -4.70 0.62 11.40
CA THR B 534 -5.15 0.25 12.73
C THR B 534 -6.62 0.60 12.97
N ILE B 535 -7.40 0.63 11.90
CA ILE B 535 -8.81 0.97 11.98
C ILE B 535 -9.00 2.28 12.75
N TYR B 536 -8.15 3.25 12.41
CA TYR B 536 -8.19 4.59 12.99
C TYR B 536 -7.96 4.69 14.51
N LYS B 537 -7.20 3.75 15.06
CA LYS B 537 -6.87 3.76 16.49
C LYS B 537 -5.42 4.18 16.70
N THR B 538 -5.15 4.86 17.82
CA THR B 538 -3.81 5.27 18.17
C THR B 538 -3.75 5.50 19.68
N ASN B 539 -2.54 5.76 20.19
CA ASN B 539 -2.35 6.03 21.61
C ASN B 539 -1.10 6.90 21.77
N GLU B 540 -0.78 7.26 23.00
CA GLU B 540 0.38 8.11 23.27
C GLU B 540 1.69 7.54 22.72
N LYS B 541 1.93 6.25 22.95
CA LYS B 541 3.16 5.61 22.50
C LYS B 541 3.30 5.64 20.99
N MET B 542 2.22 5.30 20.28
CA MET B 542 2.24 5.30 18.84
C MET B 542 2.48 6.71 18.30
N LEU B 543 1.78 7.69 18.89
CA LEU B 543 1.94 9.07 18.45
C LEU B 543 3.35 9.57 18.71
N GLN B 544 3.93 9.18 19.84
CA GLN B 544 5.30 9.60 20.15
C GLN B 544 6.26 8.99 19.14
N ARG B 545 6.03 7.73 18.76
CA ARG B 545 6.90 7.09 17.79
C ARG B 545 6.73 7.79 16.44
N ALA B 546 5.50 8.21 16.13
CA ALA B 546 5.26 8.91 14.88
C ALA B 546 6.12 10.17 14.84
N LEU B 547 6.21 10.90 15.96
CA LEU B 547 7.02 12.11 15.99
C LEU B 547 8.50 11.78 15.77
N GLU B 548 8.96 10.67 16.32
CA GLU B 548 10.35 10.28 16.14
C GLU B 548 10.64 9.98 14.68
N LEU B 549 9.74 9.25 14.03
CA LEU B 549 9.91 8.91 12.63
C LEU B 549 9.76 10.14 11.73
N LEU B 550 8.86 11.04 12.09
CA LEU B 550 8.68 12.26 11.30
C LEU B 550 9.92 13.14 11.45
N ALA B 551 10.60 13.02 12.59
CA ALA B 551 11.80 13.80 12.82
C ALA B 551 12.89 13.33 11.84
N PHE B 552 13.00 12.02 11.68
CA PHE B 552 13.97 11.45 10.74
C PHE B 552 13.63 11.92 9.33
N LEU B 553 12.35 11.90 9.00
CA LEU B 553 11.91 12.32 7.66
C LEU B 553 12.13 13.81 7.43
N LYS B 554 11.84 14.64 8.43
CA LYS B 554 12.04 16.06 8.28
C LYS B 554 13.52 16.34 8.02
N GLU B 555 14.39 15.66 8.75
CA GLU B 555 15.82 15.84 8.57
C GLU B 555 16.19 15.45 7.15
N ASP B 556 15.60 14.36 6.66
CA ASP B 556 15.90 13.90 5.30
C ASP B 556 15.32 14.80 4.22
N LEU B 557 14.39 15.69 4.57
CA LEU B 557 13.82 16.60 3.58
C LEU B 557 14.93 17.53 3.11
N GLU B 558 15.94 17.70 3.97
CA GLU B 558 17.07 18.55 3.64
C GLU B 558 17.92 17.87 2.57
N LYS B 559 17.61 16.60 2.29
CA LYS B 559 18.32 15.84 1.27
C LYS B 559 17.41 15.40 0.13
N LEU B 560 16.36 16.18 -0.11
CA LEU B 560 15.43 15.91 -1.18
C LEU B 560 16.11 16.25 -2.51
N ALA B 561 15.73 15.53 -3.56
CA ALA B 561 16.26 15.77 -4.89
C ALA B 561 15.08 15.89 -5.84
N ALA B 562 15.28 16.58 -6.97
CA ALA B 562 14.22 16.76 -7.96
C ALA B 562 14.90 16.80 -9.33
N ARG B 563 14.27 16.19 -10.33
CA ARG B 563 14.82 16.11 -11.68
C ARG B 563 14.23 17.06 -12.71
N ASP B 564 13.10 17.69 -12.38
CA ASP B 564 12.47 18.67 -13.26
C ASP B 564 11.56 19.57 -12.43
N LEU B 565 10.98 20.58 -13.05
CA LEU B 565 10.12 21.50 -12.31
C LEU B 565 8.90 20.80 -11.71
N HIS B 566 8.34 19.83 -12.44
CA HIS B 566 7.18 19.09 -11.95
C HIS B 566 7.54 18.42 -10.63
N GLU B 567 8.68 17.74 -10.61
CA GLU B 567 9.13 17.06 -9.40
C GLU B 567 9.57 18.04 -8.32
N LEU B 568 10.01 19.23 -8.71
CA LEU B 568 10.43 20.22 -7.72
C LEU B 568 9.17 20.64 -6.96
N MET B 569 8.06 20.76 -7.69
CA MET B 569 6.79 21.12 -7.04
C MET B 569 6.40 19.97 -6.12
N ARG B 570 6.56 18.74 -6.61
CA ARG B 570 6.23 17.56 -5.82
C ARG B 570 7.08 17.54 -4.55
N ALA B 571 8.32 18.01 -4.65
CA ALA B 571 9.22 18.03 -3.50
C ALA B 571 8.67 18.96 -2.42
N TRP B 572 8.25 20.17 -2.81
CA TRP B 572 7.71 21.09 -1.84
C TRP B 572 6.32 20.69 -1.35
N GLU B 573 5.57 19.98 -2.19
CA GLU B 573 4.25 19.52 -1.78
C GLU B 573 4.47 18.51 -0.65
N LEU B 574 5.55 17.74 -0.74
CA LEU B 574 5.89 16.77 0.29
C LEU B 574 6.28 17.50 1.58
N VAL B 575 7.16 18.49 1.45
CA VAL B 575 7.59 19.27 2.62
C VAL B 575 6.35 19.80 3.34
N HIS B 576 5.41 20.33 2.57
CA HIS B 576 4.20 20.87 3.14
C HIS B 576 3.40 19.80 3.88
N ARG B 577 3.31 18.61 3.31
CA ARG B 577 2.57 17.52 3.96
C ARG B 577 3.24 17.05 5.24
N VAL B 578 4.56 16.96 5.23
CA VAL B 578 5.28 16.49 6.42
C VAL B 578 5.03 17.37 7.64
N TRP B 579 5.08 18.68 7.46
CA TRP B 579 4.83 19.58 8.59
C TRP B 579 3.36 19.53 9.00
N THR B 580 2.48 19.39 8.03
CA THR B 580 1.05 19.29 8.32
C THR B 580 0.83 18.04 9.16
N ALA B 581 1.49 16.95 8.78
CA ALA B 581 1.38 15.68 9.47
C ALA B 581 1.90 15.80 10.90
N GLU B 582 3.02 16.51 11.07
CA GLU B 582 3.59 16.70 12.40
C GLU B 582 2.61 17.45 13.29
N ALA B 583 2.00 18.50 12.73
CA ALA B 583 1.05 19.28 13.49
C ALA B 583 -0.14 18.43 13.90
N HIS B 584 -0.60 17.60 12.97
CA HIS B 584 -1.73 16.73 13.24
C HIS B 584 -1.42 15.76 14.38
N VAL B 585 -0.24 15.15 14.34
CA VAL B 585 0.16 14.21 15.38
C VAL B 585 0.28 14.89 16.74
N ARG B 586 0.92 16.06 16.77
CA ARG B 586 1.07 16.78 18.03
C ARG B 586 -0.28 17.16 18.64
N HIS B 587 -1.24 17.53 17.78
CA HIS B 587 -2.57 17.87 18.27
C HIS B 587 -3.28 16.64 18.83
N MET B 588 -3.19 15.52 18.12
CA MET B 588 -3.84 14.30 18.61
C MET B 588 -3.21 13.85 19.92
N LEU B 589 -1.91 14.09 20.06
CA LEU B 589 -1.21 13.71 21.28
C LEU B 589 -1.64 14.59 22.46
N PHE B 590 -1.85 15.88 22.18
CA PHE B 590 -2.23 16.82 23.23
C PHE B 590 -3.62 16.58 23.83
N ARG B 591 -4.62 16.35 22.97
CA ARG B 591 -6.00 16.14 23.44
C ARG B 591 -6.20 14.74 24.03
N LYS B 592 -6.34 14.70 25.35
CA LYS B 592 -6.49 13.42 26.04
C LYS B 592 -7.93 12.94 26.18
N GLU B 593 -8.56 12.66 25.04
CA GLU B 593 -9.93 12.17 24.98
C GLU B 593 -10.22 11.68 23.57
N THR B 594 -11.37 11.03 23.41
CA THR B 594 -11.82 10.55 22.11
C THR B 594 -13.19 11.20 21.93
N ARG B 595 -13.18 12.38 21.32
CA ARG B 595 -14.40 13.15 21.10
C ARG B 595 -15.08 12.81 19.78
N TRP B 596 -14.31 12.31 18.82
CA TRP B 596 -14.86 11.98 17.52
C TRP B 596 -14.61 10.53 17.16
N PRO B 597 -15.19 9.59 17.92
CA PRO B 597 -14.99 8.19 17.59
C PRO B 597 -15.61 8.08 16.21
N GLY B 598 -14.94 7.38 15.31
CA GLY B 598 -15.45 7.28 13.95
C GLY B 598 -14.47 8.02 13.07
N TYR B 599 -13.75 8.98 13.66
CA TYR B 599 -12.72 9.73 12.94
C TYR B 599 -11.38 9.20 13.45
N TYR B 600 -11.28 9.03 14.77
CA TYR B 600 -10.09 8.44 15.38
C TYR B 600 -10.38 8.07 16.81
N TYR B 601 -9.66 7.07 17.31
CA TYR B 601 -9.83 6.62 18.67
C TYR B 601 -8.51 6.63 19.41
N ARG B 602 -8.48 7.22 20.60
CA ARG B 602 -7.26 7.16 21.40
C ARG B 602 -7.61 6.04 22.37
N THR B 603 -7.02 4.87 22.16
CA THR B 603 -7.30 3.72 23.00
C THR B 603 -6.91 3.93 24.46
N ASP B 604 -6.03 4.90 24.72
CA ASP B 604 -5.62 5.19 26.09
C ASP B 604 -6.52 6.21 26.78
N TYR B 605 -7.37 6.87 25.99
CA TYR B 605 -8.35 7.84 26.49
C TYR B 605 -9.56 7.69 25.58
N PRO B 606 -10.24 6.54 25.67
CA PRO B 606 -11.42 6.17 24.87
C PRO B 606 -12.72 6.95 25.04
N GLU B 607 -12.84 7.74 26.10
CA GLU B 607 -14.07 8.47 26.33
C GLU B 607 -14.03 9.93 25.93
N LEU B 608 -15.21 10.50 25.70
CA LEU B 608 -15.35 11.90 25.36
C LEU B 608 -15.38 12.60 26.71
N ASN B 609 -14.58 13.66 26.87
CA ASN B 609 -14.49 14.37 28.15
C ASN B 609 -14.97 15.82 28.08
N ASP B 610 -16.25 16.05 28.40
CA ASP B 610 -16.79 17.40 28.37
C ASP B 610 -16.49 18.18 29.65
N GLU B 611 -15.84 17.53 30.61
CA GLU B 611 -15.50 18.19 31.85
C GLU B 611 -14.22 19.01 31.73
N GLU B 612 -13.22 18.46 31.04
CA GLU B 612 -11.96 19.17 30.88
C GLU B 612 -11.49 19.37 29.44
N TRP B 613 -12.21 18.78 28.48
CA TRP B 613 -11.78 18.93 27.09
C TRP B 613 -12.79 19.55 26.13
N LYS B 614 -13.79 20.25 26.65
CA LYS B 614 -14.77 20.89 25.78
C LYS B 614 -14.14 22.24 25.46
N CYS B 615 -13.03 22.17 24.75
CA CYS B 615 -12.26 23.35 24.38
C CYS B 615 -11.60 23.16 23.03
N PHE B 616 -11.23 24.27 22.41
CA PHE B 616 -10.52 24.21 21.14
C PHE B 616 -9.06 24.05 21.54
N VAL B 617 -8.31 23.27 20.78
CA VAL B 617 -6.89 23.09 21.06
C VAL B 617 -6.17 23.95 20.03
N CYS B 618 -5.43 24.95 20.52
CA CYS B 618 -4.71 25.84 19.63
C CYS B 618 -3.22 25.74 19.88
N SER B 619 -2.45 25.74 18.79
CA SER B 619 -1.01 25.62 18.90
C SER B 619 -0.27 26.69 18.10
N LYS B 620 0.98 26.89 18.45
CA LYS B 620 1.81 27.83 17.73
C LYS B 620 3.19 27.23 17.57
N TYR B 621 3.72 27.35 16.37
CA TYR B 621 5.07 26.84 16.12
C TYR B 621 5.99 28.05 16.00
N ASP B 622 7.05 28.06 16.81
CA ASP B 622 8.02 29.15 16.77
C ASP B 622 9.23 28.61 16.01
N ALA B 623 9.38 29.06 14.77
CA ALA B 623 10.47 28.59 13.92
C ALA B 623 11.86 28.92 14.46
N GLU B 624 12.02 30.10 15.05
CA GLU B 624 13.30 30.50 15.59
C GLU B 624 13.76 29.60 16.74
N LYS B 625 12.81 29.17 17.57
CA LYS B 625 13.13 28.31 18.71
C LYS B 625 12.87 26.84 18.38
N ASP B 626 12.14 26.60 17.30
CA ASP B 626 11.79 25.25 16.88
C ASP B 626 11.02 24.58 18.03
N GLU B 627 10.05 25.32 18.58
CA GLU B 627 9.25 24.80 19.68
C GLU B 627 7.76 24.96 19.39
N TRP B 628 6.98 24.01 19.88
CA TRP B 628 5.53 24.05 19.72
C TRP B 628 4.92 24.35 21.08
N THR B 629 3.91 25.20 21.11
CA THR B 629 3.24 25.53 22.36
C THR B 629 1.75 25.32 22.14
N PHE B 630 1.09 24.73 23.13
CA PHE B 630 -0.33 24.45 23.06
C PHE B 630 -1.11 25.13 24.17
N GLU B 631 -2.37 25.43 23.89
CA GLU B 631 -3.23 26.03 24.89
C GLU B 631 -4.67 25.65 24.59
N LYS B 632 -5.47 25.61 25.65
CA LYS B 632 -6.87 25.24 25.54
C LYS B 632 -7.74 26.48 25.61
N VAL B 633 -8.66 26.61 24.67
CA VAL B 633 -9.58 27.75 24.64
C VAL B 633 -10.97 27.16 24.81
N PRO B 634 -11.56 27.32 26.01
CA PRO B 634 -12.89 26.79 26.27
C PRO B 634 -13.96 27.23 25.27
N TYR B 635 -14.79 26.28 24.87
CA TYR B 635 -15.88 26.56 23.96
C TYR B 635 -16.94 27.30 24.76
N VAL B 636 -17.59 28.27 24.11
CA VAL B 636 -18.69 29.00 24.73
C VAL B 636 -19.77 29.04 23.66
N GLN B 637 -21.02 28.86 24.05
CA GLN B 637 -22.11 28.90 23.09
C GLN B 637 -22.39 30.37 22.79
N VAL B 638 -22.27 30.73 21.52
CA VAL B 638 -22.47 32.11 21.09
C VAL B 638 -23.88 32.39 20.60
N ILE B 639 -24.45 31.42 19.88
CA ILE B 639 -25.78 31.57 19.32
C ILE B 639 -26.85 30.86 20.16
N GLU B 640 -28.04 31.44 20.20
CA GLU B 640 -29.14 30.88 20.96
C GLU B 640 -29.75 29.66 20.29
N TRP B 641 -29.71 28.54 21.01
CA TRP B 641 -30.28 27.27 20.57
C TRP B 641 -30.20 26.28 21.72
N SER B 642 -31.06 25.27 21.69
CA SER B 642 -31.06 24.25 22.73
C SER B 642 -31.24 22.90 22.06
N PHE B 643 -30.82 21.84 22.73
CA PHE B 643 -30.94 20.51 22.16
C PHE B 643 -32.38 20.04 22.13
N PRO C 2 17.30 -1.28 -1.44
CA PRO C 2 17.66 -2.00 -2.66
C PRO C 2 19.12 -1.77 -3.04
N SER C 3 19.65 -2.65 -3.88
CA SER C 3 21.04 -2.52 -4.32
C SER C 3 21.19 -1.42 -5.36
N PHE C 4 22.39 -0.89 -5.48
CA PHE C 4 22.69 0.12 -6.49
C PHE C 4 24.18 0.02 -6.80
N VAL C 5 24.52 0.30 -8.04
CA VAL C 5 25.90 0.20 -8.50
C VAL C 5 26.61 1.55 -8.49
N ASN C 6 27.84 1.57 -7.97
CA ASN C 6 28.65 2.78 -7.94
C ASN C 6 29.36 2.82 -9.30
N PRO C 7 29.04 3.82 -10.14
CA PRO C 7 29.64 3.97 -11.47
C PRO C 7 31.17 4.05 -11.46
N GLU C 8 31.71 4.72 -10.44
CA GLU C 8 33.16 4.89 -10.32
C GLU C 8 33.94 3.59 -10.13
N LYS C 9 33.30 2.59 -9.53
CA LYS C 9 33.97 1.31 -9.30
C LYS C 9 33.56 0.22 -10.27
N CYS C 10 32.36 0.33 -10.84
CA CYS C 10 31.89 -0.67 -11.80
C CYS C 10 32.63 -0.58 -13.13
N ASP C 11 33.11 -1.73 -13.61
CA ASP C 11 33.81 -1.79 -14.88
C ASP C 11 33.07 -2.73 -15.81
N GLY C 12 31.77 -2.89 -15.56
CA GLY C 12 30.95 -3.76 -16.37
C GLY C 12 31.55 -5.16 -16.46
N CYS C 13 32.38 -5.48 -15.48
CA CYS C 13 33.06 -6.77 -15.42
C CYS C 13 34.02 -6.93 -16.60
N LYS C 14 35.13 -6.21 -16.51
CA LYS C 14 36.20 -6.19 -17.51
C LYS C 14 36.16 -7.26 -18.60
N ALA C 15 37.14 -8.17 -18.57
CA ALA C 15 37.23 -9.22 -19.56
C ALA C 15 36.86 -10.60 -19.02
N LEU C 16 36.34 -10.66 -17.79
CA LEU C 16 35.95 -11.94 -17.22
C LEU C 16 34.91 -12.61 -18.10
N GLU C 17 34.67 -13.89 -17.86
CA GLU C 17 33.71 -14.66 -18.65
C GLU C 17 32.24 -14.30 -18.44
N ARG C 18 31.90 -13.85 -17.23
CA ARG C 18 30.51 -13.51 -16.92
C ARG C 18 30.36 -12.31 -16.00
N THR C 19 29.20 -11.66 -16.08
CA THR C 19 28.88 -10.51 -15.24
C THR C 19 28.39 -11.07 -13.91
N ALA C 20 29.21 -10.93 -12.88
CA ALA C 20 28.91 -11.44 -11.54
C ALA C 20 27.53 -11.09 -10.97
N CYS C 21 27.20 -9.80 -10.92
CA CYS C 21 25.91 -9.38 -10.38
C CYS C 21 24.73 -9.93 -11.16
N GLU C 22 24.80 -9.86 -12.49
CA GLU C 22 23.74 -10.36 -13.34
C GLU C 22 23.59 -11.87 -13.19
N TYR C 23 24.71 -12.55 -13.00
CA TYR C 23 24.70 -14.00 -12.84
C TYR C 23 24.11 -14.49 -11.52
N ILE C 24 24.40 -13.79 -10.43
CA ILE C 24 23.96 -14.23 -9.11
C ILE C 24 22.56 -13.87 -8.60
N CYS C 25 22.04 -12.70 -9.00
CA CYS C 25 20.73 -12.24 -8.51
C CYS C 25 19.58 -13.24 -8.61
N PRO C 26 19.06 -13.67 -7.45
CA PRO C 26 17.95 -14.63 -7.36
C PRO C 26 16.63 -14.13 -7.96
N ASN C 27 16.50 -12.83 -8.18
CA ASN C 27 15.27 -12.28 -8.73
C ASN C 27 15.45 -11.62 -10.10
N ASP C 28 16.59 -11.88 -10.75
CA ASP C 28 16.91 -11.33 -12.07
C ASP C 28 16.81 -9.80 -12.16
N LEU C 29 17.37 -9.13 -11.17
CA LEU C 29 17.32 -7.66 -11.13
C LEU C 29 18.55 -6.98 -11.70
N MET C 30 19.73 -7.57 -11.49
CA MET C 30 20.95 -6.96 -11.99
C MET C 30 21.16 -7.24 -13.48
N THR C 31 21.43 -6.18 -14.23
CA THR C 31 21.65 -6.30 -15.67
C THR C 31 22.62 -5.23 -16.14
N LEU C 32 23.15 -5.41 -17.35
CA LEU C 32 24.12 -4.47 -17.91
C LEU C 32 23.53 -3.48 -18.90
N ASP C 33 23.98 -2.23 -18.79
CA ASP C 33 23.57 -1.17 -19.70
C ASP C 33 24.68 -1.17 -20.75
N LYS C 34 24.45 -1.90 -21.84
CA LYS C 34 25.44 -2.01 -22.91
C LYS C 34 26.05 -0.68 -23.32
N GLU C 35 25.29 0.39 -23.17
CA GLU C 35 25.77 1.73 -23.54
C GLU C 35 26.87 2.19 -22.60
N LYS C 36 26.55 2.28 -21.31
CA LYS C 36 27.53 2.73 -20.32
C LYS C 36 28.52 1.63 -19.97
N MET C 37 28.12 0.39 -20.19
CA MET C 37 28.95 -0.77 -19.86
C MET C 37 29.07 -0.81 -18.34
N LYS C 38 27.96 -0.48 -17.68
CA LYS C 38 27.88 -0.49 -16.23
C LYS C 38 26.55 -1.12 -15.84
N ALA C 39 26.54 -1.80 -14.70
CA ALA C 39 25.34 -2.49 -14.22
C ALA C 39 24.41 -1.59 -13.43
N TYR C 40 23.18 -2.05 -13.28
CA TYR C 40 22.16 -1.35 -12.53
C TYR C 40 21.04 -2.33 -12.13
N ASN C 41 20.30 -1.97 -11.08
CA ASN C 41 19.19 -2.79 -10.61
C ASN C 41 18.00 -2.34 -11.47
N ARG C 42 17.46 -3.25 -12.26
CA ARG C 42 16.37 -2.92 -13.17
C ARG C 42 14.97 -2.81 -12.58
N GLU C 43 14.78 -3.29 -11.36
CA GLU C 43 13.48 -3.27 -10.71
C GLU C 43 13.68 -3.34 -9.20
N PRO C 44 14.15 -2.22 -8.61
CA PRO C 44 14.41 -2.13 -7.17
C PRO C 44 13.29 -2.49 -6.19
N ASP C 45 12.03 -2.30 -6.57
CA ASP C 45 10.98 -2.65 -5.62
C ASP C 45 10.74 -4.15 -5.56
N MET C 46 11.56 -4.90 -6.28
CA MET C 46 11.50 -6.36 -6.26
C MET C 46 12.80 -6.91 -5.66
N CYS C 47 13.60 -6.01 -5.07
CA CYS C 47 14.86 -6.37 -4.44
C CYS C 47 14.60 -6.84 -3.02
N TRP C 48 15.14 -8.01 -2.68
CA TRP C 48 14.97 -8.60 -1.36
C TRP C 48 16.09 -8.15 -0.41
N GLU C 49 17.04 -7.39 -0.95
CA GLU C 49 18.20 -6.94 -0.19
C GLU C 49 18.93 -8.14 0.41
N CYS C 50 19.17 -9.14 -0.43
CA CYS C 50 19.85 -10.36 0.01
C CYS C 50 21.36 -10.21 -0.01
N TYR C 51 21.84 -9.13 -0.62
CA TYR C 51 23.26 -8.83 -0.72
C TYR C 51 24.11 -9.81 -1.52
N SER C 52 23.47 -10.66 -2.32
CA SER C 52 24.23 -11.62 -3.12
C SER C 52 25.10 -10.89 -4.13
N CYS C 53 24.51 -9.91 -4.82
CA CYS C 53 25.24 -9.14 -5.82
C CYS C 53 26.39 -8.38 -5.16
N VAL C 54 26.10 -7.76 -4.02
CA VAL C 54 27.11 -7.01 -3.27
C VAL C 54 28.34 -7.86 -2.96
N LYS C 55 28.08 -9.06 -2.43
CA LYS C 55 29.16 -9.98 -2.07
C LYS C 55 29.97 -10.50 -3.25
N MET C 56 29.32 -10.70 -4.39
CA MET C 56 30.02 -11.24 -5.55
C MET C 56 30.67 -10.27 -6.51
N CYS C 57 30.46 -8.97 -6.32
CA CYS C 57 31.07 -7.97 -7.20
C CYS C 57 32.56 -7.88 -6.88
N PRO C 58 33.43 -8.34 -7.80
CA PRO C 58 34.87 -8.30 -7.61
C PRO C 58 35.46 -6.90 -7.44
N GLN C 59 34.70 -5.87 -7.78
CA GLN C 59 35.17 -4.51 -7.66
C GLN C 59 34.55 -3.82 -6.44
N GLY C 60 33.63 -4.50 -5.76
CA GLY C 60 32.99 -3.91 -4.61
C GLY C 60 32.25 -2.65 -5.04
N ALA C 61 31.70 -2.68 -6.25
CA ALA C 61 30.98 -1.55 -6.81
C ALA C 61 29.49 -1.54 -6.49
N ILE C 62 29.04 -2.50 -5.70
CA ILE C 62 27.63 -2.56 -5.34
C ILE C 62 27.40 -2.36 -3.84
N ASP C 63 26.41 -1.53 -3.50
CA ASP C 63 26.08 -1.29 -2.11
C ASP C 63 24.56 -1.39 -2.01
N VAL C 64 24.03 -1.23 -0.81
CA VAL C 64 22.60 -1.29 -0.60
C VAL C 64 22.15 -0.07 0.18
N ARG C 65 21.09 0.55 -0.32
CA ARG C 65 20.49 1.74 0.28
C ARG C 65 19.13 1.26 0.76
N GLY C 66 18.93 1.23 2.07
CA GLY C 66 17.66 0.74 2.62
C GLY C 66 16.40 1.26 1.98
N TYR C 67 15.39 0.39 1.85
CA TYR C 67 14.11 0.78 1.23
C TYR C 67 13.64 2.12 1.79
N VAL C 68 13.24 3.02 0.90
CA VAL C 68 12.79 4.34 1.32
C VAL C 68 11.53 4.36 2.17
N ASP C 69 10.72 3.31 2.09
CA ASP C 69 9.48 3.26 2.85
C ASP C 69 9.69 3.43 4.36
N TYR C 70 10.77 2.83 4.87
CA TYR C 70 11.03 2.88 6.30
C TYR C 70 12.44 3.24 6.71
N SER C 71 13.33 3.47 5.74
CA SER C 71 14.73 3.75 6.06
C SER C 71 15.22 5.18 6.01
N PRO C 72 15.63 5.74 7.16
CA PRO C 72 16.14 7.11 7.12
C PRO C 72 17.47 6.96 6.38
N LEU C 73 17.98 8.03 5.79
CA LEU C 73 19.25 7.96 5.06
C LEU C 73 20.44 7.81 6.03
N GLY C 74 21.55 7.28 5.52
CA GLY C 74 22.73 7.17 6.36
C GLY C 74 23.26 5.83 6.82
N GLY C 75 22.42 4.80 6.83
CA GLY C 75 22.87 3.50 7.28
C GLY C 75 23.46 2.65 6.18
N ALA C 76 24.37 1.76 6.55
CA ALA C 76 24.98 0.87 5.57
C ALA C 76 25.62 -0.35 6.22
N CYS C 77 25.55 -1.47 5.51
CA CYS C 77 26.14 -2.73 5.94
C CYS C 77 27.03 -3.13 4.78
N VAL C 78 28.32 -3.24 5.02
CA VAL C 78 29.26 -3.60 3.97
C VAL C 78 29.98 -4.90 4.25
N PRO C 79 29.78 -5.91 3.38
CA PRO C 79 30.43 -7.20 3.56
C PRO C 79 31.73 -7.31 2.75
N MET C 80 32.64 -8.13 3.26
CA MET C 80 33.90 -8.43 2.59
C MET C 80 34.00 -9.93 2.82
N ARG C 81 33.45 -10.68 1.87
CA ARG C 81 33.41 -12.13 1.94
C ARG C 81 34.69 -12.79 1.42
N GLY C 82 35.26 -13.65 2.25
CA GLY C 82 36.48 -14.35 1.87
C GLY C 82 36.17 -15.79 1.53
N THR C 83 37.06 -16.70 1.91
CA THR C 83 36.86 -18.11 1.63
C THR C 83 36.43 -18.92 2.85
N SER C 84 36.92 -18.55 4.03
CA SER C 84 36.56 -19.27 5.24
C SER C 84 35.73 -18.42 6.20
N ASP C 85 35.70 -17.12 5.96
CA ASP C 85 34.93 -16.21 6.80
C ASP C 85 34.46 -15.00 6.03
N ILE C 86 33.66 -14.17 6.70
CA ILE C 86 33.13 -12.95 6.10
C ILE C 86 33.20 -11.84 7.12
N MET C 87 33.62 -10.66 6.68
CA MET C 87 33.70 -9.52 7.57
C MET C 87 32.58 -8.56 7.24
N TRP C 88 32.06 -7.90 8.27
CA TRP C 88 30.99 -6.94 8.08
C TRP C 88 31.32 -5.65 8.79
N THR C 89 30.93 -4.54 8.19
CA THR C 89 31.10 -3.24 8.79
C THR C 89 29.70 -2.65 8.75
N VAL C 90 29.18 -2.27 9.91
CA VAL C 90 27.85 -1.68 9.98
C VAL C 90 28.00 -0.23 10.40
N LYS C 91 27.57 0.69 9.53
CA LYS C 91 27.67 2.11 9.84
C LYS C 91 26.29 2.70 10.08
N TYR C 92 26.11 3.28 11.26
CA TYR C 92 24.86 3.89 11.67
C TYR C 92 24.71 5.28 11.10
N ARG C 93 23.46 5.75 11.04
CA ARG C 93 23.16 7.08 10.55
C ARG C 93 23.91 8.10 11.42
N ASN C 94 24.06 7.77 12.71
CA ASN C 94 24.73 8.69 13.64
C ASN C 94 26.26 8.62 13.66
N GLY C 95 26.85 7.83 12.78
CA GLY C 95 28.30 7.75 12.73
C GLY C 95 28.91 6.53 13.39
N LYS C 96 28.15 5.87 14.24
CA LYS C 96 28.60 4.68 14.93
C LYS C 96 29.05 3.64 13.90
N VAL C 97 30.18 2.99 14.16
CA VAL C 97 30.70 1.98 13.25
C VAL C 97 31.00 0.68 13.99
N LEU C 98 30.39 -0.41 13.52
CA LEU C 98 30.58 -1.72 14.13
C LEU C 98 31.27 -2.65 13.15
N ARG C 99 32.14 -3.52 13.66
CA ARG C 99 32.86 -4.47 12.82
C ARG C 99 32.74 -5.88 13.37
N PHE C 100 32.36 -6.81 12.49
CA PHE C 100 32.21 -8.20 12.88
C PHE C 100 32.90 -9.10 11.86
N LYS C 101 33.14 -10.35 12.23
CA LYS C 101 33.76 -11.33 11.35
C LYS C 101 33.21 -12.68 11.76
N PHE C 102 32.62 -13.39 10.81
CA PHE C 102 32.03 -14.70 11.07
C PHE C 102 32.57 -15.76 10.12
N ALA C 103 32.62 -17.00 10.60
CA ALA C 103 33.08 -18.10 9.76
C ALA C 103 31.97 -18.38 8.74
N ILE C 104 32.33 -18.90 7.58
CA ILE C 104 31.33 -19.23 6.56
C ILE C 104 31.53 -20.64 6.01
N ARG C 105 32.73 -21.18 6.19
CA ARG C 105 32.99 -22.54 5.73
C ARG C 105 34.23 -23.13 6.42
N THR C 106 34.16 -24.41 6.74
CA THR C 106 35.26 -25.10 7.43
C THR C 106 36.09 -25.98 6.51
N THR C 107 35.73 -26.02 5.23
CA THR C 107 36.44 -26.82 4.24
C THR C 107 36.70 -25.98 3.00
N PRO C 108 37.68 -26.39 2.17
CA PRO C 108 37.99 -25.65 0.95
C PRO C 108 36.83 -25.65 -0.03
N TRP C 109 36.65 -24.55 -0.75
CA TRP C 109 35.57 -24.46 -1.72
C TRP C 109 35.80 -25.43 -2.87
N GLY C 110 34.72 -26.08 -3.31
CA GLY C 110 34.80 -27.02 -4.40
C GLY C 110 35.38 -28.37 -4.00
N SER C 111 35.43 -28.64 -2.69
CA SER C 111 36.01 -29.89 -2.20
C SER C 111 35.02 -30.98 -1.82
N ILE C 112 33.73 -30.71 -2.02
CA ILE C 112 32.73 -31.71 -1.66
C ILE C 112 32.74 -32.96 -2.54
N GLN C 113 32.74 -34.11 -1.88
CA GLN C 113 32.69 -35.42 -2.52
C GLN C 113 31.35 -35.92 -1.99
N PRO C 114 30.26 -35.68 -2.75
CA PRO C 114 28.88 -36.05 -2.43
C PRO C 114 28.62 -37.37 -1.75
N PHE C 115 29.19 -38.45 -2.26
CA PHE C 115 28.96 -39.76 -1.68
C PHE C 115 30.21 -40.40 -1.09
N GLU C 116 31.09 -39.57 -0.54
CA GLU C 116 32.33 -40.05 0.05
C GLU C 116 32.12 -41.16 1.08
N GLY C 117 32.73 -42.31 0.85
CA GLY C 117 32.61 -43.42 1.77
C GLY C 117 31.32 -44.23 1.71
N PHE C 118 30.39 -43.81 0.85
CA PHE C 118 29.12 -44.51 0.72
C PHE C 118 29.26 -45.79 -0.10
N PRO C 119 28.48 -46.82 0.23
CA PRO C 119 28.56 -48.06 -0.54
C PRO C 119 27.80 -47.82 -1.84
N GLU C 120 28.01 -48.66 -2.85
CA GLU C 120 27.29 -48.49 -4.11
C GLU C 120 25.83 -48.83 -3.93
N PRO C 121 24.93 -48.16 -4.66
CA PRO C 121 23.50 -48.46 -4.52
C PRO C 121 23.22 -49.83 -5.13
N THR C 122 22.15 -50.48 -4.69
CA THR C 122 21.77 -51.78 -5.22
C THR C 122 20.27 -51.81 -5.44
N GLU C 123 19.81 -52.69 -6.33
CA GLU C 123 18.39 -52.81 -6.60
C GLU C 123 17.62 -53.17 -5.34
N GLU C 124 18.24 -53.98 -4.49
CA GLU C 124 17.59 -54.40 -3.25
C GLU C 124 17.42 -53.20 -2.32
N ALA C 125 18.47 -52.40 -2.19
CA ALA C 125 18.43 -51.22 -1.32
C ALA C 125 17.42 -50.20 -1.82
N LEU C 126 17.17 -50.19 -3.12
CA LEU C 126 16.23 -49.25 -3.72
C LEU C 126 14.81 -49.43 -3.16
N LYS C 127 14.52 -50.64 -2.68
CA LYS C 127 13.20 -50.93 -2.15
C LYS C 127 13.02 -50.61 -0.67
N SER C 128 14.11 -50.25 0.02
CA SER C 128 14.03 -49.94 1.45
C SER C 128 13.76 -48.45 1.69
N GLU C 129 13.68 -48.08 2.95
CA GLU C 129 13.43 -46.68 3.33
C GLU C 129 14.74 -45.90 3.48
N LEU C 130 15.87 -46.59 3.35
CA LEU C 130 17.18 -45.95 3.51
C LEU C 130 17.63 -45.02 2.39
N LEU C 131 18.14 -43.86 2.79
CA LEU C 131 18.66 -42.88 1.84
C LEU C 131 20.17 -43.10 1.75
N ALA C 132 20.82 -42.43 0.81
CA ALA C 132 22.26 -42.56 0.64
C ALA C 132 22.99 -42.29 1.94
N GLY C 133 23.88 -43.20 2.31
CA GLY C 133 24.66 -43.04 3.53
C GLY C 133 23.99 -43.56 4.80
N GLU C 134 22.70 -43.87 4.72
CA GLU C 134 21.99 -44.36 5.90
C GLU C 134 22.16 -45.86 6.10
N PRO C 135 22.01 -46.33 7.35
CA PRO C 135 21.72 -45.51 8.53
C PRO C 135 22.95 -44.89 9.19
N GLU C 136 24.13 -45.19 8.64
CA GLU C 136 25.38 -44.68 9.19
C GLU C 136 25.46 -43.17 9.45
N ILE C 137 25.12 -42.36 8.45
CA ILE C 137 25.20 -40.91 8.61
C ILE C 137 24.28 -40.32 9.66
N ILE C 138 23.27 -41.08 10.07
CA ILE C 138 22.33 -40.59 11.08
C ILE C 138 22.98 -40.59 12.47
N GLY C 139 24.00 -41.43 12.63
CA GLY C 139 24.71 -41.51 13.89
C GLY C 139 24.16 -42.48 14.92
N THR C 140 23.00 -43.07 14.62
CA THR C 140 22.36 -44.01 15.53
C THR C 140 22.87 -45.43 15.34
N SER C 141 22.53 -46.32 16.28
CA SER C 141 22.97 -47.71 16.21
C SER C 141 22.24 -48.52 15.16
N GLU C 142 21.16 -47.97 14.63
CA GLU C 142 20.36 -48.61 13.59
C GLU C 142 19.41 -47.57 13.04
N PHE C 143 18.74 -47.89 11.93
CA PHE C 143 17.79 -46.94 11.35
C PHE C 143 16.80 -46.55 12.44
N PRO C 144 16.57 -45.25 12.65
CA PRO C 144 15.64 -44.77 13.68
C PRO C 144 14.24 -45.35 13.57
N GLN C 145 13.76 -45.90 14.69
CA GLN C 145 12.42 -46.48 14.74
C GLN C 145 11.48 -45.47 15.41
N VAL C 146 10.22 -45.47 14.99
CA VAL C 146 9.23 -44.59 15.58
C VAL C 146 8.00 -45.41 15.93
N LYS C 147 7.51 -45.24 17.16
CA LYS C 147 6.36 -45.98 17.64
C LYS C 147 5.06 -45.60 16.95
N LYS C 148 4.41 -46.58 16.33
CA LYS C 148 3.13 -46.33 15.67
C LYS C 148 2.03 -46.34 16.71
N LYS C 149 1.03 -45.50 16.50
CA LYS C 149 -0.12 -45.40 17.39
C LYS C 149 -0.82 -46.75 17.50
N ALA C 150 -0.98 -47.23 18.73
CA ALA C 150 -1.63 -48.50 18.98
C ALA C 150 -3.07 -48.46 18.47
N PRO D 2 -6.40 6.15 -15.03
CA PRO D 2 -5.75 7.41 -15.39
C PRO D 2 -5.95 7.76 -16.87
N SER D 3 -5.64 9.00 -17.22
CA SER D 3 -5.79 9.45 -18.60
C SER D 3 -4.65 8.94 -19.48
N PHE D 4 -4.95 8.78 -20.76
CA PHE D 4 -3.94 8.36 -21.73
C PHE D 4 -4.33 8.98 -23.06
N VAL D 5 -3.31 9.30 -23.86
CA VAL D 5 -3.54 9.95 -25.15
C VAL D 5 -3.44 8.99 -26.33
N ASN D 6 -4.41 9.09 -27.24
CA ASN D 6 -4.47 8.27 -28.45
C ASN D 6 -3.58 8.97 -29.48
N PRO D 7 -2.45 8.35 -29.84
CA PRO D 7 -1.51 8.92 -30.83
C PRO D 7 -2.14 9.30 -32.16
N GLU D 8 -3.10 8.50 -32.59
CA GLU D 8 -3.79 8.73 -33.87
C GLU D 8 -4.65 10.00 -33.90
N LYS D 9 -5.09 10.45 -32.74
CA LYS D 9 -5.94 11.63 -32.69
C LYS D 9 -5.25 12.89 -32.18
N CYS D 10 -4.19 12.73 -31.39
CA CYS D 10 -3.46 13.88 -30.86
C CYS D 10 -2.59 14.53 -31.93
N ASP D 11 -2.69 15.86 -32.04
CA ASP D 11 -1.89 16.59 -33.01
C ASP D 11 -1.03 17.62 -32.28
N GLY D 12 -0.83 17.38 -30.98
CA GLY D 12 -0.03 18.27 -30.17
C GLY D 12 -0.54 19.70 -30.10
N CYS D 13 -1.81 19.90 -30.46
CA CYS D 13 -2.41 21.23 -30.44
C CYS D 13 -1.57 22.24 -31.21
N LYS D 14 -0.78 21.76 -32.16
CA LYS D 14 0.08 22.63 -32.95
C LYS D 14 -0.65 23.61 -33.86
N ALA D 15 -1.98 23.54 -33.88
CA ALA D 15 -2.77 24.46 -34.71
C ALA D 15 -3.54 25.39 -33.79
N LEU D 16 -3.16 25.38 -32.51
CA LEU D 16 -3.78 26.21 -31.49
C LEU D 16 -2.72 27.07 -30.79
N GLU D 17 -3.18 28.10 -30.09
CA GLU D 17 -2.28 29.00 -29.38
C GLU D 17 -1.68 28.33 -28.14
N ARG D 18 -2.38 27.36 -27.57
CA ARG D 18 -1.89 26.66 -26.39
C ARG D 18 -2.30 25.19 -26.35
N THR D 19 -1.52 24.39 -25.62
CA THR D 19 -1.80 22.96 -25.49
C THR D 19 -2.90 22.81 -24.44
N ALA D 20 -4.09 22.40 -24.88
CA ALA D 20 -5.25 22.26 -24.00
C ALA D 20 -5.07 21.39 -22.76
N CYS D 21 -4.64 20.15 -22.95
CA CYS D 21 -4.47 19.24 -21.80
C CYS D 21 -3.42 19.73 -20.82
N GLU D 22 -2.29 20.22 -21.33
CA GLU D 22 -1.21 20.73 -20.48
C GLU D 22 -1.72 21.92 -19.67
N TYR D 23 -2.51 22.76 -20.33
CA TYR D 23 -3.06 23.95 -19.71
C TYR D 23 -4.07 23.67 -18.60
N ILE D 24 -4.97 22.71 -18.84
CA ILE D 24 -6.04 22.42 -17.91
C ILE D 24 -5.77 21.53 -16.69
N CYS D 25 -4.92 20.51 -16.83
CA CYS D 25 -4.65 19.57 -15.73
C CYS D 25 -4.34 20.17 -14.35
N PRO D 26 -5.23 19.94 -13.37
CA PRO D 26 -5.06 20.45 -12.00
C PRO D 26 -3.85 19.90 -11.24
N ASN D 27 -3.29 18.79 -11.70
CA ASN D 27 -2.13 18.22 -11.02
C ASN D 27 -0.86 18.24 -11.87
N ASP D 28 -0.87 19.03 -12.94
CA ASP D 28 0.29 19.16 -13.82
C ASP D 28 0.81 17.84 -14.37
N LEU D 29 -0.10 16.96 -14.80
CA LEU D 29 0.31 15.67 -15.33
C LEU D 29 0.48 15.62 -16.84
N MET D 30 -0.34 16.37 -17.55
CA MET D 30 -0.29 16.37 -19.00
C MET D 30 0.80 17.27 -19.54
N THR D 31 1.65 16.70 -20.39
CA THR D 31 2.75 17.45 -20.98
C THR D 31 3.01 16.91 -22.38
N LEU D 32 3.82 17.65 -23.14
CA LEU D 32 4.13 17.25 -24.50
C LEU D 32 5.49 16.59 -24.66
N ASP D 33 5.51 15.53 -25.45
CA ASP D 33 6.75 14.84 -25.76
C ASP D 33 7.20 15.58 -27.01
N LYS D 34 8.13 16.52 -26.83
CA LYS D 34 8.62 17.32 -27.95
C LYS D 34 9.10 16.48 -29.12
N GLU D 35 9.49 15.24 -28.84
CA GLU D 35 9.96 14.34 -29.88
C GLU D 35 8.81 13.97 -30.82
N LYS D 36 7.77 13.35 -30.25
CA LYS D 36 6.61 12.94 -31.03
C LYS D 36 5.65 14.10 -31.30
N MET D 37 5.74 15.13 -30.47
CA MET D 37 4.85 16.28 -30.57
C MET D 37 3.45 15.77 -30.25
N LYS D 38 3.40 14.91 -29.23
CA LYS D 38 2.15 14.32 -28.76
C LYS D 38 2.17 14.33 -27.24
N ALA D 39 1.00 14.53 -26.65
CA ALA D 39 0.88 14.58 -25.20
C ALA D 39 0.90 13.21 -24.53
N TYR D 40 1.13 13.22 -23.23
CA TYR D 40 1.15 12.01 -22.43
C TYR D 40 1.00 12.41 -20.97
N ASN D 41 0.50 11.48 -20.16
CA ASN D 41 0.33 11.71 -18.74
C ASN D 41 1.69 11.33 -18.13
N ARG D 42 2.40 12.31 -17.58
CA ARG D 42 3.73 12.10 -17.03
C ARG D 42 3.81 11.37 -15.69
N GLU D 43 2.70 11.28 -14.97
CA GLU D 43 2.71 10.63 -13.66
C GLU D 43 1.29 10.13 -13.38
N PRO D 44 0.89 9.02 -14.04
CA PRO D 44 -0.43 8.44 -13.88
C PRO D 44 -0.91 8.09 -12.47
N ASP D 45 0.00 7.75 -11.56
CA ASP D 45 -0.46 7.41 -10.22
C ASP D 45 -0.82 8.63 -9.37
N MET D 46 -0.77 9.81 -9.99
CA MET D 46 -1.16 11.05 -9.34
C MET D 46 -2.35 11.63 -10.10
N CYS D 47 -2.96 10.80 -10.94
CA CYS D 47 -4.12 11.22 -11.71
C CYS D 47 -5.36 10.98 -10.85
N TRP D 48 -6.19 12.02 -10.75
CA TRP D 48 -7.41 11.97 -9.96
C TRP D 48 -8.59 11.50 -10.83
N GLU D 49 -8.32 11.29 -12.10
CA GLU D 49 -9.35 10.90 -13.06
C GLU D 49 -10.48 11.93 -13.00
N CYS D 50 -10.12 13.20 -13.11
CA CYS D 50 -11.11 14.27 -13.06
C CYS D 50 -11.71 14.54 -14.44
N TYR D 51 -11.09 13.96 -15.47
CA TYR D 51 -11.53 14.11 -16.85
C TYR D 51 -11.46 15.51 -17.45
N SER D 52 -10.74 16.42 -16.82
CA SER D 52 -10.63 17.79 -17.34
C SER D 52 -9.93 17.79 -18.69
N CYS D 53 -8.82 17.05 -18.79
CA CYS D 53 -8.07 16.95 -20.03
C CYS D 53 -8.92 16.31 -21.13
N VAL D 54 -9.65 15.27 -20.77
CA VAL D 54 -10.51 14.55 -21.71
C VAL D 54 -11.56 15.49 -22.31
N LYS D 55 -12.22 16.28 -21.45
CA LYS D 55 -13.24 17.20 -21.90
C LYS D 55 -12.72 18.37 -22.74
N MET D 56 -11.50 18.81 -22.46
CA MET D 56 -10.95 19.96 -23.18
C MET D 56 -10.12 19.65 -24.42
N CYS D 57 -9.85 18.38 -24.68
CA CYS D 57 -9.07 18.03 -25.87
C CYS D 57 -9.98 18.20 -27.08
N PRO D 58 -9.67 19.18 -27.94
CA PRO D 58 -10.47 19.45 -29.14
C PRO D 58 -10.48 18.31 -30.16
N GLN D 59 -9.52 17.39 -30.04
CA GLN D 59 -9.44 16.25 -30.96
C GLN D 59 -10.05 15.00 -30.34
N GLY D 60 -10.50 15.09 -29.09
CA GLY D 60 -11.07 13.92 -28.44
C GLY D 60 -10.07 12.79 -28.48
N ALA D 61 -8.80 13.14 -28.30
CA ALA D 61 -7.72 12.17 -28.32
C ALA D 61 -7.40 11.56 -26.97
N ILE D 62 -8.01 12.10 -25.91
CA ILE D 62 -7.73 11.59 -24.58
C ILE D 62 -8.90 10.79 -24.01
N ASP D 63 -8.58 9.67 -23.36
CA ASP D 63 -9.60 8.83 -22.74
C ASP D 63 -9.03 8.47 -21.38
N VAL D 64 -9.81 7.73 -20.60
CA VAL D 64 -9.36 7.30 -19.28
C VAL D 64 -9.52 5.79 -19.14
N ARG D 65 -8.45 5.16 -18.68
CA ARG D 65 -8.41 3.71 -18.44
C ARG D 65 -8.38 3.60 -16.92
N GLY D 66 -9.45 3.08 -16.33
CA GLY D 66 -9.54 2.96 -14.88
C GLY D 66 -8.30 2.41 -14.18
N TYR D 67 -8.00 2.95 -13.00
CA TYR D 67 -6.83 2.49 -12.23
C TYR D 67 -6.75 0.97 -12.18
N VAL D 68 -5.57 0.44 -12.46
CA VAL D 68 -5.37 -1.01 -12.49
C VAL D 68 -5.60 -1.70 -11.15
N ASP D 69 -5.46 -0.97 -10.06
CA ASP D 69 -5.63 -1.56 -8.72
C ASP D 69 -6.98 -2.24 -8.53
N TYR D 70 -8.03 -1.65 -9.09
CA TYR D 70 -9.38 -2.21 -8.90
C TYR D 70 -10.25 -2.28 -10.13
N SER D 71 -9.72 -1.85 -11.28
CA SER D 71 -10.51 -1.83 -12.50
C SER D 71 -10.29 -2.95 -13.50
N PRO D 72 -11.31 -3.79 -13.74
CA PRO D 72 -11.11 -4.85 -14.73
C PRO D 72 -11.08 -4.10 -16.06
N LEU D 73 -10.49 -4.69 -17.10
CA LEU D 73 -10.43 -4.01 -18.39
C LEU D 73 -11.81 -3.93 -19.05
N GLY D 74 -11.96 -2.98 -19.98
CA GLY D 74 -13.20 -2.89 -20.72
C GLY D 74 -14.19 -1.76 -20.48
N GLY D 75 -14.14 -1.12 -19.32
CA GLY D 75 -15.08 -0.04 -19.05
C GLY D 75 -14.63 1.32 -19.54
N ALA D 76 -15.58 2.19 -19.84
CA ALA D 76 -15.25 3.53 -20.29
C ALA D 76 -16.39 4.53 -20.13
N CYS D 77 -16.01 5.77 -19.85
CA CYS D 77 -16.96 6.88 -19.71
C CYS D 77 -16.41 7.92 -20.67
N VAL D 78 -17.20 8.25 -21.69
CA VAL D 78 -16.76 9.22 -22.69
C VAL D 78 -17.67 10.43 -22.74
N PRO D 79 -17.13 11.62 -22.45
CA PRO D 79 -17.96 12.81 -22.49
C PRO D 79 -17.80 13.59 -23.79
N MET D 80 -18.83 14.34 -24.13
CA MET D 80 -18.85 15.22 -25.29
C MET D 80 -19.46 16.48 -24.70
N ARG D 81 -18.59 17.38 -24.26
CA ARG D 81 -19.00 18.62 -23.61
C ARG D 81 -19.27 19.73 -24.60
N GLY D 82 -20.44 20.34 -24.48
CA GLY D 82 -20.82 21.43 -25.36
C GLY D 82 -20.78 22.76 -24.63
N THR D 83 -21.70 23.65 -24.99
CA THR D 83 -21.74 24.96 -24.35
C THR D 83 -22.83 25.05 -23.29
N SER D 84 -23.95 24.38 -23.51
CA SER D 84 -25.05 24.43 -22.54
C SER D 84 -25.30 23.08 -21.87
N ASP D 85 -24.74 22.02 -22.44
CA ASP D 85 -24.91 20.70 -21.87
C ASP D 85 -23.73 19.79 -22.16
N ILE D 86 -23.75 18.61 -21.55
CA ILE D 86 -22.69 17.63 -21.74
C ILE D 86 -23.33 16.26 -21.96
N MET D 87 -22.79 15.52 -22.92
CA MET D 87 -23.30 14.19 -23.22
C MET D 87 -22.29 13.17 -22.70
N TRP D 88 -22.80 12.06 -22.18
CA TRP D 88 -21.94 11.00 -21.67
C TRP D 88 -22.38 9.66 -22.22
N THR D 89 -21.41 8.83 -22.55
CA THR D 89 -21.67 7.48 -23.02
C THR D 89 -20.89 6.61 -22.04
N VAL D 90 -21.59 5.71 -21.37
CA VAL D 90 -20.96 4.82 -20.41
C VAL D 90 -21.00 3.42 -21.02
N LYS D 91 -19.82 2.85 -21.23
CA LYS D 91 -19.72 1.53 -21.82
C LYS D 91 -19.20 0.53 -20.81
N TYR D 92 -20.01 -0.49 -20.55
CA TYR D 92 -19.69 -1.54 -19.61
C TYR D 92 -18.76 -2.59 -20.20
N ARG D 93 -18.03 -3.27 -19.33
CA ARG D 93 -17.12 -4.32 -19.74
C ARG D 93 -17.91 -5.38 -20.50
N ASN D 94 -19.15 -5.60 -20.09
CA ASN D 94 -20.00 -6.60 -20.75
C ASN D 94 -20.65 -6.12 -22.05
N GLY D 95 -20.33 -4.89 -22.47
CA GLY D 95 -20.89 -4.38 -23.71
C GLY D 95 -22.08 -3.45 -23.60
N LYS D 96 -22.71 -3.41 -22.43
CA LYS D 96 -23.85 -2.54 -22.22
C LYS D 96 -23.42 -1.10 -22.47
N VAL D 97 -24.30 -0.32 -23.10
CA VAL D 97 -24.00 1.07 -23.39
C VAL D 97 -25.12 1.96 -22.89
N LEU D 98 -24.75 2.96 -22.07
CA LEU D 98 -25.71 3.89 -21.53
C LEU D 98 -25.39 5.28 -22.06
N ARG D 99 -26.42 6.08 -22.29
CA ARG D 99 -26.22 7.43 -22.81
C ARG D 99 -26.98 8.43 -21.95
N PHE D 100 -26.30 9.49 -21.55
CA PHE D 100 -26.92 10.54 -20.74
C PHE D 100 -26.57 11.91 -21.28
N LYS D 101 -27.37 12.90 -20.89
CA LYS D 101 -27.14 14.27 -21.31
C LYS D 101 -27.61 15.18 -20.16
N PHE D 102 -26.70 16.02 -19.68
CA PHE D 102 -27.00 16.91 -18.58
C PHE D 102 -26.69 18.36 -18.93
N ALA D 103 -27.44 19.29 -18.33
CA ALA D 103 -27.19 20.71 -18.56
C ALA D 103 -25.92 21.08 -17.80
N ILE D 104 -25.17 22.07 -18.28
CA ILE D 104 -23.97 22.51 -17.59
C ILE D 104 -23.98 24.02 -17.35
N ARG D 105 -24.74 24.76 -18.15
CA ARG D 105 -24.81 26.21 -17.96
C ARG D 105 -26.07 26.78 -18.62
N THR D 106 -26.68 27.77 -17.95
CA THR D 106 -27.90 28.39 -18.46
C THR D 106 -27.68 29.74 -19.12
N THR D 107 -26.43 30.21 -19.11
CA THR D 107 -26.08 31.49 -19.72
C THR D 107 -24.91 31.30 -20.68
N PRO D 108 -24.69 32.26 -21.59
CA PRO D 108 -23.57 32.12 -22.54
C PRO D 108 -22.22 32.19 -21.82
N TRP D 109 -21.23 31.50 -22.36
CA TRP D 109 -19.92 31.53 -21.74
C TRP D 109 -19.27 32.90 -21.88
N GLY D 110 -18.65 33.35 -20.80
CA GLY D 110 -17.99 34.66 -20.79
C GLY D 110 -18.96 35.82 -20.65
N SER D 111 -20.19 35.54 -20.25
CA SER D 111 -21.19 36.60 -20.12
C SER D 111 -21.39 37.15 -18.71
N ILE D 112 -20.64 36.65 -17.74
CA ILE D 112 -20.80 37.13 -16.37
C ILE D 112 -20.36 38.58 -16.16
N GLN D 113 -21.25 39.36 -15.55
CA GLN D 113 -20.99 40.76 -15.19
C GLN D 113 -20.97 40.62 -13.68
N PRO D 114 -19.78 40.41 -13.10
CA PRO D 114 -19.58 40.24 -11.66
C PRO D 114 -20.38 41.08 -10.68
N PHE D 115 -20.49 42.38 -10.92
CA PHE D 115 -21.22 43.24 -9.99
C PHE D 115 -22.46 43.90 -10.59
N GLU D 116 -23.07 43.21 -11.56
CA GLU D 116 -24.26 43.74 -12.22
C GLU D 116 -25.32 44.14 -11.21
N GLY D 117 -25.79 45.38 -11.31
CA GLY D 117 -26.81 45.86 -10.41
C GLY D 117 -26.36 46.31 -9.03
N PHE D 118 -25.10 46.07 -8.68
CA PHE D 118 -24.57 46.46 -7.37
C PHE D 118 -24.25 47.95 -7.30
N PRO D 119 -24.48 48.58 -6.13
CA PRO D 119 -24.17 49.99 -6.02
C PRO D 119 -22.66 50.09 -5.84
N GLU D 120 -22.09 51.29 -5.96
CA GLU D 120 -20.65 51.44 -5.77
C GLU D 120 -20.29 51.26 -4.31
N PRO D 121 -19.08 50.74 -4.02
CA PRO D 121 -18.70 50.57 -2.63
C PRO D 121 -18.42 51.94 -2.01
N THR D 122 -18.58 52.05 -0.71
CA THR D 122 -18.33 53.32 -0.03
C THR D 122 -17.56 53.05 1.26
N GLU D 123 -16.85 54.06 1.74
CA GLU D 123 -16.08 53.93 2.97
C GLU D 123 -16.98 53.53 4.14
N GLU D 124 -18.19 54.08 4.16
CA GLU D 124 -19.13 53.77 5.23
C GLU D 124 -19.51 52.29 5.16
N ALA D 125 -19.82 51.81 3.96
CA ALA D 125 -20.20 50.42 3.77
C ALA D 125 -19.06 49.47 4.14
N LEU D 126 -17.82 49.92 3.92
CA LEU D 126 -16.65 49.08 4.22
C LEU D 126 -16.58 48.68 5.69
N LYS D 127 -17.21 49.47 6.56
CA LYS D 127 -17.17 49.18 7.99
C LYS D 127 -18.30 48.26 8.49
N SER D 128 -19.23 47.93 7.61
CA SER D 128 -20.34 47.06 8.01
C SER D 128 -20.03 45.59 7.75
N GLU D 129 -20.99 44.72 8.05
CA GLU D 129 -20.83 43.29 7.84
C GLU D 129 -21.30 42.88 6.44
N LEU D 130 -21.84 43.83 5.69
CA LEU D 130 -22.37 43.55 4.36
C LEU D 130 -21.35 43.31 3.25
N LEU D 131 -21.60 42.26 2.47
CA LEU D 131 -20.74 41.93 1.34
C LEU D 131 -21.39 42.56 0.12
N ALA D 132 -20.70 42.51 -1.01
CA ALA D 132 -21.22 43.09 -2.25
C ALA D 132 -22.60 42.53 -2.58
N GLY D 133 -23.53 43.43 -2.92
CA GLY D 133 -24.87 43.01 -3.29
C GLY D 133 -25.85 42.80 -2.14
N GLU D 134 -25.34 42.75 -0.92
CA GLU D 134 -26.20 42.53 0.23
C GLU D 134 -26.86 43.80 0.72
N PRO D 135 -27.98 43.66 1.45
CA PRO D 135 -28.60 42.37 1.80
C PRO D 135 -29.51 41.74 0.75
N GLU D 136 -29.84 42.48 -0.31
CA GLU D 136 -30.75 41.96 -1.31
C GLU D 136 -30.39 40.68 -2.07
N ILE D 137 -29.11 40.44 -2.37
CA ILE D 137 -28.78 39.22 -3.09
C ILE D 137 -29.12 37.99 -2.24
N ILE D 138 -29.27 38.20 -0.93
CA ILE D 138 -29.60 37.11 -0.02
C ILE D 138 -31.08 36.77 -0.15
N GLY D 139 -31.86 37.70 -0.69
CA GLY D 139 -33.28 37.48 -0.88
C GLY D 139 -34.13 38.20 0.15
N THR D 140 -33.47 38.92 1.06
CA THR D 140 -34.16 39.65 2.12
C THR D 140 -33.88 41.16 1.99
N SER D 141 -34.83 41.98 2.43
CA SER D 141 -34.65 43.44 2.36
C SER D 141 -33.71 43.91 3.46
N GLU D 142 -33.63 43.13 4.53
CA GLU D 142 -32.77 43.46 5.66
C GLU D 142 -31.74 42.35 5.86
N PHE D 143 -30.57 42.74 6.36
CA PHE D 143 -29.49 41.79 6.61
C PHE D 143 -30.00 40.75 7.61
N PRO D 144 -29.81 39.47 7.31
CA PRO D 144 -30.26 38.38 8.20
C PRO D 144 -29.73 38.53 9.62
N GLN D 145 -30.62 38.39 10.59
CA GLN D 145 -30.23 38.49 11.99
C GLN D 145 -30.17 37.08 12.58
N VAL D 146 -29.29 36.90 13.55
CA VAL D 146 -29.15 35.61 14.22
C VAL D 146 -29.14 35.90 15.71
N LYS D 147 -29.98 35.18 16.45
CA LYS D 147 -30.09 35.37 17.89
C LYS D 147 -28.88 34.93 18.68
N LYS D 148 -28.24 35.88 19.37
CA LYS D 148 -27.08 35.55 20.17
C LYS D 148 -27.59 35.02 21.50
N LYS D 149 -26.86 34.07 22.09
CA LYS D 149 -27.28 33.49 23.35
C LYS D 149 -27.17 34.49 24.48
N ALA D 150 -28.24 34.61 25.27
CA ALA D 150 -28.27 35.52 26.40
C ALA D 150 -27.22 35.16 27.44
O2 SFD E . 12.10 -18.30 9.75
C4A SFD E . 11.72 -21.80 -9.99
N10 SFD E . 13.63 -20.97 6.68
C0F SFD E . 14.49 -21.41 7.85
N1F SFD E . 14.95 -22.72 7.93
C2F SFD E . 15.93 -23.17 8.78
O2F SFD E . 16.21 -24.30 8.76
N3F SFD E . 16.54 -22.17 9.66
C4F SFD E . 16.16 -20.71 9.69
O4F SFD E . 16.73 -19.94 10.42
C5F SFD E . 15.09 -20.31 8.78
N5F SFD E . 14.68 -18.91 8.64
C6F SFD E . 14.04 -18.42 7.49
C9F SFD E . 13.47 -19.43 6.41
C1F SFD E . 13.07 -18.78 5.03
C8F SFD E . 13.15 -17.35 4.75
C3F SFD E . 12.72 -16.92 3.39
C7F SFD E . 13.70 -16.38 5.98
CBF SFD E . 14.12 -16.98 7.32
CAF SFD E . 13.80 -14.92 5.79
C1R SFD E . 13.09 -21.76 5.88
C2R SFD E . 13.91 -22.33 4.70
O2R SFD E . 14.71 -21.37 4.04
C3R SFD E . 12.87 -23.16 3.78
O3R SFD E . 12.13 -24.06 4.53
C4R SFD E . 13.52 -23.74 2.61
O4R SFD E . 14.39 -22.90 1.80
C5R SFD E . 12.30 -24.30 1.59
O5R SFD E . 12.92 -24.90 0.40
PF SFD E . 12.17 -24.89 -1.00
OP1 SFD E . 13.03 -25.80 -1.69
OP2 SFD E . 10.73 -25.38 -0.71
OP SFD E . 12.14 -23.44 -1.42
PA SFD E . 13.51 -22.56 -1.86
OP3 SFD E . 14.65 -22.93 -1.22
OP4 SFD E . 13.00 -21.16 -1.81
O0R SFD E . 13.59 -22.94 -3.42
C0R SFD E . 12.74 -22.84 -4.51
C9R SFD E . 13.52 -22.72 -5.87
O9R SFD E . 12.57 -22.73 -6.92
C6R SFD E . 12.91 -21.66 -7.87
N9A SFD E . 11.81 -21.46 -8.69
N3A SFD E . 12.72 -22.42 -10.89
C2A SFD E . 12.30 -22.66 -12.25
N1A SFD E . 10.97 -22.31 -12.70
C6A SFD E . 9.97 -21.70 -11.79
N9 SFD E . 8.74 -21.37 -12.18
C5M SFD E . 10.34 -21.41 -10.35
N7A SFD E . 9.71 -20.89 -9.30
C8A SFD E . 10.55 -20.91 -8.32
C7R SFD E . 13.56 -20.58 -6.77
O7R SFD E . 14.22 -19.62 -7.80
C8R SFD E . 14.47 -21.38 -5.78
O8R SFD E . 15.79 -21.63 -6.36
S SFD E . 13.47 -18.54 10.16
O1 SFD E . 13.50 -19.49 11.22
O3 SFD E . 13.98 -17.29 10.70
P AMP F . 11.25 -18.04 13.75
O1P AMP F . 10.89 -18.70 12.50
O2P AMP F . 10.19 -17.45 14.47
O3P AMP F . 12.32 -17.12 13.31
O5' AMP F . 11.71 -19.03 14.76
C5' AMP F . 12.79 -20.06 14.30
C4' AMP F . 12.23 -21.46 14.88
O4' AMP F . 11.90 -21.36 16.23
C3' AMP F . 10.99 -22.14 14.29
O3' AMP F . 11.51 -23.50 14.37
C2' AMP F . 9.84 -21.98 15.32
O2' AMP F . 9.15 -23.18 15.60
C1' AMP F . 10.48 -21.20 16.53
N9 AMP F . 10.05 -20.70 17.49
C8 AMP F . 9.91 -19.31 17.47
N7 AMP F . 9.41 -18.71 18.55
C5 AMP F . 9.21 -19.82 19.37
C6 AMP F . 8.69 -20.04 20.74
N6 AMP F . 8.32 -18.98 21.43
N1 AMP F . 8.63 -21.36 21.25
C2 AMP F . 9.01 -22.50 20.56
N3 AMP F . 9.52 -22.36 19.26
C4 AMP F . 9.59 -21.04 18.71
P AMP G . 7.83 -19.45 27.27
O1P AMP G . 9.01 -20.31 27.23
O2P AMP G . 7.70 -18.81 28.52
O3P AMP G . 6.76 -20.40 26.86
O5' AMP G . 7.91 -18.23 26.37
C5' AMP G . 8.07 -18.37 24.80
C4' AMP G . 8.66 -16.96 24.24
O4' AMP G . 8.29 -16.72 22.96
C3' AMP G . 8.18 -15.64 24.85
O3' AMP G . 9.45 -14.93 24.74
C2' AMP G . 7.08 -15.05 23.93
O2' AMP G . 7.34 -13.75 23.53
C1' AMP G . 6.96 -16.18 22.80
N9 AMP G . 6.50 -15.86 21.68
C8 AMP G . 6.64 -16.77 20.64
N7 AMP G . 6.20 -16.55 19.42
C5 AMP G . 5.69 -15.34 19.63
C6 AMP G . 4.98 -14.35 18.77
N6 AMP G . 4.78 -14.67 17.48
N1 AMP G . 4.56 -13.11 19.35
C2 AMP G . 4.78 -12.77 20.70
N3 AMP G . 5.43 -13.64 21.57
C4 AMP G . 5.86 -14.88 21.02
NA NA H . -27.15 16.77 6.56
O2 SFD I . -18.74 16.51 0.08
C4A SFD I . -2.03 26.22 -4.52
N10 SFD I . -17.10 19.38 -1.60
C0F SFD I . -18.58 19.57 -1.88
N1F SFD I . -19.20 20.81 -1.65
C2F SFD I . -20.49 21.12 -1.99
O2F SFD I . -20.92 22.18 -1.78
N3F SFD I . -21.26 20.07 -2.66
C4F SFD I . -20.74 18.70 -2.95
O4F SFD I . -21.42 17.92 -3.53
C5F SFD I . -19.37 18.42 -2.55
N5F SFD I . -18.77 17.13 -2.89
C6F SFD I . -17.30 16.95 -2.78
C9F SFD I . -16.41 18.10 -2.19
C1F SFD I . -14.86 17.94 -2.51
C8F SFD I . -14.28 16.82 -3.25
C3F SFD I . -12.80 16.84 -3.45
C7F SFD I . -15.34 15.66 -3.77
CBF SFD I . -16.82 15.78 -3.49
CAF SFD I . -14.89 14.46 -4.51
C1R SFD I . -16.37 20.22 -1.06
C2R SFD I . -15.88 21.42 -1.84
O2R SFD I . -15.39 21.05 -3.07
C3R SFD I . -14.86 22.19 -0.85
O3R SFD I . -15.43 22.49 0.39
C4R SFD I . -14.27 23.37 -1.51
O4R SFD I . -13.73 23.20 -2.87
C5R SFD I . -12.98 23.90 -0.59
O5R SFD I . -12.43 25.16 -1.17
PF SFD I . -10.89 25.49 -0.98
OP1 SFD I . -10.82 26.80 -1.57
OP2 SFD I . -10.58 25.44 0.54
OP SFD I . -10.10 24.37 -1.66
PA SFD I . -10.05 24.12 -3.33
OP3 SFD I . -11.20 24.47 -3.97
OP4 SFD I . -9.53 22.74 -3.45
O0R SFD I . -8.83 25.09 -3.73
C0R SFD I . -7.51 25.19 -3.36
C9R SFD I . -6.60 25.86 -4.46
O9R SFD I . -5.30 26.01 -3.95
C6R SFD I . -4.35 25.65 -5.01
N9A SFD I . -3.10 25.46 -4.39
N3A SFD I . -1.85 27.47 -5.31
C2A SFD I . -0.51 27.98 -5.31
N1A SFD I . 0.45 27.58 -4.31
C6A SFD I . 0.37 26.25 -3.74
N9 SFD I . 1.24 25.87 -2.80
C5M SFD I . -0.96 25.50 -3.71
N7A SFD I . -1.60 24.66 -2.92
C8A SFD I . -2.74 24.48 -3.44
C7R SFD I . -5.26 24.40 -5.64
O7R SFD I . -4.45 24.21 -6.95
C8R SFD I . -6.73 24.91 -5.79
O8R SFD I . -6.86 25.72 -7.00
S SFD I . -19.31 16.11 -1.15
O1 SFD I . -20.73 16.18 -1.05
O3 SFD I . -18.96 14.77 -1.37
P AMP J . -21.30 13.56 1.49
O1P AMP J . -20.17 14.46 1.77
O2P AMP J . -21.28 12.33 2.16
O3P AMP J . -21.28 13.49 0.01
O5' AMP J . -22.57 14.12 2.03
C5' AMP J . -23.17 15.37 1.31
C4' AMP J . -23.79 16.22 2.55
O4' AMP J . -24.80 15.50 3.20
C3' AMP J . -22.92 16.70 3.71
O3' AMP J . -23.59 17.99 3.89
C2' AMP J . -23.24 15.80 4.94
O2' AMP J . -23.47 16.49 6.15
C1' AMP J . -24.36 14.81 4.41
N9 AMP J . -24.81 13.82 4.83
C8 AMP J . -24.29 12.62 4.32
N7 AMP J . -24.76 11.47 4.77
C5 AMP J . -25.71 11.94 5.67
C6 AMP J . -26.68 11.31 6.60
N6 AMP J . -26.71 9.97 6.62
N1 AMP J . -27.51 12.13 7.39
C2 AMP J . -27.50 13.53 7.39
N3 AMP J . -26.60 14.19 6.54
C4 AMP J . -25.74 13.37 5.72
FE1 SF4 K . 19.24 -9.25 -6.47
FE2 SF4 K . 18.62 -7.30 -4.65
FE3 SF4 K . 19.70 -9.66 -3.93
FE4 SF4 K . 21.17 -7.86 -5.28
S1 SF4 K . 20.31 -7.53 -3.17
S2 SF4 K . 21.15 -10.03 -5.56
S3 SF4 K . 19.59 -6.97 -6.63
S4 SF4 K . 17.65 -9.38 -4.79
FE1 SF4 L . 29.82 -3.88 -12.36
FE2 SF4 L . 30.75 -6.46 -12.58
FE3 SF4 L . 28.25 -5.97 -11.76
FE4 SF4 L . 30.36 -5.37 -10.23
S1 SF4 L . 29.70 -7.51 -10.84
S2 SF4 L . 28.61 -4.19 -10.55
S3 SF4 L . 31.92 -4.74 -11.74
S4 SF4 L . 29.05 -5.47 -13.74
FE1 SF4 M . -6.47 14.50 -16.86
FE2 SF4 M . -7.51 15.20 -14.43
FE3 SF4 M . -5.78 13.14 -14.66
FE4 SF4 M . -4.96 15.68 -15.02
S1 SF4 M . -5.81 14.71 -13.01
S2 SF4 M . -4.41 13.94 -16.17
S3 SF4 M . -6.75 16.63 -16.01
S4 SF4 M . -7.81 13.20 -15.58
FE1 SF4 N . -2.97 16.27 -27.94
FE2 SF4 N . -3.94 18.81 -27.76
FE3 SF4 N . -3.39 17.40 -25.56
FE4 SF4 N . -5.47 16.78 -27.16
S1 SF4 N . -5.25 18.69 -25.87
S2 SF4 N . -4.06 15.44 -26.21
S3 SF4 N . -4.65 17.26 -29.24
S4 SF4 N . -1.89 18.04 -27.04
#